data_2RF3
# 
_entry.id   2RF3 
# 
_audit_conform.dict_name       mmcif_pdbx.dic 
_audit_conform.dict_version    5.377 
_audit_conform.dict_location   http://mmcif.pdb.org/dictionaries/ascii/mmcif_pdbx.dic 
# 
loop_
_database_2.database_id 
_database_2.database_code 
_database_2.pdbx_database_accession 
_database_2.pdbx_DOI 
PDB   2RF3         pdb_00002rf3 10.2210/pdb2rf3/pdb 
NDB   BD0104       ?            ?                   
RCSB  RCSB044780   ?            ?                   
WWPDB D_1000044780 ?            ?                   
# 
_pdbx_database_status.status_code                     REL 
_pdbx_database_status.entry_id                        2RF3 
_pdbx_database_status.recvd_initial_deposition_date   2007-09-27 
_pdbx_database_status.deposit_site                    RCSB 
_pdbx_database_status.process_site                    RCSB 
_pdbx_database_status.status_code_sf                  REL 
_pdbx_database_status.status_code_mr                  ? 
_pdbx_database_status.SG_entry                        ? 
_pdbx_database_status.pdb_format_compatible           Y 
_pdbx_database_status.status_code_cs                  ? 
_pdbx_database_status.status_code_nmr_data            ? 
_pdbx_database_status.methods_development_category    ? 
# 
loop_
_audit_author.name 
_audit_author.pdbx_ordinal 
'Pallan, P.S.'  1 
'Ittig, D.'     2 
'Heroux, A.'    3 
'Wawrzak, Z.'   4 
'Leumann, C.J.' 5 
'Egli, M.'      6 
# 
_citation.id                        primary 
_citation.title                     
'Crystal structure of tricyclo-DNA: an unusual compensatory change of two adjacent backbone torsion angles.' 
_citation.journal_abbrev            'Chem.Commun.(Camb.)' 
_citation.journal_volume            2008 
_citation.page_first                883 
_citation.page_last                 885 
_citation.year                      2008 
_citation.journal_id_ASTM           ? 
_citation.country                   UK 
_citation.journal_id_ISSN           1359-7345 
_citation.journal_id_CSD            ? 
_citation.book_publisher            ? 
_citation.pdbx_database_id_PubMed   18253536 
_citation.pdbx_database_id_DOI      10.1039/b716390h 
# 
loop_
_citation_author.citation_id 
_citation_author.name 
_citation_author.ordinal 
_citation_author.identifier_ORCID 
primary 'Pallan, P.S.'  1 ? 
primary 'Ittig, D.'     2 ? 
primary 'Heroux, A.'    3 ? 
primary 'Wawrzak, Z.'   4 ? 
primary 'Leumann, C.J.' 5 ? 
primary 'Egli, M.'      6 ? 
# 
_cell.entry_id           2RF3 
_cell.length_a           26.587 
_cell.length_b           26.587 
_cell.length_c           98.238 
_cell.angle_alpha        90.00 
_cell.angle_beta         90.00 
_cell.angle_gamma        120.00 
_cell.Z_PDB              6 
_cell.pdbx_unique_axis   ? 
_cell.length_a_esd       ? 
_cell.length_b_esd       ? 
_cell.length_c_esd       ? 
_cell.angle_alpha_esd    ? 
_cell.angle_beta_esd     ? 
_cell.angle_gamma_esd    ? 
# 
_symmetry.entry_id                         2RF3 
_symmetry.space_group_name_H-M             'P 32' 
_symmetry.pdbx_full_space_group_name_H-M   ? 
_symmetry.cell_setting                     ? 
_symmetry.Int_Tables_number                145 
_symmetry.space_group_name_Hall            ? 
# 
loop_
_entity.id 
_entity.type 
_entity.src_method 
_entity.pdbx_description 
_entity.formula_weight 
_entity.pdbx_number_of_molecules 
_entity.pdbx_ec 
_entity.pdbx_mutation 
_entity.pdbx_fragment 
_entity.details 
1 polymer     syn "5'-d(CGCG(TCY)ATTCGCG)-3'" 3701.440 2  ? ? ? ? 
2 non-polymer syn 'ZINC ION'                  65.409   1  ? ? ? ? 
3 non-polymer syn SPERMINE                    202.340  1  ? ? ? ? 
4 water       nat water                       18.015   93 ? ? ? ? 
# 
_entity_poly.entity_id                      1 
_entity_poly.type                           polydeoxyribonucleotide 
_entity_poly.nstd_linkage                   no 
_entity_poly.nstd_monomer                   yes 
_entity_poly.pdbx_seq_one_letter_code       '(DC)(DG)(DC)(DG)(TCY)(DA)(DT)(DT)(DC)(DG)(DC)(DG)' 
_entity_poly.pdbx_seq_one_letter_code_can   CGCGAATTCGCG 
_entity_poly.pdbx_strand_id                 A,B 
_entity_poly.pdbx_target_identifier         ? 
# 
loop_
_entity_poly_seq.entity_id 
_entity_poly_seq.num 
_entity_poly_seq.mon_id 
_entity_poly_seq.hetero 
1 1  DC  n 
1 2  DG  n 
1 3  DC  n 
1 4  DG  n 
1 5  TCY n 
1 6  DA  n 
1 7  DT  n 
1 8  DT  n 
1 9  DC  n 
1 10 DG  n 
1 11 DC  n 
1 12 DG  n 
# 
_pdbx_entity_src_syn.entity_id              1 
_pdbx_entity_src_syn.pdbx_src_id            1 
_pdbx_entity_src_syn.pdbx_alt_source_flag   sample 
_pdbx_entity_src_syn.pdbx_beg_seq_num       ? 
_pdbx_entity_src_syn.pdbx_end_seq_num       ? 
_pdbx_entity_src_syn.organism_scientific    ? 
_pdbx_entity_src_syn.organism_common_name   ? 
_pdbx_entity_src_syn.ncbi_taxonomy_id       ? 
_pdbx_entity_src_syn.details                'Chemically synthesized modified oligodeoxyribonucleotide (DNA)' 
# 
_struct_ref.id                         1 
_struct_ref.db_name                    PDB 
_struct_ref.db_code                    2RF3 
_struct_ref.pdbx_db_accession          2RF3 
_struct_ref.entity_id                  1 
_struct_ref.pdbx_seq_one_letter_code   CGCGAATTCGCG 
_struct_ref.pdbx_align_begin           1 
_struct_ref.pdbx_db_isoform            ? 
# 
loop_
_struct_ref_seq.align_id 
_struct_ref_seq.ref_id 
_struct_ref_seq.pdbx_PDB_id_code 
_struct_ref_seq.pdbx_strand_id 
_struct_ref_seq.seq_align_beg 
_struct_ref_seq.pdbx_seq_align_beg_ins_code 
_struct_ref_seq.seq_align_end 
_struct_ref_seq.pdbx_seq_align_end_ins_code 
_struct_ref_seq.pdbx_db_accession 
_struct_ref_seq.db_align_beg 
_struct_ref_seq.pdbx_db_align_beg_ins_code 
_struct_ref_seq.db_align_end 
_struct_ref_seq.pdbx_db_align_end_ins_code 
_struct_ref_seq.pdbx_auth_seq_align_beg 
_struct_ref_seq.pdbx_auth_seq_align_end 
1 1 2RF3 A 1 ? 12 ? 2RF3 1 ? 12 ? 1 12 
2 1 2RF3 B 1 ? 12 ? 2RF3 1 ? 12 ? 1 12 
# 
loop_
_chem_comp.id 
_chem_comp.type 
_chem_comp.mon_nstd_flag 
_chem_comp.name 
_chem_comp.pdbx_synonyms 
_chem_comp.formula 
_chem_comp.formula_weight 
DA  'DNA linking' y "2'-DEOXYADENOSINE-5'-MONOPHOSPHATE" ? 'C10 H14 N5 O6 P' 331.222 
DC  'DNA linking' y "2'-DEOXYCYTIDINE-5'-MONOPHOSPHATE" ? 'C9 H14 N3 O7 P'  307.197 
DG  'DNA linking' y "2'-DEOXYGUANOSINE-5'-MONOPHOSPHATE" ? 'C10 H14 N5 O7 P' 347.221 
DT  'DNA linking' y "THYMIDINE-5'-MONOPHOSPHATE" ? 'C10 H15 N2 O8 P' 322.208 
HOH non-polymer   . WATER ? 'H2 O'            18.015  
SPM non-polymer   . SPERMINE ? 'C10 H26 N4'      202.340 
TCY 'DNA linking' n 
;(2R,3aS,4aR,5aR,5bS)-2-(6-amino-9H-purin-9-yl)-3a-hydroxyhexahydrocyclopropa[4,5]cyclopenta[1,2-b]furan-5a(4H)-yl dihydrogen phosphate
;
? 'C13 H16 N5 O6 P' 369.270 
ZN  non-polymer   . 'ZINC ION' ? 'Zn 2'            65.409  
# 
_exptl.entry_id          2RF3 
_exptl.method            'X-RAY DIFFRACTION' 
_exptl.crystals_number   1 
# 
_exptl_crystal.id                    1 
_exptl_crystal.density_meas          ? 
_exptl_crystal.density_Matthews      2.71 
_exptl_crystal.density_percent_sol   54.58 
_exptl_crystal.description           ? 
_exptl_crystal.F_000                 ? 
_exptl_crystal.preparation           ? 
# 
_exptl_crystal_grow.crystal_id      1 
_exptl_crystal_grow.method          'VAPOR DIFFUSION, HANGING DROP' 
_exptl_crystal_grow.temp            291 
_exptl_crystal_grow.temp_details    ? 
_exptl_crystal_grow.pH              7.0 
_exptl_crystal_grow.pdbx_details    
;0.75 mM of oligonucleotide, 20 mM sodium cacodylate, 6 mM NaCl, 40 mM KCl and 5% MPD against 0.7 mL of 35% MPD, pH 7.0, VAPOR DIFFUSION, HANGING DROP, temperature 291K
;
_exptl_crystal_grow.pdbx_pH_range   . 
# 
loop_
_exptl_crystal_grow_comp.crystal_id 
_exptl_crystal_grow_comp.id 
_exptl_crystal_grow_comp.sol_id 
_exptl_crystal_grow_comp.name 
_exptl_crystal_grow_comp.volume 
_exptl_crystal_grow_comp.conc 
_exptl_crystal_grow_comp.details 
1 1 1 'sodium cacodylate' ? ? ? 
1 2 1 NaCl                ? ? ? 
1 3 1 KCl                 ? ? ? 
1 4 1 MPD                 ? ? ? 
1 5 2 'sodium cacodylate' ? ? ? 
1 6 2 NaCl                ? ? ? 
1 7 2 KCl                 ? ? ? 
1 8 2 MPD                 ? ? ? 
# 
loop_
_diffrn.id 
_diffrn.ambient_temp 
_diffrn.ambient_temp_details 
_diffrn.crystal_id 
1 120 ? 1 
2 ?   ? 1 
# 
_diffrn_detector.diffrn_id              1 
_diffrn_detector.detector               CCD 
_diffrn_detector.type                   'ADSC QUANTUM 315' 
_diffrn_detector.pdbx_collection_date   2007-05-02 
_diffrn_detector.details                'Flat focusing mirror' 
# 
_diffrn_radiation.diffrn_id                        1 
_diffrn_radiation.wavelength_id                    1 
_diffrn_radiation.pdbx_monochromatic_or_laue_m_l   M 
_diffrn_radiation.monochromator                    Si111 
_diffrn_radiation.pdbx_diffrn_protocol             'SINGLE WAVELENGTH' 
_diffrn_radiation.pdbx_scattering_type             x-ray 
# 
_diffrn_radiation_wavelength.id           1 
_diffrn_radiation_wavelength.wavelength   1.0809 
_diffrn_radiation_wavelength.wt           1.0 
# 
loop_
_diffrn_source.diffrn_id 
_diffrn_source.source 
_diffrn_source.type 
_diffrn_source.pdbx_synchrotron_site 
_diffrn_source.pdbx_synchrotron_beamline 
_diffrn_source.pdbx_wavelength 
_diffrn_source.pdbx_wavelength_list 
1 SYNCHROTRON 'NSLS BEAMLINE X29A' NSLS X29A  ? 1.0809 
2 SYNCHROTRON 'APS BEAMLINE 5ID-B' APS  5ID-B ? ?      
# 
_reflns.entry_id                     2RF3 
_reflns.observed_criterion_sigma_F   0 
_reflns.observed_criterion_sigma_I   0 
_reflns.d_resolution_high            1.75 
_reflns.d_resolution_low             32.74 
_reflns.number_all                   7823 
_reflns.number_obs                   6884 
_reflns.percent_possible_obs         88 
_reflns.pdbx_Rmerge_I_obs            0.049 
_reflns.pdbx_Rsym_value              ? 
_reflns.pdbx_netI_over_sigmaI        23.2 
_reflns.B_iso_Wilson_estimate        ? 
_reflns.pdbx_redundancy              3.6 
_reflns.R_free_details               ? 
_reflns.pdbx_chi_squared             ? 
_reflns.pdbx_scaling_rejects         ? 
_reflns.pdbx_diffrn_id               1 
_reflns.pdbx_ordinal                 1 
# 
_reflns_shell.d_res_high             1.75 
_reflns_shell.d_res_low              1.796 
_reflns_shell.percent_possible_all   60 
_reflns_shell.Rmerge_I_obs           ? 
_reflns_shell.pdbx_Rsym_value        ? 
_reflns_shell.meanI_over_sigI_obs    ? 
_reflns_shell.pdbx_redundancy        ? 
_reflns_shell.percent_possible_obs   ? 
_reflns_shell.number_unique_all      ? 
_reflns_shell.number_measured_all    ? 
_reflns_shell.number_measured_obs    ? 
_reflns_shell.number_unique_obs      ? 
_reflns_shell.pdbx_chi_squared       ? 
_reflns_shell.pdbx_diffrn_id         ? 
_reflns_shell.pdbx_ordinal           1 
# 
_refine.entry_id                                 2RF3 
_refine.ls_number_reflns_obs                     6551 
_refine.ls_number_reflns_all                     ? 
_refine.pdbx_ls_sigma_I                          ? 
_refine.pdbx_ls_sigma_F                          ? 
_refine.pdbx_data_cutoff_high_absF               ? 
_refine.pdbx_data_cutoff_low_absF                ? 
_refine.pdbx_data_cutoff_high_rms_absF           ? 
_refine.ls_d_res_low                             32.74 
_refine.ls_d_res_high                            1.75 
_refine.ls_percent_reflns_obs                    88.01 
_refine.ls_R_factor_obs                          0.17829 
_refine.ls_R_factor_all                          ? 
_refine.ls_R_factor_R_work                       0.17602 
_refine.ls_R_factor_R_free                       0.22495 
_refine.ls_R_factor_R_free_error                 ? 
_refine.ls_R_factor_R_free_error_details         ? 
_refine.ls_percent_reflns_R_free                 4.8 
_refine.ls_number_reflns_R_free                  332 
_refine.ls_number_parameters                     ? 
_refine.ls_number_restraints                     ? 
_refine.occupancy_min                            ? 
_refine.occupancy_max                            ? 
_refine.correlation_coeff_Fo_to_Fc               0.967 
_refine.correlation_coeff_Fo_to_Fc_free          0.950 
_refine.B_iso_mean                               23.477 
_refine.aniso_B[1][1]                            0.33 
_refine.aniso_B[2][2]                            0.33 
_refine.aniso_B[3][3]                            -0.50 
_refine.aniso_B[1][2]                            0.17 
_refine.aniso_B[1][3]                            0.00 
_refine.aniso_B[2][3]                            0.00 
_refine.solvent_model_details                    MASK 
_refine.solvent_model_param_ksol                 ? 
_refine.solvent_model_param_bsol                 ? 
_refine.pdbx_solvent_vdw_probe_radii             1.20 
_refine.pdbx_solvent_ion_probe_radii             0.80 
_refine.pdbx_solvent_shrinkage_radii             0.80 
_refine.pdbx_ls_cross_valid_method               THROUGHOUT 
_refine.details                                  'HYDROGENS HAVE BEEN ADDED IN THE RIDING POSITIONS' 
_refine.pdbx_starting_model                      'PDB ENTRY 1EHV' 
_refine.pdbx_method_to_determine_struct          'MOLECULAR REPLACEMENT' 
_refine.pdbx_isotropic_thermal_model             ? 
_refine.pdbx_stereochemistry_target_values       ? 
_refine.pdbx_stereochem_target_val_spec_case     ? 
_refine.pdbx_R_Free_selection_details            RANDOM 
_refine.pdbx_overall_ESU_R                       0.236 
_refine.pdbx_overall_ESU_R_Free                  0.126 
_refine.overall_SU_ML                            0.074 
_refine.overall_SU_B                             5.124 
_refine.ls_redundancy_reflns_obs                 ? 
_refine.overall_SU_R_Cruickshank_DPI             ? 
_refine.overall_SU_R_free                        ? 
_refine.ls_wR_factor_R_free                      ? 
_refine.ls_wR_factor_R_work                      ? 
_refine.overall_FOM_free_R_set                   ? 
_refine.overall_FOM_work_R_set                   ? 
_refine.pdbx_refine_id                           'X-RAY DIFFRACTION' 
_refine.pdbx_diffrn_id                           1 
_refine.pdbx_TLS_residual_ADP_flag               ? 
_refine.pdbx_overall_phase_error                 ? 
_refine.pdbx_overall_SU_R_free_Cruickshank_DPI   ? 
_refine.pdbx_overall_SU_R_Blow_DPI               ? 
_refine.pdbx_overall_SU_R_free_Blow_DPI          ? 
# 
_refine_hist.pdbx_refine_id                   'X-RAY DIFFRACTION' 
_refine_hist.cycle_id                         LAST 
_refine_hist.pdbx_number_atoms_protein        0 
_refine_hist.pdbx_number_atoms_nucleic_acid   492 
_refine_hist.pdbx_number_atoms_ligand         15 
_refine_hist.number_atoms_solvent             93 
_refine_hist.number_atoms_total               600 
_refine_hist.d_res_high                       1.75 
_refine_hist.d_res_low                        32.74 
# 
loop_
_refine_ls_restr.type 
_refine_ls_restr.dev_ideal 
_refine_ls_restr.dev_ideal_target 
_refine_ls_restr.weight 
_refine_ls_restr.number 
_refine_ls_restr.pdbx_refine_id 
_refine_ls_restr.pdbx_restraint_function 
r_bond_refined_d             0.007 0.021 ? 567 'X-RAY DIFFRACTION' ? 
r_bond_other_d               0.002 0.020 ? 260 'X-RAY DIFFRACTION' ? 
r_angle_refined_deg          1.757 3.000 ? 862 'X-RAY DIFFRACTION' ? 
r_angle_other_deg            1.849 3.000 ? 647 'X-RAY DIFFRACTION' ? 
r_chiral_restr               0.068 0.200 ? 96  'X-RAY DIFFRACTION' ? 
r_gen_planes_refined         0.011 0.020 ? 248 'X-RAY DIFFRACTION' ? 
r_gen_planes_other           0.001 0.020 ? 6   'X-RAY DIFFRACTION' ? 
r_nbd_refined                0.091 0.200 ? 71  'X-RAY DIFFRACTION' ? 
r_nbd_other                  0.197 0.200 ? 313 'X-RAY DIFFRACTION' ? 
r_nbtor_refined              0.238 0.200 ? 197 'X-RAY DIFFRACTION' ? 
r_nbtor_other                0.083 0.200 ? 130 'X-RAY DIFFRACTION' ? 
r_xyhbond_nbd_refined        0.106 0.200 ? 56  'X-RAY DIFFRACTION' ? 
r_metal_ion_refined          0.073 0.200 ? 1   'X-RAY DIFFRACTION' ? 
r_symmetry_vdw_refined       0.178 0.200 ? 17  'X-RAY DIFFRACTION' ? 
r_symmetry_vdw_other         0.233 0.200 ? 21  'X-RAY DIFFRACTION' ? 
r_symmetry_hbond_refined     0.096 0.200 ? 5   'X-RAY DIFFRACTION' ? 
r_symmetry_metal_ion_refined 0.057 0.200 ? 3   'X-RAY DIFFRACTION' ? 
r_scbond_it                  1.839 3.000 ? 807 'X-RAY DIFFRACTION' ? 
r_scangle_it                 2.576 4.500 ? 856 'X-RAY DIFFRACTION' ? 
# 
_refine_ls_shell.pdbx_total_number_of_bins_used   20 
_refine_ls_shell.d_res_high                       1.750 
_refine_ls_shell.d_res_low                        1.796 
_refine_ls_shell.number_reflns_R_work             321 
_refine_ls_shell.R_factor_R_work                  0.189 
_refine_ls_shell.percent_reflns_obs               60.18 
_refine_ls_shell.R_factor_R_free                  0.184 
_refine_ls_shell.R_factor_R_free_error            ? 
_refine_ls_shell.percent_reflns_R_free            ? 
_refine_ls_shell.number_reflns_R_free             13 
_refine_ls_shell.number_reflns_all                ? 
_refine_ls_shell.R_factor_all                     ? 
_refine_ls_shell.number_reflns_obs                ? 
_refine_ls_shell.redundancy_reflns_obs            ? 
_refine_ls_shell.pdbx_refine_id                   'X-RAY DIFFRACTION' 
# 
_struct.entry_id                  2RF3 
_struct.title                     
'Crystal Structure of Tricyclo-DNA: An Unusual Compensatory Change of Two Adjacent Backbone Torsion Angles' 
_struct.pdbx_model_details        ? 
_struct.pdbx_CASP_flag            ? 
_struct.pdbx_model_type_details   ? 
# 
_struct_keywords.entry_id        2RF3 
_struct_keywords.pdbx_keywords   DNA 
_struct_keywords.text            'DNA duplex, X-ray crystal structure, Tricyclo-DNA, conformationally constrained DNA analog, DNA' 
# 
loop_
_struct_asym.id 
_struct_asym.pdbx_blank_PDB_chainid_flag 
_struct_asym.pdbx_modified 
_struct_asym.entity_id 
_struct_asym.details 
A N N 1 ? 
B N N 1 ? 
C N N 2 ? 
D N N 3 ? 
E N N 4 ? 
F N N 4 ? 
# 
_struct_biol.id        1 
_struct_biol.details   ? 
# 
loop_
_struct_conn.id 
_struct_conn.conn_type_id 
_struct_conn.pdbx_leaving_atom_flag 
_struct_conn.pdbx_PDB_id 
_struct_conn.ptnr1_label_asym_id 
_struct_conn.ptnr1_label_comp_id 
_struct_conn.ptnr1_label_seq_id 
_struct_conn.ptnr1_label_atom_id 
_struct_conn.pdbx_ptnr1_label_alt_id 
_struct_conn.pdbx_ptnr1_PDB_ins_code 
_struct_conn.pdbx_ptnr1_standard_comp_id 
_struct_conn.ptnr1_symmetry 
_struct_conn.ptnr2_label_asym_id 
_struct_conn.ptnr2_label_comp_id 
_struct_conn.ptnr2_label_seq_id 
_struct_conn.ptnr2_label_atom_id 
_struct_conn.pdbx_ptnr2_label_alt_id 
_struct_conn.pdbx_ptnr2_PDB_ins_code 
_struct_conn.ptnr1_auth_asym_id 
_struct_conn.ptnr1_auth_comp_id 
_struct_conn.ptnr1_auth_seq_id 
_struct_conn.ptnr2_auth_asym_id 
_struct_conn.ptnr2_auth_comp_id 
_struct_conn.ptnr2_auth_seq_id 
_struct_conn.ptnr2_symmetry 
_struct_conn.pdbx_ptnr3_label_atom_id 
_struct_conn.pdbx_ptnr3_label_seq_id 
_struct_conn.pdbx_ptnr3_label_comp_id 
_struct_conn.pdbx_ptnr3_label_asym_id 
_struct_conn.pdbx_ptnr3_label_alt_id 
_struct_conn.pdbx_ptnr3_PDB_ins_code 
_struct_conn.details 
_struct_conn.pdbx_dist_value 
_struct_conn.pdbx_value_order 
_struct_conn.pdbx_role 
covale1  covale both ? A DG  4  "O3'" ? ? ? 1_555 A TCY 5  P  ? ? A DG  4  A TCY 5   1_555 ? ? ? ? ? ? ?            1.588 ? ? 
covale2  covale both ? A TCY 5  "O3'" ? ? ? 1_555 A DA  6  P  ? ? A TCY 5  A DA  6   1_555 ? ? ? ? ? ? ?            1.576 ? ? 
covale3  covale both ? B DG  4  "O3'" ? ? ? 1_555 B TCY 5  P  ? ? B DG  4  B TCY 5   1_555 ? ? ? ? ? ? ?            1.588 ? ? 
covale4  covale both ? B TCY 5  "O3'" ? ? ? 1_555 B DA  6  P  ? ? B TCY 5  B DA  6   1_555 ? ? ? ? ? ? ?            1.578 ? ? 
metalc1  metalc ?    ? B DG  12 OP1   ? ? ? 1_555 C ZN  .  ZN ? ? B DG  12 B ZN  308 1_555 ? ? ? ? ? ? ?            1.948 ? ? 
hydrog1  hydrog ?    ? A DG  2  N1    ? ? ? 1_555 B DC  11 N3 ? ? A DG  2  B DC  11  1_555 ? ? ? ? ? ? WATSON-CRICK ?     ? ? 
hydrog2  hydrog ?    ? A DG  2  N2    ? ? ? 1_555 B DC  11 O2 ? ? A DG  2  B DC  11  1_555 ? ? ? ? ? ? WATSON-CRICK ?     ? ? 
hydrog3  hydrog ?    ? A DG  2  O6    ? ? ? 1_555 B DC  11 N4 ? ? A DG  2  B DC  11  1_555 ? ? ? ? ? ? WATSON-CRICK ?     ? ? 
hydrog4  hydrog ?    ? A DC  3  N3    ? ? ? 1_555 B DG  10 N1 ? ? A DC  3  B DG  10  1_555 ? ? ? ? ? ? WATSON-CRICK ?     ? ? 
hydrog5  hydrog ?    ? A DC  3  N4    ? ? ? 1_555 B DG  10 O6 ? ? A DC  3  B DG  10  1_555 ? ? ? ? ? ? WATSON-CRICK ?     ? ? 
hydrog6  hydrog ?    ? A DC  3  O2    ? ? ? 1_555 B DG  10 N2 ? ? A DC  3  B DG  10  1_555 ? ? ? ? ? ? WATSON-CRICK ?     ? ? 
hydrog7  hydrog ?    ? A DG  4  N1    ? ? ? 1_555 B DC  9  N3 ? ? A DG  4  B DC  9   1_555 ? ? ? ? ? ? WATSON-CRICK ?     ? ? 
hydrog8  hydrog ?    ? A DG  4  N2    ? ? ? 1_555 B DC  9  O2 ? ? A DG  4  B DC  9   1_555 ? ? ? ? ? ? WATSON-CRICK ?     ? ? 
hydrog9  hydrog ?    ? A DG  4  O6    ? ? ? 1_555 B DC  9  N4 ? ? A DG  4  B DC  9   1_555 ? ? ? ? ? ? WATSON-CRICK ?     ? ? 
hydrog10 hydrog ?    ? A DA  6  N1    ? ? ? 1_555 B DT  7  N3 ? ? A DA  6  B DT  7   1_555 ? ? ? ? ? ? WATSON-CRICK ?     ? ? 
hydrog11 hydrog ?    ? A DA  6  N6    ? ? ? 1_555 B DT  7  O4 ? ? A DA  6  B DT  7   1_555 ? ? ? ? ? ? WATSON-CRICK ?     ? ? 
hydrog12 hydrog ?    ? A DT  7  N3    ? ? ? 1_555 B DA  6  N1 ? ? A DT  7  B DA  6   1_555 ? ? ? ? ? ? WATSON-CRICK ?     ? ? 
hydrog13 hydrog ?    ? A DT  7  O4    ? ? ? 1_555 B DA  6  N6 ? ? A DT  7  B DA  6   1_555 ? ? ? ? ? ? WATSON-CRICK ?     ? ? 
hydrog14 hydrog ?    ? A DC  9  N3    ? ? ? 1_555 B DG  4  N1 ? ? A DC  9  B DG  4   1_555 ? ? ? ? ? ? WATSON-CRICK ?     ? ? 
hydrog15 hydrog ?    ? A DC  9  N4    ? ? ? 1_555 B DG  4  O6 ? ? A DC  9  B DG  4   1_555 ? ? ? ? ? ? WATSON-CRICK ?     ? ? 
hydrog16 hydrog ?    ? A DC  9  O2    ? ? ? 1_555 B DG  4  N2 ? ? A DC  9  B DG  4   1_555 ? ? ? ? ? ? WATSON-CRICK ?     ? ? 
hydrog17 hydrog ?    ? A DG  10 N1    ? ? ? 1_555 B DC  3  N3 ? ? A DG  10 B DC  3   1_555 ? ? ? ? ? ? WATSON-CRICK ?     ? ? 
hydrog18 hydrog ?    ? A DG  10 N2    ? ? ? 1_555 B DC  3  O2 ? ? A DG  10 B DC  3   1_555 ? ? ? ? ? ? WATSON-CRICK ?     ? ? 
hydrog19 hydrog ?    ? A DG  10 O6    ? ? ? 1_555 B DC  3  N4 ? ? A DG  10 B DC  3   1_555 ? ? ? ? ? ? WATSON-CRICK ?     ? ? 
hydrog20 hydrog ?    ? A DC  11 N3    ? ? ? 1_555 B DG  2  N1 ? ? A DC  11 B DG  2   1_555 ? ? ? ? ? ? WATSON-CRICK ?     ? ? 
hydrog21 hydrog ?    ? A DC  11 N4    ? ? ? 1_555 B DG  2  O6 ? ? A DC  11 B DG  2   1_555 ? ? ? ? ? ? WATSON-CRICK ?     ? ? 
hydrog22 hydrog ?    ? A DC  11 O2    ? ? ? 1_555 B DG  2  N2 ? ? A DC  11 B DG  2   1_555 ? ? ? ? ? ? WATSON-CRICK ?     ? ? 
# 
loop_
_struct_conn_type.id 
_struct_conn_type.criteria 
_struct_conn_type.reference 
covale ? ? 
metalc ? ? 
hydrog ? ? 
# 
loop_
_struct_site.id 
_struct_site.pdbx_evidence_code 
_struct_site.pdbx_auth_asym_id 
_struct_site.pdbx_auth_comp_id 
_struct_site.pdbx_auth_seq_id 
_struct_site.pdbx_auth_ins_code 
_struct_site.pdbx_num_residues 
_struct_site.details 
AC1 Software B ZN  308 ? 6 'BINDING SITE FOR RESIDUE ZN B 308'  
AC2 Software B SPM 309 ? 6 'BINDING SITE FOR RESIDUE SPM B 309' 
# 
loop_
_struct_site_gen.id 
_struct_site_gen.site_id 
_struct_site_gen.pdbx_num_res 
_struct_site_gen.label_comp_id 
_struct_site_gen.label_asym_id 
_struct_site_gen.label_seq_id 
_struct_site_gen.pdbx_auth_ins_code 
_struct_site_gen.auth_comp_id 
_struct_site_gen.auth_asym_id 
_struct_site_gen.auth_seq_id 
_struct_site_gen.label_atom_id 
_struct_site_gen.label_alt_id 
_struct_site_gen.symmetry 
_struct_site_gen.details 
1  AC1 6 DC  A 1  ? DC  A 1   . ? 1_565 ? 
2  AC1 6 DC  A 11 ? DC  A 11  . ? 3_665 ? 
3  AC1 6 DG  A 12 ? DG  A 12  . ? 3_665 ? 
4  AC1 6 DC  B 1  ? DC  B 1   . ? 3_565 ? 
5  AC1 6 DC  B 11 ? DC  B 11  . ? 1_555 ? 
6  AC1 6 DG  B 12 ? DG  B 12  . ? 1_555 ? 
7  AC2 6 DG  A 2  ? DG  A 2   . ? 2_654 ? 
8  AC2 6 DC  A 11 ? DC  A 11  . ? 1_555 ? 
9  AC2 6 DG  B 2  ? DG  B 2   . ? 1_555 ? 
10 AC2 6 DC  B 11 ? DC  B 11  . ? 2_654 ? 
11 AC2 6 HOH F .  ? HOH B 257 . ? 1_555 ? 
12 AC2 6 HOH F .  ? HOH B 293 . ? 1_555 ? 
# 
_atom_sites.entry_id                    2RF3 
_atom_sites.fract_transf_matrix[1][1]   0.04144197 
_atom_sites.fract_transf_matrix[1][2]   0.01296993 
_atom_sites.fract_transf_matrix[1][3]   0.00076898 
_atom_sites.fract_transf_matrix[2][1]   0.02973589 
_atom_sites.fract_transf_matrix[2][2]   -0.02354929 
_atom_sites.fract_transf_matrix[2][3]   0.02115324 
_atom_sites.fract_transf_matrix[3][1]   0.00182244 
_atom_sites.fract_transf_matrix[3][2]   -0.00532007 
_atom_sites.fract_transf_matrix[3][3]   -0.00848455 
_atom_sites.fract_transf_vector[1]      0.565562 
_atom_sites.fract_transf_vector[2]      0.283860 
_atom_sites.fract_transf_vector[3]      0.325375 
# 
loop_
_atom_type.symbol 
C  
N  
O  
P  
ZN 
# 
loop_
_atom_site.group_PDB 
_atom_site.id 
_atom_site.type_symbol 
_atom_site.label_atom_id 
_atom_site.label_alt_id 
_atom_site.label_comp_id 
_atom_site.label_asym_id 
_atom_site.label_entity_id 
_atom_site.label_seq_id 
_atom_site.pdbx_PDB_ins_code 
_atom_site.Cartn_x 
_atom_site.Cartn_y 
_atom_site.Cartn_z 
_atom_site.occupancy 
_atom_site.B_iso_or_equiv 
_atom_site.pdbx_formal_charge 
_atom_site.auth_seq_id 
_atom_site.auth_comp_id 
_atom_site.auth_asym_id 
_atom_site.auth_atom_id 
_atom_site.pdbx_PDB_model_num 
ATOM   1   O  "O5'" . DC  A 1 1  ? -5.956  -3.291  -17.368 1.00 41.89 ? 1   DC  A "O5'" 1 
ATOM   2   C  "C5'" . DC  A 1 1  ? -4.638  -2.888  -17.014 1.00 38.74 ? 1   DC  A "C5'" 1 
ATOM   3   C  "C4'" . DC  A 1 1  ? -3.688  -3.129  -18.171 1.00 37.19 ? 1   DC  A "C4'" 1 
ATOM   4   O  "O4'" . DC  A 1 1  ? -3.812  -2.059  -19.158 1.00 35.81 ? 1   DC  A "O4'" 1 
ATOM   5   C  "C3'" . DC  A 1 1  ? -2.221  -3.128  -17.781 1.00 35.02 ? 1   DC  A "C3'" 1 
ATOM   6   O  "O3'" . DC  A 1 1  ? -1.480  -3.929  -18.692 1.00 33.27 ? 1   DC  A "O3'" 1 
ATOM   7   C  "C2'" . DC  A 1 1  ? -1.890  -1.646  -17.887 1.00 34.39 ? 1   DC  A "C2'" 1 
ATOM   8   C  "C1'" . DC  A 1 1  ? -2.640  -1.263  -19.165 1.00 33.48 ? 1   DC  A "C1'" 1 
ATOM   9   N  N1    . DC  A 1 1  ? -3.083  0.166   -19.339 1.00 31.68 ? 1   DC  A N1    1 
ATOM   10  C  C2    . DC  A 1 1  ? -3.565  0.570   -20.591 1.00 30.52 ? 1   DC  A C2    1 
ATOM   11  O  O2    . DC  A 1 1  ? -3.610  -0.237  -21.534 1.00 28.70 ? 1   DC  A O2    1 
ATOM   12  N  N3    . DC  A 1 1  ? -3.974  1.855   -20.747 1.00 30.12 ? 1   DC  A N3    1 
ATOM   13  C  C4    . DC  A 1 1  ? -3.921  2.718   -19.733 1.00 31.44 ? 1   DC  A C4    1 
ATOM   14  N  N4    . DC  A 1 1  ? -4.335  3.970   -19.934 1.00 31.28 ? 1   DC  A N4    1 
ATOM   15  C  C5    . DC  A 1 1  ? -3.442  2.330   -18.456 1.00 31.13 ? 1   DC  A C5    1 
ATOM   16  C  C6    . DC  A 1 1  ? -3.037  1.063   -18.302 1.00 32.21 ? 1   DC  A C6    1 
ATOM   17  P  P     . DG  A 1 2  ? -0.195  -4.739  -18.195 1.00 32.23 ? 2   DG  A P     1 
ATOM   18  O  OP1   . DG  A 1 2  ? 0.632   -3.851  -17.360 1.00 33.62 ? 2   DG  A OP1   1 
ATOM   19  O  OP2   . DG  A 1 2  ? 0.345   -5.436  -19.375 1.00 33.05 ? 2   DG  A OP2   1 
ATOM   20  O  "O5'" . DG  A 1 2  ? -0.807  -5.878  -17.278 1.00 30.13 ? 2   DG  A "O5'" 1 
ATOM   21  C  "C5'" . DG  A 1 2  ? -1.505  -6.926  -17.857 1.00 29.02 ? 2   DG  A "C5'" 1 
ATOM   22  C  "C4'" . DG  A 1 2  ? -2.239  -7.651  -16.764 1.00 28.91 ? 2   DG  A "C4'" 1 
ATOM   23  O  "O4'" . DG  A 1 2  ? -1.329  -8.168  -15.759 1.00 26.57 ? 2   DG  A "O4'" 1 
ATOM   24  C  "C3'" . DG  A 1 2  ? -3.186  -6.756  -15.992 1.00 28.60 ? 2   DG  A "C3'" 1 
ATOM   25  O  "O3'" . DG  A 1 2  ? -4.319  -7.547  -15.759 1.00 31.93 ? 2   DG  A "O3'" 1 
ATOM   26  C  "C2'" . DG  A 1 2  ? -2.404  -6.329  -14.749 1.00 26.10 ? 2   DG  A "C2'" 1 
ATOM   27  C  "C1'" . DG  A 1 2  ? -1.495  -7.519  -14.502 1.00 24.11 ? 2   DG  A "C1'" 1 
ATOM   28  N  N9    . DG  A 1 2  ? -0.121  -7.281  -14.118 1.00 22.87 ? 2   DG  A N9    1 
ATOM   29  C  C8    . DG  A 1 2  ? 0.705   -6.279  -14.534 1.00 23.29 ? 2   DG  A C8    1 
ATOM   30  N  N7    . DG  A 1 2  ? 1.915   -6.374  -14.068 1.00 23.56 ? 2   DG  A N7    1 
ATOM   31  C  C5    . DG  A 1 2  ? 1.883   -7.534  -13.308 1.00 22.16 ? 2   DG  A C5    1 
ATOM   32  C  C6    . DG  A 1 2  ? 2.907   -8.154  -12.563 1.00 22.41 ? 2   DG  A C6    1 
ATOM   33  O  O6    . DG  A 1 2  ? 4.073   -7.772  -12.447 1.00 23.53 ? 2   DG  A O6    1 
ATOM   34  N  N1    . DG  A 1 2  ? 2.486   -9.314  -11.917 1.00 22.07 ? 2   DG  A N1    1 
ATOM   35  C  C2    . DG  A 1 2  ? 1.201   -9.810  -12.000 1.00 22.95 ? 2   DG  A C2    1 
ATOM   36  N  N2    . DG  A 1 2  ? 0.952   -10.936 -11.312 1.00 22.56 ? 2   DG  A N2    1 
ATOM   37  N  N3    . DG  A 1 2  ? 0.220   -9.237  -12.703 1.00 22.34 ? 2   DG  A N3    1 
ATOM   38  C  C4    . DG  A 1 2  ? 0.644   -8.112  -13.334 1.00 23.36 ? 2   DG  A C4    1 
ATOM   39  P  P     . DC  A 1 3  ? -5.545  -6.985  -14.925 1.00 34.49 ? 3   DC  A P     1 
ATOM   40  O  OP1   . DC  A 1 3  ? -6.716  -7.709  -15.438 1.00 31.23 ? 3   DC  A OP1   1 
ATOM   41  O  OP2   . DC  A 1 3  ? -5.484  -5.503  -14.840 1.00 34.30 ? 3   DC  A OP2   1 
ATOM   42  O  "O5'" . DC  A 1 3  ? -5.257  -7.558  -13.466 1.00 30.98 ? 3   DC  A "O5'" 1 
ATOM   43  C  "C5'" . DC  A 1 3  ? -5.221  -8.964  -13.268 1.00 29.40 ? 3   DC  A "C5'" 1 
ATOM   44  C  "C4'" . DC  A 1 3  ? -4.542  -9.264  -11.948 1.00 28.87 ? 3   DC  A "C4'" 1 
ATOM   45  O  "O4'" . DC  A 1 3  ? -3.222  -8.683  -11.872 1.00 25.53 ? 3   DC  A "O4'" 1 
ATOM   46  C  "C3'" . DC  A 1 3  ? -5.306  -8.701  -10.765 1.00 28.52 ? 3   DC  A "C3'" 1 
ATOM   47  O  "O3'" . DC  A 1 3  ? -6.105  -9.775  -10.263 1.00 32.21 ? 3   DC  A "O3'" 1 
ATOM   48  C  "C2'" . DC  A 1 3  ? -4.251  -8.137  -9.808  1.00 27.63 ? 3   DC  A "C2'" 1 
ATOM   49  C  "C1'" . DC  A 1 3  ? -2.927  -8.443  -10.504 1.00 25.43 ? 3   DC  A "C1'" 1 
ATOM   50  N  N1    . DC  A 1 3  ? -1.845  -7.421  -10.538 1.00 24.17 ? 3   DC  A N1    1 
ATOM   51  C  C2    . DC  A 1 3  ? -0.606  -7.726  -9.944  1.00 24.42 ? 3   DC  A C2    1 
ATOM   52  O  O2    . DC  A 1 3  ? -0.449  -8.808  -9.344  1.00 22.79 ? 3   DC  A O2    1 
ATOM   53  N  N3    . DC  A 1 3  ? 0.394   -6.810  -10.026 1.00 22.21 ? 3   DC  A N3    1 
ATOM   54  C  C4    . DC  A 1 3  ? 0.223   -5.647  -10.648 1.00 23.89 ? 3   DC  A C4    1 
ATOM   55  N  N4    . DC  A 1 3  ? 1.265   -4.807  -10.667 1.00 23.55 ? 3   DC  A N4    1 
ATOM   56  C  C5    . DC  A 1 3  ? -1.032  -5.318  -11.268 1.00 23.86 ? 3   DC  A C5    1 
ATOM   57  C  C6    . DC  A 1 3  ? -2.017  -6.230  -11.193 1.00 24.48 ? 3   DC  A C6    1 
ATOM   58  P  P     . DG  A 1 4  ? -7.153  -9.548  -9.072  1.00 34.86 ? 4   DG  A P     1 
ATOM   59  O  OP1   . DG  A 1 4  ? -8.129  -10.664 -9.180  1.00 35.94 ? 4   DG  A OP1   1 
ATOM   60  O  OP2   . DG  A 1 4  ? -7.612  -8.143  -9.056  1.00 35.57 ? 4   DG  A OP2   1 
ATOM   61  O  "O5'" . DG  A 1 4  ? -6.234  -9.744  -7.778  1.00 32.38 ? 4   DG  A "O5'" 1 
ATOM   62  C  "C5'" . DG  A 1 4  ? -5.724  -11.047 -7.498  1.00 29.92 ? 4   DG  A "C5'" 1 
ATOM   63  C  "C4'" . DG  A 1 4  ? -4.697  -10.977 -6.394  1.00 28.19 ? 4   DG  A "C4'" 1 
ATOM   64  O  "O4'" . DG  A 1 4  ? -3.645  -10.063 -6.790  1.00 25.60 ? 4   DG  A "O4'" 1 
ATOM   65  C  "C3'" . DG  A 1 4  ? -5.236  -10.444 -5.074  1.00 27.86 ? 4   DG  A "C3'" 1 
ATOM   66  O  "O3'" . DG  A 1 4  ? -4.656  -11.175 -4.020  1.00 29.80 ? 4   DG  A "O3'" 1 
ATOM   67  C  "C2'" . DG  A 1 4  ? -4.799  -8.983  -5.086  1.00 27.22 ? 4   DG  A "C2'" 1 
ATOM   68  C  "C1'" . DG  A 1 4  ? -3.432  -9.124  -5.758  1.00 24.39 ? 4   DG  A "C1'" 1 
ATOM   69  N  N9    . DG  A 1 4  ? -2.876  -7.886  -6.308  1.00 23.73 ? 4   DG  A N9    1 
ATOM   70  C  C8    . DG  A 1 4  ? -3.537  -6.839  -6.911  1.00 23.40 ? 4   DG  A C8    1 
ATOM   71  N  N7    . DG  A 1 4  ? -2.753  -5.864  -7.282  1.00 23.20 ? 4   DG  A N7    1 
ATOM   72  C  C5    . DG  A 1 4  ? -1.485  -6.297  -6.888  1.00 22.82 ? 4   DG  A C5    1 
ATOM   73  C  C6    . DG  A 1 4  ? -0.217  -5.677  -7.019  1.00 22.96 ? 4   DG  A C6    1 
ATOM   74  O  O6    . DG  A 1 4  ? 0.040   -4.579  -7.525  1.00 22.97 ? 4   DG  A O6    1 
ATOM   75  N  N1    . DG  A 1 4  ? 0.824   -6.446  -6.496  1.00 21.80 ? 4   DG  A N1    1 
ATOM   76  C  C2    . DG  A 1 4  ? 0.652   -7.678  -5.905  1.00 23.05 ? 4   DG  A C2    1 
ATOM   77  N  N2    . DG  A 1 4  ? 1.779   -8.275  -5.460  1.00 22.13 ? 4   DG  A N2    1 
ATOM   78  N  N3    . DG  A 1 4  ? -0.532  -8.290  -5.793  1.00 22.47 ? 4   DG  A N3    1 
ATOM   79  C  C4    . DG  A 1 4  ? -1.547  -7.535  -6.294  1.00 22.55 ? 4   DG  A C4    1 
HETATM 80  O  O1P   . TCY A 1 5  ? -4.643  -12.257 -1.800  1.00 33.79 ? 5   TCY A O1P   1 
HETATM 81  P  P     . TCY A 1 5  ? -5.248  -11.100 -2.548  1.00 33.54 ? 5   TCY A P     1 
HETATM 82  O  O2P   . TCY A 1 5  ? -6.744  -10.941 -2.644  1.00 32.10 ? 5   TCY A O2P   1 
HETATM 83  C  "C8'" . TCY A 1 5  ? -4.346  -9.970  0.445   1.00 32.89 ? 5   TCY A "C8'" 1 
HETATM 84  O  "O5'" . TCY A 1 5  ? -4.660  -9.711  -1.993  1.00 32.48 ? 5   TCY A "O5'" 1 
HETATM 85  C  "C5'" . TCY A 1 5  ? -3.719  -9.679  -0.905  1.00 32.21 ? 5   TCY A "C5'" 1 
HETATM 86  C  "C6'" . TCY A 1 5  ? -3.854  -8.571  0.110   1.00 32.66 ? 5   TCY A "C6'" 1 
HETATM 87  C  "C4'" . TCY A 1 5  ? -2.296  -10.094 -1.116  1.00 31.85 ? 5   TCY A "C4'" 1 
HETATM 88  C  "C3'" . TCY A 1 5  ? -1.562  -9.283  -0.061  1.00 31.77 ? 5   TCY A "C3'" 1 
HETATM 89  C  "C7'" . TCY A 1 5  ? -2.432  -8.106  0.403   1.00 31.66 ? 5   TCY A "C7'" 1 
HETATM 90  O  "O3'" . TCY A 1 5  ? -1.163  -10.194 0.974   1.00 33.70 ? 5   TCY A "O3'" 1 
HETATM 91  C  "C2'" . TCY A 1 5  ? -0.353  -8.740  -0.791  1.00 29.86 ? 5   TCY A "C2'" 1 
HETATM 92  C  "C1'" . TCY A 1 5  ? -0.728  -8.726  -2.243  1.00 27.15 ? 5   TCY A "C1'" 1 
HETATM 93  O  "O4'" . TCY A 1 5  ? -1.769  -9.689  -2.377  1.00 30.83 ? 5   TCY A "O4'" 1 
HETATM 94  N  N9    . TCY A 1 5  ? -1.187  -7.411  -2.742  1.00 25.81 ? 5   TCY A N9    1 
HETATM 95  C  C4    . TCY A 1 5  ? -0.386  -6.391  -3.035  1.00 25.12 ? 5   TCY A C4    1 
HETATM 96  N  N3    . TCY A 1 5  ? 0.961   -6.206  -2.914  1.00 25.41 ? 5   TCY A N3    1 
HETATM 97  C  C2    . TCY A 1 5  ? 1.504   -5.046  -3.286  1.00 25.84 ? 5   TCY A C2    1 
HETATM 98  N  N1    . TCY A 1 5  ? 0.752   -4.054  -3.790  1.00 25.02 ? 5   TCY A N1    1 
HETATM 99  C  C6    . TCY A 1 5  ? -0.577  -4.187  -3.928  1.00 24.82 ? 5   TCY A C6    1 
HETATM 100 N  N6    . TCY A 1 5  ? -1.299  -3.173  -4.437  1.00 25.32 ? 5   TCY A N6    1 
HETATM 101 C  C5    . TCY A 1 5  ? -1.182  -5.373  -3.540  1.00 24.99 ? 5   TCY A C5    1 
HETATM 102 N  N7    . TCY A 1 5  ? -2.456  -5.818  -3.559  1.00 25.53 ? 5   TCY A N7    1 
HETATM 103 C  C8    . TCY A 1 5  ? -2.441  -7.078  -3.071  1.00 25.77 ? 5   TCY A C8    1 
ATOM   104 P  P     . DA  A 1 6  ? -0.606  -9.849  2.407   1.00 37.42 ? 6   DA  A P     1 
ATOM   105 O  OP1   . DA  A 1 6  ? -0.073  -11.188 2.740   1.00 36.56 ? 6   DA  A OP1   1 
ATOM   106 O  OP2   . DA  A 1 6  ? -1.595  -9.176  3.282   1.00 38.21 ? 6   DA  A OP2   1 
ATOM   107 O  "O5'" . DA  A 1 6  ? 0.625   -8.858  2.152   1.00 34.67 ? 6   DA  A "O5'" 1 
ATOM   108 C  "C5'" . DA  A 1 6  ? 1.897   -9.338  1.708   1.00 32.16 ? 6   DA  A "C5'" 1 
ATOM   109 C  "C4'" . DA  A 1 6  ? 2.895   -8.197  1.685   1.00 30.65 ? 6   DA  A "C4'" 1 
ATOM   110 O  "O4'" . DA  A 1 6  ? 2.460   -7.176  0.755   1.00 28.41 ? 6   DA  A "O4'" 1 
ATOM   111 C  "C3'" . DA  A 1 6  ? 3.086   -7.499  3.035   1.00 29.93 ? 6   DA  A "C3'" 1 
ATOM   112 O  "O3'" . DA  A 1 6  ? 4.472   -7.348  3.284   1.00 30.83 ? 6   DA  A "O3'" 1 
ATOM   113 C  "C2'" . DA  A 1 6  ? 2.345   -6.174  2.874   1.00 28.58 ? 6   DA  A "C2'" 1 
ATOM   114 C  "C1'" . DA  A 1 6  ? 2.440   -5.907  1.380   1.00 26.98 ? 6   DA  A "C1'" 1 
ATOM   115 N  N9    . DA  A 1 6  ? 1.290   -5.195  0.843   1.00 25.13 ? 6   DA  A N9    1 
ATOM   116 C  C8    . DA  A 1 6  ? -0.019  -5.547  0.989   1.00 26.06 ? 6   DA  A C8    1 
ATOM   117 N  N7    . DA  A 1 6  ? -0.866  -4.749  0.393   1.00 25.65 ? 6   DA  A N7    1 
ATOM   118 C  C5    . DA  A 1 6  ? -0.043  -3.790  -0.180  1.00 24.89 ? 6   DA  A C5    1 
ATOM   119 C  C6    . DA  A 1 6  ? -0.304  -2.654  -0.958  1.00 24.84 ? 6   DA  A C6    1 
ATOM   120 N  N6    . DA  A 1 6  ? -1.535  -2.263  -1.305  1.00 25.71 ? 6   DA  A N6    1 
ATOM   121 N  N1    . DA  A 1 6  ? 0.759   -1.920  -1.368  1.00 24.56 ? 6   DA  A N1    1 
ATOM   122 C  C2    . DA  A 1 6  ? 1.991   -2.298  -1.040  1.00 25.54 ? 6   DA  A C2    1 
ATOM   123 N  N3    . DA  A 1 6  ? 2.360   -3.351  -0.314  1.00 25.01 ? 6   DA  A N3    1 
ATOM   124 C  C4    . DA  A 1 6  ? 1.290   -4.062  0.083   1.00 25.83 ? 6   DA  A C4    1 
ATOM   125 P  P     . DT  A 1 7  ? 5.046   -6.567  4.552   1.00 34.77 ? 7   DT  A P     1 
ATOM   126 O  OP1   . DT  A 1 7  ? 6.413   -7.083  4.804   1.00 32.89 ? 7   DT  A OP1   1 
ATOM   127 O  OP2   . DT  A 1 7  ? 4.035   -6.570  5.628   1.00 34.12 ? 7   DT  A OP2   1 
ATOM   128 O  "O5'" . DT  A 1 7  ? 5.157   -5.084  3.978   1.00 31.30 ? 7   DT  A "O5'" 1 
ATOM   129 C  "C5'" . DT  A 1 7  ? 6.009   -4.830  2.897   1.00 31.20 ? 7   DT  A "C5'" 1 
ATOM   130 C  "C4'" . DT  A 1 7  ? 5.982   -3.367  2.523   1.00 31.12 ? 7   DT  A "C4'" 1 
ATOM   131 O  "O4'" . DT  A 1 7  ? 4.665   -2.961  2.078   1.00 28.88 ? 7   DT  A "O4'" 1 
ATOM   132 C  "C3'" . DT  A 1 7  ? 6.333   -2.436  3.675   1.00 31.37 ? 7   DT  A "C3'" 1 
ATOM   133 O  "O3'" . DT  A 1 7  ? 7.353   -1.584  3.199   1.00 34.15 ? 7   DT  A "O3'" 1 
ATOM   134 C  "C2'" . DT  A 1 7  ? 5.023   -1.720  4.010   1.00 30.77 ? 7   DT  A "C2'" 1 
ATOM   135 C  "C1'" . DT  A 1 7  ? 4.340   -1.707  2.652   1.00 28.86 ? 7   DT  A "C1'" 1 
ATOM   136 N  N1    . DT  A 1 7  ? 2.850   -1.609  2.605   1.00 26.49 ? 7   DT  A N1    1 
ATOM   137 C  C2    . DT  A 1 7  ? 2.247   -0.645  1.833   1.00 26.26 ? 7   DT  A C2    1 
ATOM   138 O  O2    . DT  A 1 7  ? 2.860   0.191   1.183   1.00 27.38 ? 7   DT  A O2    1 
ATOM   139 N  N3    . DT  A 1 7  ? 0.873   -0.693  1.833   1.00 26.47 ? 7   DT  A N3    1 
ATOM   140 C  C4    . DT  A 1 7  ? 0.053   -1.567  2.526   1.00 27.04 ? 7   DT  A C4    1 
ATOM   141 O  O4    . DT  A 1 7  ? -1.173  -1.501  2.439   1.00 27.08 ? 7   DT  A O4    1 
ATOM   142 C  C5    . DT  A 1 7  ? 0.746   -2.554  3.319   1.00 26.56 ? 7   DT  A C5    1 
ATOM   143 C  C7    . DT  A 1 7  ? 0.011   -3.449  4.273   1.00 27.58 ? 7   DT  A C7    1 
ATOM   144 C  C6    . DT  A 1 7  ? 2.086   -2.527  3.310   1.00 26.87 ? 7   DT  A C6    1 
ATOM   145 P  P     . DT  A 1 8  ? 8.093   -0.553  4.161   1.00 35.94 ? 8   DT  A P     1 
ATOM   146 O  OP1   . DT  A 1 8  ? 9.473   -0.417  3.646   1.00 36.92 ? 8   DT  A OP1   1 
ATOM   147 O  OP2   . DT  A 1 8  ? 7.810   -0.912  5.575   1.00 34.63 ? 8   DT  A OP2   1 
ATOM   148 O  "O5'" . DT  A 1 8  ? 7.330   0.814   3.879   1.00 32.63 ? 8   DT  A "O5'" 1 
ATOM   149 C  "C5'" . DT  A 1 8  ? 7.469   1.415   2.614   1.00 32.10 ? 8   DT  A "C5'" 1 
ATOM   150 C  "C4'" . DT  A 1 8  ? 6.510   2.571   2.507   1.00 31.22 ? 8   DT  A "C4'" 1 
ATOM   151 O  "O4'" . DT  A 1 8  ? 5.149   2.099   2.677   1.00 30.21 ? 8   DT  A "O4'" 1 
ATOM   152 C  "C3'" . DT  A 1 8  ? 6.716   3.644   3.573   1.00 31.15 ? 8   DT  A "C3'" 1 
ATOM   153 O  "O3'" . DT  A 1 8  ? 7.088   4.839   2.894   1.00 32.33 ? 8   DT  A "O3'" 1 
ATOM   154 C  "C2'" . DT  A 1 8  ? 5.382   3.691   4.337   1.00 30.86 ? 8   DT  A "C2'" 1 
ATOM   155 C  "C1'" . DT  A 1 8  ? 4.408   3.126   3.312   1.00 29.11 ? 8   DT  A "C1'" 1 
ATOM   156 N  N1    . DT  A 1 8  ? 3.148   2.471   3.785   1.00 27.44 ? 8   DT  A N1    1 
ATOM   157 C  C2    . DT  A 1 8  ? 1.945   2.888   3.259   1.00 26.05 ? 8   DT  A C2    1 
ATOM   158 O  O2    . DT  A 1 8  ? 1.826   3.786   2.444   1.00 26.28 ? 8   DT  A O2    1 
ATOM   159 N  N3    . DT  A 1 8  ? 0.857   2.207   3.715   1.00 25.70 ? 8   DT  A N3    1 
ATOM   160 C  C4    . DT  A 1 8  ? 0.844   1.183   4.644   1.00 27.22 ? 8   DT  A C4    1 
ATOM   161 O  O4    . DT  A 1 8  ? -0.204  0.643   4.976   1.00 27.82 ? 8   DT  A O4    1 
ATOM   162 C  C5    . DT  A 1 8  ? 2.131   0.791   5.170   1.00 26.39 ? 8   DT  A C5    1 
ATOM   163 C  C7    . DT  A 1 8  ? 2.229   -0.238  6.256   1.00 26.77 ? 8   DT  A C7    1 
ATOM   164 C  C6    . DT  A 1 8  ? 3.205   1.444   4.711   1.00 26.88 ? 8   DT  A C6    1 
ATOM   165 P  P     . DC  A 1 9  ? 7.252   6.213   3.690   1.00 33.01 ? 9   DC  A P     1 
ATOM   166 O  OP1   . DC  A 1 9  ? 8.318   7.000   3.032   1.00 32.03 ? 9   DC  A OP1   1 
ATOM   167 O  OP2   . DC  A 1 9  ? 7.319   5.948   5.141   1.00 33.48 ? 9   DC  A OP2   1 
ATOM   168 O  "O5'" . DC  A 1 9  ? 5.839   6.876   3.377   1.00 31.60 ? 9   DC  A "O5'" 1 
ATOM   169 C  "C5'" . DC  A 1 9  ? 5.433   7.058   2.037   1.00 28.90 ? 9   DC  A "C5'" 1 
ATOM   170 C  "C4'" . DC  A 1 9  ? 4.056   7.681   2.025   1.00 28.06 ? 9   DC  A "C4'" 1 
ATOM   171 O  "O4'" . DC  A 1 9  ? 3.075   6.835   2.683   1.00 25.69 ? 9   DC  A "O4'" 1 
ATOM   172 C  "C3'" . DC  A 1 9  ? 4.009   9.011   2.749   1.00 27.40 ? 9   DC  A "C3'" 1 
ATOM   173 O  "O3'" . DC  A 1 9  ? 3.482   9.941   1.827   1.00 28.76 ? 9   DC  A "O3'" 1 
ATOM   174 C  "C2'" . DC  A 1 9  ? 3.148   8.740   3.995   1.00 25.91 ? 9   DC  A "C2'" 1 
ATOM   175 C  "C1'" . DC  A 1 9  ? 2.232   7.637   3.499   1.00 24.92 ? 9   DC  A "C1'" 1 
ATOM   176 N  N1    . DC  A 1 9  ? 1.672   6.636   4.436   1.00 24.21 ? 9   DC  A N1    1 
ATOM   177 C  C2    . DC  A 1 9  ? 0.286   6.451   4.518   1.00 23.43 ? 9   DC  A C2    1 
ATOM   178 O  O2    . DC  A 1 9  ? -0.471  7.171   3.854   1.00 23.58 ? 9   DC  A O2    1 
ATOM   179 N  N3    . DC  A 1 9  ? -0.200  5.493   5.345   1.00 24.14 ? 9   DC  A N3    1 
ATOM   180 C  C4    . DC  A 1 9  ? 0.619   4.722   6.059   1.00 24.33 ? 9   DC  A C4    1 
ATOM   181 N  N4    . DC  A 1 9  ? 0.081   3.788   6.855   1.00 23.07 ? 9   DC  A N4    1 
ATOM   182 C  C5    . DC  A 1 9  ? 2.032   4.897   5.989   1.00 24.11 ? 9   DC  A C5    1 
ATOM   183 C  C6    . DC  A 1 9  ? 2.513   5.840   5.160   1.00 24.01 ? 9   DC  A C6    1 
ATOM   184 P  P     . DG  A 1 10 ? 3.624   11.512  2.072   1.00 30.75 ? 10  DG  A P     1 
ATOM   185 O  OP1   . DG  A 1 10 ? 3.324   12.130  0.759   1.00 30.98 ? 10  DG  A OP1   1 
ATOM   186 O  OP2   . DG  A 1 10 ? 4.877   11.812  2.803   1.00 28.08 ? 10  DG  A OP2   1 
ATOM   187 O  "O5'" . DG  A 1 10 ? 2.440   11.827  3.102   1.00 27.04 ? 10  DG  A "O5'" 1 
ATOM   188 C  "C5'" . DG  A 1 10 ? 1.137   12.082  2.597   1.00 26.01 ? 10  DG  A "C5'" 1 
ATOM   189 C  "C4'" . DG  A 1 10 ? 0.165   12.228  3.737   1.00 24.56 ? 10  DG  A "C4'" 1 
ATOM   190 O  "O4'" . DG  A 1 10 ? 0.077   10.974  4.454   1.00 23.11 ? 10  DG  A "O4'" 1 
ATOM   191 C  "C3'" . DG  A 1 10 ? 0.588   13.245  4.783   1.00 24.64 ? 10  DG  A "C3'" 1 
ATOM   192 O  "O3'" . DG  A 1 10 ? -0.544  13.967  5.194   1.00 25.94 ? 10  DG  A "O3'" 1 
ATOM   193 C  "C2'" . DG  A 1 10 ? 1.111   12.381  5.915   1.00 23.92 ? 10  DG  A "C2'" 1 
ATOM   194 C  "C1'" . DG  A 1 10 ? 0.082   11.273  5.839   1.00 21.90 ? 10  DG  A "C1'" 1 
ATOM   195 N  N9    . DG  A 1 10 ? 0.371   10.057  6.585   1.00 21.47 ? 10  DG  A N9    1 
ATOM   196 C  C8    . DG  A 1 10 ? 1.587   9.520   6.957   1.00 22.35 ? 10  DG  A C8    1 
ATOM   197 N  N7    . DG  A 1 10 ? 1.471   8.392   7.606   1.00 21.82 ? 10  DG  A N7    1 
ATOM   198 C  C5    . DG  A 1 10 ? 0.100   8.174   7.644   1.00 21.83 ? 10  DG  A C5    1 
ATOM   199 C  C6    . DG  A 1 10 ? -0.656  7.123   8.204   1.00 21.61 ? 10  DG  A C6    1 
ATOM   200 O  O6    . DG  A 1 10 ? -0.244  6.126   8.804   1.00 22.86 ? 10  DG  A O6    1 
ATOM   201 N  N1    . DG  A 1 10 ? -2.029  7.300   8.027   1.00 21.05 ? 10  DG  A N1    1 
ATOM   202 C  C2    . DG  A 1 10 ? -2.606  8.356   7.376   1.00 21.71 ? 10  DG  A C2    1 
ATOM   203 N  N2    . DG  A 1 10 ? -3.943  8.365   7.316   1.00 21.94 ? 10  DG  A N2    1 
ATOM   204 N  N3    . DG  A 1 10 ? -1.918  9.354   6.841   1.00 21.73 ? 10  DG  A N3    1 
ATOM   205 C  C4    . DG  A 1 10 ? -0.580  9.185   7.015   1.00 20.92 ? 10  DG  A C4    1 
ATOM   206 P  P     . DC  A 1 11 ? -0.606  15.544  5.120   1.00 25.72 ? 11  DC  A P     1 
ATOM   207 O  OP1   . DC  A 1 11 ? -0.598  15.956  3.700   1.00 28.36 ? 11  DC  A OP1   1 
ATOM   208 O  OP2   . DC  A 1 11 ? 0.402   16.095  6.044   1.00 26.11 ? 11  DC  A OP2   1 
ATOM   209 O  "O5'" . DC  A 1 11 ? -2.053  15.802  5.747   1.00 24.51 ? 11  DC  A "O5'" 1 
ATOM   210 C  "C5'" . DC  A 1 11 ? -3.212  15.383  5.012   1.00 23.54 ? 11  DC  A "C5'" 1 
ATOM   211 C  "C4'" . DC  A 1 11 ? -4.342  14.931  5.915   1.00 22.19 ? 11  DC  A "C4'" 1 
ATOM   212 O  "O4'" . DC  A 1 11 ? -3.974  13.653  6.487   1.00 20.30 ? 11  DC  A "O4'" 1 
ATOM   213 C  "C3'" . DC  A 1 11 ? -4.640  15.849  7.093   1.00 20.78 ? 11  DC  A "C3'" 1 
ATOM   214 O  "O3'" . DC  A 1 11 ? -6.006  15.817  7.388   1.00 21.58 ? 11  DC  A "O3'" 1 
ATOM   215 C  "C2'" . DC  A 1 11 ? -3.842  15.221  8.218   1.00 19.83 ? 11  DC  A "C2'" 1 
ATOM   216 C  "C1'" . DC  A 1 11 ? -4.055  13.744  7.883   1.00 20.17 ? 11  DC  A "C1'" 1 
ATOM   217 N  N1    . DC  A 1 11 ? -3.040  12.822  8.506   1.00 18.88 ? 11  DC  A N1    1 
ATOM   218 C  C2    . DC  A 1 11 ? -3.447  11.603  9.066   1.00 19.33 ? 11  DC  A C2    1 
ATOM   219 O  O2    . DC  A 1 11 ? -4.639  11.253  9.030   1.00 21.60 ? 11  DC  A O2    1 
ATOM   220 N  N3    . DC  A 1 11 ? -2.502  10.832  9.645   1.00 19.98 ? 11  DC  A N3    1 
ATOM   221 C  C4    . DC  A 1 11 ? -1.218  11.176  9.666   1.00 19.22 ? 11  DC  A C4    1 
ATOM   222 N  N4    . DC  A 1 11 ? -0.351  10.335  10.246  1.00 20.93 ? 11  DC  A N4    1 
ATOM   223 C  C5    . DC  A 1 11 ? -0.790  12.401  9.095   1.00 19.95 ? 11  DC  A C5    1 
ATOM   224 C  C6    . DC  A 1 11 ? -1.719  13.173  8.525   1.00 20.64 ? 11  DC  A C6    1 
ATOM   225 P  P     . DG  A 1 12 ? -6.768  17.083  7.999   1.00 22.99 ? 12  DG  A P     1 
ATOM   226 O  OP1   . DG  A 1 12 ? -8.204  16.744  8.016   1.00 24.35 ? 12  DG  A OP1   1 
ATOM   227 O  OP2   . DG  A 1 12 ? -6.283  18.300  7.303   1.00 21.05 ? 12  DG  A OP2   1 
ATOM   228 O  "O5'" . DG  A 1 12 ? -6.254  17.154  9.502   1.00 23.62 ? 12  DG  A "O5'" 1 
ATOM   229 C  "C5'" . DG  A 1 12 ? -6.627  16.190  10.481  1.00 21.54 ? 12  DG  A "C5'" 1 
ATOM   230 C  "C4'" . DG  A 1 12 ? -6.032  16.598  11.813  1.00 22.31 ? 12  DG  A "C4'" 1 
ATOM   231 O  "O4'" . DG  A 1 12 ? -4.577  16.514  11.754  1.00 21.88 ? 12  DG  A "O4'" 1 
ATOM   232 C  "C3'" . DG  A 1 12 ? -6.356  18.025  12.245  1.00 23.68 ? 12  DG  A "C3'" 1 
ATOM   233 O  "O3'" . DG  A 1 12 ? -7.457  18.025  13.149  1.00 23.28 ? 12  DG  A "O3'" 1 
ATOM   234 C  "C2'" . DG  A 1 12 ? -5.062  18.495  12.899  1.00 23.82 ? 12  DG  A "C2'" 1 
ATOM   235 C  "C1'" . DG  A 1 12 ? -3.985  17.758  12.100  1.00 23.87 ? 12  DG  A "C1'" 1 
ATOM   236 N  N9    . DG  A 1 12 ? -3.571  18.365  10.836  1.00 23.08 ? 12  DG  A N9    1 
ATOM   237 C  C8    . DG  A 1 12 ? -4.159  19.417  10.178  1.00 23.97 ? 12  DG  A C8    1 
ATOM   238 N  N7    . DG  A 1 12 ? -3.596  19.713  9.049   1.00 23.37 ? 12  DG  A N7    1 
ATOM   239 C  C5    . DG  A 1 12 ? -2.561  18.796  8.942   1.00 23.89 ? 12  DG  A C5    1 
ATOM   240 C  C6    . DG  A 1 12 ? -1.595  18.611  7.914   1.00 24.22 ? 12  DG  A C6    1 
ATOM   241 O  O6    . DG  A 1 12 ? -1.439  19.269  6.874   1.00 24.86 ? 12  DG  A O6    1 
ATOM   242 N  N1    . DG  A 1 12 ? -0.712  17.562  8.182   1.00 23.61 ? 12  DG  A N1    1 
ATOM   243 C  C2    . DG  A 1 12 ? -0.773  16.775  9.312   1.00 23.52 ? 12  DG  A C2    1 
ATOM   244 N  N2    . DG  A 1 12 ? 0.164   15.819  9.398   1.00 22.77 ? 12  DG  A N2    1 
ATOM   245 N  N3    . DG  A 1 12 ? -1.675  16.931  10.282  1.00 22.52 ? 12  DG  A N3    1 
ATOM   246 C  C4    . DG  A 1 12 ? -2.540  17.952  10.032  1.00 22.93 ? 12  DG  A C4    1 
ATOM   247 O  "O5'" . DC  B 1 1  ? -6.792  -1.532  15.731  1.00 42.60 ? 1   DC  B "O5'" 1 
ATOM   248 C  "C5'" . DC  B 1 1  ? -5.529  -0.911  15.542  1.00 39.86 ? 1   DC  B "C5'" 1 
ATOM   249 C  "C4'" . DC  B 1 1  ? -5.074  -0.247  16.827  1.00 38.03 ? 1   DC  B "C4'" 1 
ATOM   250 O  "O4'" . DC  B 1 1  ? -4.723  -1.258  17.817  1.00 36.80 ? 1   DC  B "O4'" 1 
ATOM   251 C  "C3'" . DC  B 1 1  ? -3.822  0.591   16.653  1.00 36.50 ? 1   DC  B "C3'" 1 
ATOM   252 O  "O3'" . DC  B 1 1  ? -3.791  1.663   17.586  1.00 35.80 ? 1   DC  B "O3'" 1 
ATOM   253 C  "C2'" . DC  B 1 1  ? -2.727  -0.439  16.888  1.00 35.58 ? 1   DC  B "C2'" 1 
ATOM   254 C  "C1'" . DC  B 1 1  ? -3.324  -1.234  18.047  1.00 33.73 ? 1   DC  B "C1'" 1 
ATOM   255 N  N1    . DC  B 1 1  ? -2.897  -2.652  18.227  1.00 31.14 ? 1   DC  B N1    1 
ATOM   256 C  C2    . DC  B 1 1  ? -3.117  -3.263  19.472  1.00 29.50 ? 1   DC  B C2    1 
ATOM   257 O  O2    . DC  B 1 1  ? -3.640  -2.631  20.405  1.00 27.46 ? 1   DC  B O2    1 
ATOM   258 N  N3    . DC  B 1 1  ? -2.740  -4.553  19.630  1.00 28.52 ? 1   DC  B N3    1 
ATOM   259 C  C4    . DC  B 1 1  ? -2.181  -5.234  18.629  1.00 30.57 ? 1   DC  B C4    1 
ATOM   260 N  N4    . DC  B 1 1  ? -1.831  -6.506  18.833  1.00 30.09 ? 1   DC  B N4    1 
ATOM   261 C  C5    . DC  B 1 1  ? -1.951  -4.631  17.363  1.00 30.25 ? 1   DC  B C5    1 
ATOM   262 C  C6    . DC  B 1 1  ? -2.332  -3.359  17.197  1.00 31.18 ? 1   DC  B C6    1 
ATOM   263 P  P     . DG  B 1 2  ? -3.219  3.079   17.093  1.00 33.78 ? 2   DG  B P     1 
ATOM   264 O  OP1   . DG  B 1 2  ? -2.059  2.838   16.213  1.00 35.59 ? 2   DG  B OP1   1 
ATOM   265 O  OP2   . DG  B 1 2  ? -3.111  3.985   18.251  1.00 34.17 ? 2   DG  B OP2   1 
ATOM   266 O  "O5'" . DG  B 1 2  ? -4.402  3.610   16.184  1.00 31.67 ? 2   DG  B "O5'" 1 
ATOM   267 C  "C5'" . DG  B 1 2  ? -5.574  4.126   16.718  1.00 30.12 ? 2   DG  B "C5'" 1 
ATOM   268 C  "C4'" . DG  B 1 2  ? -6.580  4.285   15.601  1.00 29.29 ? 2   DG  B "C4'" 1 
ATOM   269 O  "O4'" . DG  B 1 2  ? -6.153  5.240   14.592  1.00 27.14 ? 2   DG  B "O4'" 1 
ATOM   270 C  "C3'" . DG  B 1 2  ? -6.846  3.021   14.804  1.00 29.01 ? 2   DG  B "C3'" 1 
ATOM   271 O  "O3'" . DG  B 1 2  ? -8.218  3.080   14.532  1.00 32.42 ? 2   DG  B "O3'" 1 
ATOM   272 C  "C2'" . DG  B 1 2  ? -5.932  3.123   13.580  1.00 26.75 ? 2   DG  B "C2'" 1 
ATOM   273 C  "C1'" . DG  B 1 2  ? -5.847  4.619   13.348  1.00 23.68 ? 2   DG  B "C1'" 1 
ATOM   274 N  N9    . DG  B 1 2  ? -4.549  5.201   13.045  1.00 23.10 ? 2   DG  B N9    1 
ATOM   275 C  C8    . DG  B 1 2  ? -3.318  4.841   13.510  1.00 22.79 ? 2   DG  B C8    1 
ATOM   276 N  N7    . DG  B 1 2  ? -2.355  5.617   13.098  1.00 23.67 ? 2   DG  B N7    1 
ATOM   277 C  C5    . DG  B 1 2  ? -3.000  6.554   12.305  1.00 21.50 ? 2   DG  B C5    1 
ATOM   278 C  C6    . DG  B 1 2  ? -2.494  7.656   11.586  1.00 21.93 ? 2   DG  B C6    1 
ATOM   279 O  O6    . DG  B 1 2  ? -1.318  8.035   11.503  1.00 22.99 ? 2   DG  B O6    1 
ATOM   280 N  N1    . DG  B 1 2  ? -3.496  8.348   10.905  1.00 21.03 ? 2   DG  B N1    1 
ATOM   281 C  C2    . DG  B 1 2  ? -4.827  8.023   10.935  1.00 22.00 ? 2   DG  B C2    1 
ATOM   282 N  N2    . DG  B 1 2  ? -5.660  8.795   10.223  1.00 22.22 ? 2   DG  B N2    1 
ATOM   283 N  N3    . DG  B 1 2  ? -5.314  6.990   11.613  1.00 21.87 ? 2   DG  B N3    1 
ATOM   284 C  C4    . DG  B 1 2  ? -4.348  6.319   12.273  1.00 22.38 ? 2   DG  B C4    1 
ATOM   285 P  P     . DC  B 1 3  ? -8.933  1.966   13.664  1.00 34.62 ? 3   DC  B P     1 
ATOM   286 O  OP1   . DC  B 1 3  ? -10.332 1.918   14.110  1.00 33.37 ? 3   DC  B OP1   1 
ATOM   287 O  OP2   . DC  B 1 3  ? -8.075  0.755   13.609  1.00 34.12 ? 3   DC  B OP2   1 
ATOM   288 O  "O5'" . DC  B 1 3  ? -8.916  2.612   12.208  1.00 30.80 ? 3   DC  B "O5'" 1 
ATOM   289 C  "C5'" . DC  B 1 3  ? -9.704  3.761   11.958  1.00 29.83 ? 3   DC  B "C5'" 1 
ATOM   290 C  "C4'" . DC  B 1 3  ? -9.253  4.405   10.666  1.00 29.01 ? 3   DC  B "C4'" 1 
ATOM   291 O  "O4'" . DC  B 1 3  ? -7.831  4.644   10.656  1.00 26.35 ? 3   DC  B "O4'" 1 
ATOM   292 C  "C3'" . DC  B 1 3  ? -9.520  3.527   9.460   1.00 29.14 ? 3   DC  B "C3'" 1 
ATOM   293 O  "O3'" . DC  B 1 3  ? -10.737 4.007   8.901   1.00 32.29 ? 3   DC  B "O3'" 1 
ATOM   294 C  "C2'" . DC  B 1 3  ? -8.288  3.644   8.561   1.00 28.75 ? 3   DC  B "C2'" 1 
ATOM   295 C  "C1'" . DC  B 1 3  ? -7.411  4.650   9.301   1.00 26.32 ? 3   DC  B "C1'" 1 
ATOM   296 N  N1    . DC  B 1 3  ? -5.950  4.419   9.382   1.00 25.03 ? 3   DC  B N1    1 
ATOM   297 C  C2    . DC  B 1 3  ? -5.066  5.351   8.810   1.00 25.33 ? 3   DC  B C2    1 
ATOM   298 O  O2    . DC  B 1 3  ? -5.524  6.328   8.199   1.00 23.97 ? 3   DC  B O2    1 
ATOM   299 N  N3    . DC  B 1 3  ? -3.726  5.150   8.934   1.00 23.71 ? 3   DC  B N3    1 
ATOM   300 C  C4    . DC  B 1 3  ? -3.252  4.082   9.580   1.00 24.92 ? 3   DC  B C4    1 
ATOM   301 N  N4    . DC  B 1 3  ? -1.924  3.936   9.669   1.00 24.24 ? 3   DC  B N4    1 
ATOM   302 C  C5    . DC  B 1 3  ? -4.139  3.127   10.168  1.00 25.35 ? 3   DC  B C5    1 
ATOM   303 C  C6    . DC  B 1 3  ? -5.460  3.333   10.049  1.00 25.75 ? 3   DC  B C6    1 
ATOM   304 P  P     . DG  B 1 4  ? -11.447 3.208   7.704   1.00 34.63 ? 4   DG  B P     1 
ATOM   305 O  OP1   . DG  B 1 4  ? -12.893 3.534   7.779   1.00 35.22 ? 4   DG  B OP1   1 
ATOM   306 O  OP2   . DG  B 1 4  ? -10.996 1.801   7.686   1.00 33.51 ? 4   DG  B OP2   1 
ATOM   307 O  "O5'" . DG  B 1 4  ? -10.795 3.920   6.434   1.00 31.89 ? 4   DG  B "O5'" 1 
ATOM   308 C  "C5'" . DG  B 1 4  ? -11.034 5.290   6.191   1.00 29.96 ? 4   DG  B "C5'" 1 
ATOM   309 C  "C4'" . DG  B 1 4  ? -10.084 5.760   5.117   1.00 28.05 ? 4   DG  B "C4'" 1 
ATOM   310 O  "O4'" . DG  B 1 4  ? -8.714  5.590   5.571   1.00 25.37 ? 4   DG  B "O4'" 1 
ATOM   311 C  "C3'" . DG  B 1 4  ? -10.193 4.987   3.807   1.00 27.63 ? 4   DG  B "C3'" 1 
ATOM   312 O  "O3'" . DG  B 1 4  ? -10.096 5.905   2.737   1.00 29.01 ? 4   DG  B "O3'" 1 
ATOM   313 C  "C2'" . DG  B 1 4  ? -9.015  4.021   3.867   1.00 26.75 ? 4   DG  B "C2'" 1 
ATOM   314 C  "C1'" . DG  B 1 4  ? -7.990  4.914   4.565   1.00 24.67 ? 4   DG  B "C1'" 1 
ATOM   315 N  N9    . DG  B 1 4  ? -6.849  4.211   5.147   1.00 24.25 ? 4   DG  B N9    1 
ATOM   316 C  C8    . DG  B 1 4  ? -6.817  2.967   5.743   1.00 23.75 ? 4   DG  B C8    1 
ATOM   317 N  N7    . DG  B 1 4  ? -5.628  2.621   6.151   1.00 24.17 ? 4   DG  B N7    1 
ATOM   318 C  C5    . DG  B 1 4  ? -4.822  3.707   5.789   1.00 23.77 ? 4   DG  B C5    1 
ATOM   319 C  C6    . DG  B 1 4  ? -3.431  3.935   5.973   1.00 23.79 ? 4   DG  B C6    1 
ATOM   320 O  O6    . DG  B 1 4  ? -2.602  3.182   6.505   1.00 23.96 ? 4   DG  B O6    1 
ATOM   321 N  N1    . DG  B 1 4  ? -3.012  5.171   5.470   1.00 22.89 ? 4   DG  B N1    1 
ATOM   322 C  C2    . DG  B 1 4  ? -3.841  6.092   4.864   1.00 23.83 ? 4   DG  B C2    1 
ATOM   323 N  N2    . DG  B 1 4  ? -3.255  7.233   4.436   1.00 23.03 ? 4   DG  B N2    1 
ATOM   324 N  N3    . DG  B 1 4  ? -5.151  5.897   4.700   1.00 23.75 ? 4   DG  B N3    1 
ATOM   325 C  C4    . DG  B 1 4  ? -5.563  4.690   5.184   1.00 23.32 ? 4   DG  B C4    1 
HETATM 326 O  O1P   . TCY B 1 5  ? -10.635 6.838   0.506   1.00 33.12 ? 5   TCY B O1P   1 
HETATM 327 P  P     . TCY B 1 5  ? -10.517 5.532   1.253   1.00 32.73 ? 5   TCY B P     1 
HETATM 328 O  O2P   . TCY B 1 5  ? -11.671 4.561   1.315   1.00 30.91 ? 5   TCY B O2P   1 
HETATM 329 C  "C8'" . TCY B 1 5  ? -8.986  5.068   -1.738  1.00 33.20 ? 5   TCY B "C8'" 1 
HETATM 330 O  "O5'" . TCY B 1 5  ? -9.259  4.699   0.701   1.00 32.82 ? 5   TCY B "O5'" 1 
HETATM 331 C  "C5'" . TCY B 1 5  ? -8.410  5.220   -0.341  1.00 32.57 ? 5   TCY B "C5'" 1 
HETATM 332 C  "C6'" . TCY B 1 5  ? -7.803  4.219   -1.293  1.00 32.91 ? 5   TCY B "C6'" 1 
HETATM 333 C  "C4'" . TCY B 1 5  ? -7.465  6.346   -0.064  1.00 31.92 ? 5   TCY B "C4'" 1 
HETATM 334 C  "C3'" . TCY B 1 5  ? -6.363  6.105   -1.071  1.00 31.82 ? 5   TCY B "C3'" 1 
HETATM 335 C  "C7'" . TCY B 1 5  ? -6.363  4.647   -1.520  1.00 32.44 ? 5   TCY B "C7'" 1 
HETATM 336 O  "O3'" . TCY B 1 5  ? -6.564  7.040   -2.142  1.00 35.18 ? 5   TCY B "O3'" 1 
HETATM 337 C  "C2'" . TCY B 1 5  ? -5.096  6.417   -0.308  1.00 29.96 ? 5   TCY B "C2'" 1 
HETATM 338 C  "C1'" . TCY B 1 5  ? -5.423  6.119   1.132   1.00 26.96 ? 5   TCY B "C1'" 1 
HETATM 339 O  "O4'" . TCY B 1 5  ? -6.843  6.277   1.223   1.00 30.73 ? 5   TCY B "O4'" 1 
HETATM 340 N  N9    . TCY B 1 5  ? -5.074  4.765   1.627   1.00 25.12 ? 5   TCY B N9    1 
HETATM 341 C  C4    . TCY B 1 5  ? -3.855  4.368   1.980   1.00 24.33 ? 5   TCY B C4    1 
HETATM 342 N  N3    . TCY B 1 5  ? -2.634  4.983   1.947   1.00 25.04 ? 5   TCY B N3    1 
HETATM 343 C  C2    . TCY B 1 5  ? -1.546  4.330   2.358   1.00 24.85 ? 5   TCY B C2    1 
HETATM 344 N  N1    . TCY B 1 5  ? -1.624  3.081   2.830   1.00 24.25 ? 5   TCY B N1    1 
HETATM 345 C  C6    . TCY B 1 5  ? -2.804  2.432   2.894   1.00 24.24 ? 5   TCY B C6    1 
HETATM 346 N  N6    . TCY B 1 5  ? -2.859  1.175   3.376   1.00 24.89 ? 5   TCY B N6    1 
HETATM 347 C  C5    . TCY B 1 5  ? -3.960  3.070   2.464   1.00 24.19 ? 5   TCY B C5    1 
HETATM 348 N  N7    . TCY B 1 5  ? -5.260  2.708   2.413   1.00 24.81 ? 5   TCY B N7    1 
HETATM 349 C  C8    . TCY B 1 5  ? -5.934  3.769   1.895   1.00 24.97 ? 5   TCY B C8    1 
ATOM   350 P  P     . DA  B 1 6  ? -5.797  7.208   -3.511  1.00 37.60 ? 6   DA  B P     1 
ATOM   351 O  OP1   . DA  B 1 6  ? -6.112  8.608   -3.881  1.00 37.70 ? 6   DA  B OP1   1 
ATOM   352 O  OP2   . DA  B 1 6  ? -6.215  6.076   -4.372  1.00 38.16 ? 6   DA  B OP2   1 
ATOM   353 O  "O5'" . DA  B 1 6  ? -4.226  7.090   -3.220  1.00 34.66 ? 6   DA  B "O5'" 1 
ATOM   354 C  "C5'" . DA  B 1 6  ? -3.476  8.206   -2.739  1.00 32.67 ? 6   DA  B "C5'" 1 
ATOM   355 C  "C4'" . DA  B 1 6  ? -2.004  7.855   -2.664  1.00 31.00 ? 6   DA  B "C4'" 1 
ATOM   356 O  "O4'" . DA  B 1 6  ? -1.814  6.767   -1.729  1.00 29.26 ? 6   DA  B "O4'" 1 
ATOM   357 C  "C3'" . DA  B 1 6  ? -1.389  7.401   -3.989  1.00 30.31 ? 6   DA  B "C3'" 1 
ATOM   358 O  "O3'" . DA  B 1 6  ? -0.140  8.046   -4.176  1.00 31.64 ? 6   DA  B "O3'" 1 
ATOM   359 C  "C2'" . DA  B 1 6  ? -1.272  5.887   -3.841  1.00 29.36 ? 6   DA  B "C2'" 1 
ATOM   360 C  "C1'" . DA  B 1 6  ? -1.095  5.713   -2.341  1.00 27.25 ? 6   DA  B "C1'" 1 
ATOM   361 N  N9    . DA  B 1 6  ? -1.653  4.474   -1.838  1.00 26.15 ? 6   DA  B N9    1 
ATOM   362 C  C8    . DA  B 1 6  ? -2.925  4.018   -2.032  1.00 26.01 ? 6   DA  B C8    1 
ATOM   363 N  N7    . DA  B 1 6  ? -3.185  2.866   -1.461  1.00 26.48 ? 6   DA  B N7    1 
ATOM   364 C  C5    . DA  B 1 6  ? -1.986  2.552   -0.852  1.00 25.73 ? 6   DA  B C5    1 
ATOM   365 C  C6    . DA  B 1 6  ? -1.591  1.449   -0.082  1.00 25.00 ? 6   DA  B C6    1 
ATOM   366 N  N6    . DA  B 1 6  ? -2.413  0.436   0.211   1.00 24.75 ? 6   DA  B N6    1 
ATOM   367 N  N1    . DA  B 1 6  ? -0.311  1.442   0.360   1.00 24.99 ? 6   DA  B N1    1 
ATOM   368 C  C2    . DA  B 1 6  ? 0.505   2.459   0.076   1.00 26.23 ? 6   DA  B C2    1 
ATOM   369 N  N3    . DA  B 1 6  ? 0.250   3.554   -0.642  1.00 25.55 ? 6   DA  B N3    1 
ATOM   370 C  C4    . DA  B 1 6  ? -1.027  3.537   -1.074  1.00 26.63 ? 6   DA  B C4    1 
ATOM   371 P  P     . DT  B 1 7  ? 0.782   7.775   -5.453  1.00 35.05 ? 7   DT  B P     1 
ATOM   372 O  OP1   . DT  B 1 7  ? 1.610   8.974   -5.707  1.00 34.55 ? 7   DT  B OP1   1 
ATOM   373 O  OP2   . DT  B 1 7  ? -0.054  7.180   -6.523  1.00 33.85 ? 7   DT  B OP2   1 
ATOM   374 O  "O5'" . DT  B 1 7  ? 1.727   6.626   -4.894  1.00 32.78 ? 7   DT  B "O5'" 1 
ATOM   375 C  "C5'" . DT  B 1 7  ? 2.484   6.855   -3.736  1.00 32.25 ? 7   DT  B "C5'" 1 
ATOM   376 C  "C4'" . DT  B 1 7  ? 3.278   5.623   -3.377  1.00 31.65 ? 7   DT  B "C4'" 1 
ATOM   377 O  "O4'" . DT  B 1 7  ? 2.421   4.529   -2.945  1.00 29.70 ? 7   DT  B "O4'" 1 
ATOM   378 C  "C3'" . DT  B 1 7  ? 4.116   5.076   -4.524  1.00 31.23 ? 7   DT  B "C3'" 1 
ATOM   379 O  "O3'" . DT  B 1 7  ? 5.417   4.952   -3.997  1.00 33.15 ? 7   DT  B "O3'" 1 
ATOM   380 C  "C2'" . DT  B 1 7  ? 3.437   3.755   -4.891  1.00 30.76 ? 7   DT  B "C2'" 1 
ATOM   381 C  "C1'" . DT  B 1 7  ? 2.867   3.324   -3.542  1.00 28.53 ? 7   DT  B "C1'" 1 
ATOM   382 N  N1    . DT  B 1 7  ? 1.689   2.397   -3.527  1.00 26.69 ? 7   DT  B N1    1 
ATOM   383 C  C2    . DT  B 1 7  ? 1.735   1.245   -2.767  1.00 26.47 ? 7   DT  B C2    1 
ATOM   384 O  O2    . DT  B 1 7  ? 2.699   0.895   -2.107  1.00 26.80 ? 7   DT  B O2    1 
ATOM   385 N  N3    . DT  B 1 7  ? 0.587   0.490   -2.791  1.00 26.63 ? 7   DT  B N3    1 
ATOM   386 C  C4    . DT  B 1 7  ? -0.572  0.749   -3.503  1.00 26.74 ? 7   DT  B C4    1 
ATOM   387 O  O4    . DT  B 1 7  ? -1.545  -0.003  -3.450  1.00 26.35 ? 7   DT  B O4    1 
ATOM   388 C  C5    . DT  B 1 7  ? -0.560  1.966   -4.277  1.00 26.74 ? 7   DT  B C5    1 
ATOM   389 C  C7    . DT  B 1 7  ? -1.704  2.288   -5.190  1.00 27.62 ? 7   DT  B C7    1 
ATOM   390 C  C6    . DT  B 1 7  ? 0.551   2.723   -4.247  1.00 26.69 ? 7   DT  B C6    1 
ATOM   391 P  P     . DT  B 1 8  ? 6.662   4.569   -4.921  1.00 36.27 ? 8   DT  B P     1 
ATOM   392 O  OP1   . DT  B 1 8  ? 7.836   5.241   -4.328  1.00 37.47 ? 8   DT  B OP1   1 
ATOM   393 O  OP2   . DT  B 1 8  ? 6.292   4.742   -6.347  1.00 34.62 ? 8   DT  B OP2   1 
ATOM   394 O  "O5'" . DT  B 1 8  ? 6.788   3.003   -4.650  1.00 33.17 ? 8   DT  B "O5'" 1 
ATOM   395 C  "C5'" . DT  B 1 8  ? 7.173   2.563   -3.362  1.00 32.03 ? 8   DT  B "C5'" 1 
ATOM   396 C  "C4'" . DT  B 1 8  ? 7.080   1.062   -3.299  1.00 30.94 ? 8   DT  B "C4'" 1 
ATOM   397 O  "O4'" . DT  B 1 8  ? 5.706   0.656   -3.478  1.00 30.07 ? 8   DT  B "O4'" 1 
ATOM   398 C  "C3'" . DT  B 1 8  ? 7.878   0.335   -4.382  1.00 30.96 ? 8   DT  B "C3'" 1 
ATOM   399 O  "O3'" . DT  B 1 8  ? 8.860   -0.432  -3.694  1.00 32.53 ? 8   DT  B "O3'" 1 
ATOM   400 C  "C2'" . DT  B 1 8  ? 6.829   -0.474  -5.163  1.00 30.50 ? 8   DT  B "C2'" 1 
ATOM   401 C  "C1'" . DT  B 1 8  ? 5.702   -0.590  -4.148  1.00 28.76 ? 8   DT  B "C1'" 1 
ATOM   402 N  N1    . DT  B 1 8  ? 4.308   -0.764  -4.646  1.00 26.73 ? 8   DT  B N1    1 
ATOM   403 C  C2    . DT  B 1 8  ? 3.542   -1.789  -4.134  1.00 26.05 ? 8   DT  B C2    1 
ATOM   404 O  O2    . DT  B 1 8  ? 3.945   -2.601  -3.318  1.00 25.78 ? 8   DT  B O2    1 
ATOM   405 N  N3    . DT  B 1 8  ? 2.265   -1.846  -4.625  1.00 24.10 ? 8   DT  B N3    1 
ATOM   406 C  C4    . DT  B 1 8  ? 1.692   -0.998  -5.561  1.00 26.46 ? 8   DT  B C4    1 
ATOM   407 O  O4    . DT  B 1 8  ? 0.531   -1.145  -5.926  1.00 26.77 ? 8   DT  B O4    1 
ATOM   408 C  C5    . DT  B 1 8  ? 2.539   0.056   -6.065  1.00 26.35 ? 8   DT  B C5    1 
ATOM   409 C  C7    . DT  B 1 8  ? 2.071   0.923   -7.196  1.00 26.82 ? 8   DT  B C7    1 
ATOM   410 C  C6    . DT  B 1 8  ? 3.787   0.127   -5.576  1.00 26.22 ? 8   DT  B C6    1 
ATOM   411 P  P     . DC  B 1 9  ? 9.783   -1.489  -4.442  1.00 33.41 ? 9   DC  B P     1 
ATOM   412 O  OP1   . DC  B 1 9  ? 11.070  -1.533  -3.705  1.00 33.23 ? 9   DC  B OP1   1 
ATOM   413 O  OP2   . DC  B 1 9  ? 9.764   -1.216  -5.896  1.00 33.73 ? 9   DC  B OP2   1 
ATOM   414 O  "O5'" . DC  B 1 9  ? 8.984   -2.842  -4.174  1.00 32.06 ? 9   DC  B "O5'" 1 
ATOM   415 C  "C5'" . DC  B 1 9  ? 8.727   -3.226  -2.840  1.00 29.90 ? 9   DC  B "C5'" 1 
ATOM   416 C  "C4'" . DC  B 1 9  ? 7.985   -4.544  -2.829  1.00 28.57 ? 9   DC  B "C4'" 1 
ATOM   417 O  "O4'" . DC  B 1 9  ? 6.719   -4.422  -3.510  1.00 26.90 ? 9   DC  B "O4'" 1 
ATOM   418 C  "C3'" . DC  B 1 9  ? 8.719   -5.665  -3.540  1.00 28.37 ? 9   DC  B "C3'" 1 
ATOM   419 O  "O3'" . DC  B 1 9  ? 8.764   -6.753  -2.645  1.00 28.70 ? 9   DC  B "O3'" 1 
ATOM   420 C  "C2'" . DC  B 1 9  ? 7.905   -5.935  -4.807  1.00 27.45 ? 9   DC  B "C2'" 1 
ATOM   421 C  "C1'" . DC  B 1 9  ? 6.512   -5.556  -4.339  1.00 25.98 ? 9   DC  B "C1'" 1 
ATOM   422 N  N1    . DC  B 1 9  ? 5.515   -5.033  -5.294  1.00 23.93 ? 9   DC  B N1    1 
ATOM   423 C  C2    . DC  B 1 9  ? 4.268   -5.658  -5.430  1.00 23.61 ? 9   DC  B C2    1 
ATOM   424 O  O2    . DC  B 1 9  ? 4.017   -6.696  -4.796  1.00 24.47 ? 9   DC  B O2    1 
ATOM   425 N  N3    . DC  B 1 9  ? 3.366   -5.114  -6.274  1.00 23.95 ? 9   DC  B N3    1 
ATOM   426 C  C4    . DC  B 1 9  ? 3.649   -4.000  -6.951  1.00 24.12 ? 9   DC  B C4    1 
ATOM   427 N  N4    . DC  B 1 9  ? 2.728   -3.499  -7.764  1.00 22.65 ? 9   DC  B N4    1 
ATOM   428 C  C5    . DC  B 1 9  ? 4.911   -3.355  -6.820  1.00 23.51 ? 9   DC  B C5    1 
ATOM   429 C  C6    . DC  B 1 9  ? 5.801   -3.890  -5.981  1.00 24.43 ? 9   DC  B C6    1 
ATOM   430 P  P     . DG  B 1 10 ? 9.823   -7.930  -2.854  1.00 30.40 ? 10  DG  B P     1 
ATOM   431 O  OP1   . DG  B 1 10 ? 9.927   -8.591  -1.536  1.00 30.86 ? 10  DG  B OP1   1 
ATOM   432 O  OP2   . DG  B 1 10 ? 11.017  -7.420  -3.553  1.00 29.37 ? 10  DG  B OP2   1 
ATOM   433 O  "O5'" . DG  B 1 10 ? 9.086   -8.898  -3.897  1.00 28.76 ? 10  DG  B "O5'" 1 
ATOM   434 C  "C5'" . DG  B 1 10 ? 8.136   -9.848  -3.419  1.00 26.80 ? 10  DG  B "C5'" 1 
ATOM   435 C  "C4'" . DG  B 1 10 ? 7.466   -10.534 -4.586  1.00 25.12 ? 10  DG  B "C4'" 1 
ATOM   436 O  "O4'" . DG  B 1 10 ? 6.644   -9.574  -5.301  1.00 23.70 ? 10  DG  B "O4'" 1 
ATOM   437 C  "C3'" . DG  B 1 10 ? 8.438   -11.081 -5.621  1.00 24.51 ? 10  DG  B "C3'" 1 
ATOM   438 O  "O3'" . DG  B 1 10 ? 7.952   -12.295 -6.123  1.00 26.12 ? 10  DG  B "O3'" 1 
ATOM   439 C  "C2'" . DG  B 1 10 ? 8.398   -10.031 -6.709  1.00 24.08 ? 10  DG  B "C2'" 1 
ATOM   440 C  "C1'" . DG  B 1 10 ? 6.905   -9.745  -6.679  1.00 21.92 ? 10  DG  B "C1'" 1 
ATOM   441 N  N9    . DG  B 1 10 ? 6.456   -8.568  -7.407  1.00 21.46 ? 10  DG  B N9    1 
ATOM   442 C  C8    . DG  B 1 10 ? 7.158   -7.432  -7.741  1.00 21.74 ? 10  DG  B C8    1 
ATOM   443 N  N7    . DG  B 1 10 ? 6.436   -6.566  -8.387  1.00 22.01 ? 10  DG  B N7    1 
ATOM   444 C  C5    . DG  B 1 10 ? 5.191   -7.170  -8.498  1.00 21.04 ? 10  DG  B C5    1 
ATOM   445 C  C6    . DG  B 1 10 ? 4.005   -6.715  -9.101  1.00 21.39 ? 10  DG  B C6    1 
ATOM   446 O  O6    . DG  B 1 10 ? 3.825   -5.635  -9.687  1.00 22.37 ? 10  DG  B O6    1 
ATOM   447 N  N1    . DG  B 1 10 ? 2.958   -7.643  -8.987  1.00 21.01 ? 10  DG  B N1    1 
ATOM   448 C  C2    . DG  B 1 10 ? 3.051   -8.860  -8.352  1.00 21.03 ? 10  DG  B C2    1 
ATOM   449 N  N2    . DG  B 1 10 ? 1.955   -9.644  -8.342  1.00 22.03 ? 10  DG  B N2    1 
ATOM   450 N  N3    . DG  B 1 10 ? 4.163   -9.297  -7.784  1.00 21.03 ? 10  DG  B N3    1 
ATOM   451 C  C4    . DG  B 1 10 ? 5.185   -8.398  -7.895  1.00 20.22 ? 10  DG  B C4    1 
ATOM   452 P  P     . DC  B 1 11 ? 8.712   -13.669 -5.969  1.00 26.08 ? 11  DC  B P     1 
ATOM   453 O  OP1   . DC  B 1 11 ? 8.837   -13.960 -4.533  1.00 28.03 ? 11  DC  B OP1   1 
ATOM   454 O  OP2   . DC  B 1 11 ? 9.909   -13.661 -6.838  1.00 26.91 ? 11  DC  B OP2   1 
ATOM   455 O  "O5'" . DC  B 1 11 ? 7.644   -14.663 -6.630  1.00 25.49 ? 11  DC  B "O5'" 1 
ATOM   456 C  "C5'" . DC  B 1 11 ? 6.422   -14.949 -5.953  1.00 22.39 ? 11  DC  B "C5'" 1 
ATOM   457 C  "C4'" . DC  B 1 11 ? 5.285   -15.186 -6.923  1.00 21.10 ? 11  DC  B "C4'" 1 
ATOM   458 O  "O4'" . DC  B 1 11 ? 4.928   -13.915 -7.527  1.00 19.31 ? 11  DC  B "O4'" 1 
ATOM   459 C  "C3'" . DC  B 1 11 ? 5.645   -16.127 -8.061  1.00 19.88 ? 11  DC  B "C3'" 1 
ATOM   460 O  "O3'" . DC  B 1 11 ? 4.520   -16.890 -8.410  1.00 21.52 ? 11  DC  B "O3'" 1 
ATOM   461 C  "C2'" . DC  B 1 11 ? 6.025   -15.175 -9.172  1.00 18.56 ? 11  DC  B "C2'" 1 
ATOM   462 C  "C1'" . DC  B 1 11 ? 5.005   -14.067 -8.913  1.00 18.80 ? 11  DC  B "C1'" 1 
ATOM   463 N  N1    . DC  B 1 11 ? 5.340   -12.731 -9.500  1.00 18.48 ? 11  DC  B N1    1 
ATOM   464 C  C2    . DC  B 1 11 ? 4.295   -11.960 -10.046 1.00 18.33 ? 11  DC  B C2    1 
ATOM   465 O  O2    . DC  B 1 11 ? 3.124   -12.372 -10.045 1.00 21.05 ? 11  DC  B O2    1 
ATOM   466 N  N3    . DC  B 1 11 ? 4.604   -10.772 -10.589 1.00 18.41 ? 11  DC  B N3    1 
ATOM   467 C  C4    . DC  B 1 11 ? 5.861   -10.308 -10.571 1.00 18.82 ? 11  DC  B C4    1 
ATOM   468 N  N4    . DC  B 1 11 ? 6.074   -9.108  -11.115 1.00 20.12 ? 11  DC  B N4    1 
ATOM   469 C  C5    . DC  B 1 11 ? 6.915   -11.055 -9.995  1.00 19.33 ? 11  DC  B C5    1 
ATOM   470 C  C6    . DC  B 1 11 ? 6.613   -12.245 -9.459  1.00 19.40 ? 11  DC  B C6    1 
ATOM   471 P  P     . DG  B 1 12 ? 4.635   -18.350 -9.037  1.00 23.50 ? 12  DG  B P     1 
ATOM   472 O  OP1   . DG  B 1 12 ? 3.235   -18.813 -9.103  1.00 24.74 ? 12  DG  B OP1   1 
ATOM   473 O  OP2   . DG  B 1 12 ? 5.657   -19.138 -8.315  1.00 23.51 ? 12  DG  B OP2   1 
ATOM   474 O  "O5'" . DG  B 1 12 ? 5.153   -18.125 -10.529 1.00 22.19 ? 12  DG  B "O5'" 1 
ATOM   475 C  "C5'" . DG  B 1 12 ? 4.338   -17.541 -11.518 1.00 22.18 ? 12  DG  B "C5'" 1 
ATOM   476 C  "C4'" . DG  B 1 12 ? 5.102   -17.507 -12.828 1.00 22.54 ? 12  DG  B "C4'" 1 
ATOM   477 O  "O4'" . DG  B 1 12 ? 6.257   -16.638 -12.706 1.00 21.27 ? 12  DG  B "O4'" 1 
ATOM   478 C  "C3'" . DG  B 1 12 ? 5.634   -18.869 -13.261 1.00 23.17 ? 12  DG  B "C3'" 1 
ATOM   479 O  "O3'" . DG  B 1 12 ? 4.749   -19.476 -14.201 1.00 23.43 ? 12  DG  B "O3'" 1 
ATOM   480 C  "C2'" . DG  B 1 12 ? 7.000   -18.543 -13.857 1.00 23.44 ? 12  DG  B "C2'" 1 
ATOM   481 C  "C1'" . DG  B 1 12 ? 7.450   -17.345 -13.026 1.00 23.48 ? 12  DG  B "C1'" 1 
ATOM   482 N  N9    . DG  B 1 12 ? 8.087   -17.616 -11.743 1.00 23.40 ? 12  DG  B N9    1 
ATOM   483 C  C8    . DG  B 1 12 ? 8.174   -18.811 -11.073 1.00 23.68 ? 12  DG  B C8    1 
ATOM   484 N  N7    . DG  B 1 12 ? 8.770   -18.716 -9.922  1.00 22.58 ? 12  DG  B N7    1 
ATOM   485 C  C5    . DG  B 1 12 ? 9.085   -17.377 -9.819  1.00 23.72 ? 12  DG  B C5    1 
ATOM   486 C  C6    . DG  B 1 12 ? 9.732   -16.678 -8.772  1.00 23.95 ? 12  DG  B C6    1 
ATOM   487 O  O6    . DG  B 1 12 ? 10.170  -17.154 -7.718  1.00 24.17 ? 12  DG  B O6    1 
ATOM   488 N  N1    . DG  B 1 12 ? 9.881   -15.312 -9.037  1.00 23.86 ? 12  DG  B N1    1 
ATOM   489 C  C2    . DG  B 1 12 ? 9.414   -14.703 -10.184 1.00 22.91 ? 12  DG  B C2    1 
ATOM   490 N  N2    . DG  B 1 12 ? 9.644   -13.383 -10.271 1.00 23.19 ? 12  DG  B N2    1 
ATOM   491 N  N3    . DG  B 1 12 ? 8.807   -15.353 -11.180 1.00 22.16 ? 12  DG  B N3    1 
ATOM   492 C  C4    . DG  B 1 12 ? 8.667   -16.680 -10.927 1.00 23.04 ? 12  DG  B C4    1 
HETATM 493 ZN ZN    . ZN  C 2 .  ? 1.703   -19.178 -7.956  1.00 26.85 ? 308 ZN  B ZN    1 
HETATM 494 N  N1    . SPM D 3 .  ? -0.409  4.767   19.106  1.00 41.93 ? 309 SPM B N1    1 
HETATM 495 C  C2    . SPM D 3 .  ? -0.999  6.082   19.297  1.00 41.24 ? 309 SPM B C2    1 
HETATM 496 C  C3    . SPM D 3 .  ? -0.547  7.006   18.168  1.00 40.09 ? 309 SPM B C3    1 
HETATM 497 C  C4    . SPM D 3 .  ? -1.475  6.938   16.959  1.00 39.14 ? 309 SPM B C4    1 
HETATM 498 N  N5    . SPM D 3 .  ? -0.988  7.783   15.887  1.00 38.47 ? 309 SPM B N5    1 
HETATM 499 C  C6    . SPM D 3 .  ? 0.101   7.316   15.057  1.00 37.64 ? 309 SPM B C6    1 
HETATM 500 C  C7    . SPM D 3 .  ? 0.540   8.349   14.036  1.00 36.19 ? 309 SPM B C7    1 
HETATM 501 C  C8    . SPM D 3 .  ? 1.812   7.907   13.349  1.00 37.45 ? 309 SPM B C8    1 
HETATM 502 C  C9    . SPM D 3 .  ? 2.048   8.613   12.021  1.00 38.72 ? 309 SPM B C9    1 
HETATM 503 N  N10   . SPM D 3 .  ? 3.450   8.564   11.648  1.00 40.22 ? 309 SPM B N10   1 
HETATM 504 C  C11   . SPM D 3 .  ? 4.181   7.300   11.687  1.00 40.83 ? 309 SPM B C11   1 
HETATM 505 C  C12   . SPM D 3 .  ? 5.650   7.467   11.311  1.00 42.17 ? 309 SPM B C12   1 
HETATM 506 C  C13   . SPM D 3 .  ? 6.459   6.217   11.638  1.00 42.96 ? 309 SPM B C13   1 
HETATM 507 N  N14   . SPM D 3 .  ? 6.568   5.382   10.456  1.00 44.49 ? 309 SPM B N14   1 
HETATM 508 O  O     . HOH E 4 .  ? 10.174  3.399   1.325   1.00 48.89 ? 209 HOH A O     1 
HETATM 509 O  O     . HOH E 4 .  ? 4.975   1.255   -0.396  1.00 28.32 ? 210 HOH A O     1 
HETATM 510 O  O     . HOH E 4 .  ? 8.564   9.229   1.670   1.00 52.81 ? 218 HOH A O     1 
HETATM 511 O  O     . HOH E 4 .  ? -0.822  -6.728  4.385   1.00 47.18 ? 219 HOH A O     1 
HETATM 512 O  O     . HOH E 4 .  ? -3.348  -2.729  3.215   1.00 35.65 ? 220 HOH A O     1 
HETATM 513 O  O     . HOH E 4 .  ? -4.419  -3.069  -1.159  1.00 49.28 ? 221 HOH A O     1 
HETATM 514 O  O     . HOH E 4 .  ? -1.016  -2.571  -9.001  1.00 34.74 ? 224 HOH A O     1 
HETATM 515 O  O     . HOH E 4 .  ? -1.252  -1.129  6.706   1.00 35.05 ? 225 HOH A O     1 
HETATM 516 O  O     . HOH E 4 .  ? 2.109   2.617   8.593   1.00 32.95 ? 226 HOH A O     1 
HETATM 517 O  O     . HOH E 4 .  ? 5.840   0.575   6.648   1.00 53.61 ? 227 HOH A O     1 
HETATM 518 O  O     . HOH E 4 .  ? 3.250   -3.917  6.229   1.00 36.72 ? 228 HOH A O     1 
HETATM 519 O  O     . HOH E 4 .  ? 9.142   -1.414  0.326   1.00 41.26 ? 229 HOH A O     1 
HETATM 520 O  O     . HOH E 4 .  ? 3.765   7.210   8.554   1.00 32.62 ? 233 HOH A O     1 
HETATM 521 O  O     . HOH E 4 .  ? 1.678   5.064   10.091  1.00 36.35 ? 234 HOH A O     1 
HETATM 522 O  O     . HOH E 4 .  ? 6.583   -1.182  -0.371  1.00 31.97 ? 235 HOH A O     1 
HETATM 523 O  O     . HOH E 4 .  ? -4.079  -2.602  -5.289  1.00 42.79 ? 239 HOH A O     1 
HETATM 524 O  O     . HOH E 4 .  ? -3.500  -4.679  1.058   1.00 38.50 ? 240 HOH A O     1 
HETATM 525 O  O     . HOH E 4 .  ? 4.573   -6.671  8.309   1.00 59.03 ? 243 HOH A O     1 
HETATM 526 O  O     . HOH E 4 .  ? 8.076   -5.317  5.866   1.00 52.97 ? 244 HOH A O     1 
HETATM 527 O  O     . HOH E 4 .  ? 3.195   -7.491  -2.050  1.00 34.44 ? 245 HOH A O     1 
HETATM 528 O  O     . HOH E 4 .  ? 1.855   -10.874 -4.187  1.00 36.66 ? 246 HOH A O     1 
HETATM 529 O  O     . HOH E 4 .  ? 5.484   5.315   7.409   1.00 51.97 ? 247 HOH A O     1 
HETATM 530 O  O     . HOH E 4 .  ? -2.026  14.548  1.590   1.00 40.60 ? 262 HOH A O     1 
HETATM 531 O  O     . HOH E 4 .  ? 1.484   19.147  4.150   1.00 61.76 ? 263 HOH A O     1 
HETATM 532 O  O     . HOH E 4 .  ? 8.844   6.608   0.595   1.00 48.44 ? 264 HOH A O     1 
HETATM 533 O  O     . HOH E 4 .  ? 7.113   10.128  -0.151  1.00 52.69 ? 265 HOH A O     1 
HETATM 534 O  O     . HOH E 4 .  ? -3.640  -3.732  -8.458  1.00 51.02 ? 268 HOH A O     1 
HETATM 535 O  O     . HOH E 4 .  ? -6.874  -6.333  -6.925  1.00 50.20 ? 269 HOH A O     1 
HETATM 536 O  O     . HOH E 4 .  ? -9.050  -8.927  -13.221 1.00 86.19 ? 270 HOH A O     1 
HETATM 537 O  O     . HOH E 4 .  ? -3.478  -14.370 -5.041  1.00 38.46 ? 271 HOH A O     1 
HETATM 538 O  O     . HOH E 4 .  ? -5.994  -15.144 -8.087  0.50 28.31 ? 272 HOH A O     1 
HETATM 539 O  O     . HOH E 4 .  ? -7.454  -13.135 -10.187 0.50 35.65 ? 273 HOH A O     1 
HETATM 540 O  O     . HOH E 4 .  ? -6.377  -14.105 -5.884  0.50 35.01 ? 274 HOH A O     1 
HETATM 541 O  O     . HOH E 4 .  ? 0.136   -3.374  7.847   1.00 73.13 ? 275 HOH A O     1 
HETATM 542 O  O     . HOH E 4 .  ? 4.803   2.476   8.096   1.00 42.72 ? 276 HOH A O     1 
HETATM 543 O  O     . HOH E 4 .  ? 9.127   -4.339  0.647   1.00 52.89 ? 277 HOH A O     1 
HETATM 544 O  O     . HOH E 4 .  ? 9.742   -4.401  3.264   1.00 59.41 ? 279 HOH A O     1 
HETATM 545 O  O     . HOH E 4 .  ? 9.171   7.725   6.229   1.00 48.79 ? 289 HOH A O     1 
HETATM 546 O  O     . HOH E 4 .  ? 2.461   11.234  9.895   1.00 28.47 ? 290 HOH A O     1 
HETATM 547 O  O     . HOH E 4 .  ? 1.926   15.658  2.066   0.50 32.66 ? 296 HOH A O     1 
HETATM 548 O  O     . HOH E 4 .  ? 2.266   14.560  0.342   0.50 32.01 ? 297 HOH A O     1 
HETATM 549 O  O     . HOH E 4 .  ? -1.751  18.234  2.761   1.00 48.22 ? 299 HOH A O     1 
HETATM 550 O  O     . HOH E 4 .  ? -5.996  18.942  4.740   1.00 54.58 ? 301 HOH A O     1 
HETATM 551 O  O     . HOH E 4 .  ? -7.608  20.392  8.378   1.00 53.30 ? 302 HOH A O     1 
HETATM 552 O  O     . HOH E 4 .  ? 1.597   20.325  6.938   1.00 63.31 ? 303 HOH A O     1 
HETATM 553 O  O     . HOH F 4 .  ? 2.843   -16.407 -15.396 1.00 23.53 ? 201 HOH B O     1 
HETATM 554 O  O     . HOH F 4 .  ? 3.826   -11.695 -6.229  1.00 22.77 ? 203 HOH B O     1 
HETATM 555 O  O     . HOH F 4 .  ? 9.089   -8.325  -10.628 1.00 28.79 ? 204 HOH B O     1 
HETATM 556 O  O     . HOH F 4 .  ? 3.782   -1.436  -9.466  1.00 30.82 ? 205 HOH B O     1 
HETATM 557 O  O     . HOH F 4 .  ? 4.867   4.063   -0.452  1.00 31.80 ? 206 HOH B O     1 
HETATM 558 O  O     . HOH F 4 .  ? 5.108   -3.514  -0.958  1.00 29.30 ? 207 HOH B O     1 
HETATM 559 O  O     . HOH F 4 .  ? 5.630   -6.185  -0.627  1.00 34.65 ? 208 HOH B O     1 
HETATM 560 O  O     . HOH F 4 .  ? 2.333   5.268   -0.014  1.00 30.56 ? 211 HOH B O     1 
HETATM 561 O  O     . HOH F 4 .  ? 1.199   7.655   -0.222  1.00 32.04 ? 212 HOH B O     1 
HETATM 562 O  O     . HOH F 4 .  ? -4.003  -0.254  -4.239  1.00 35.11 ? 213 HOH B O     1 
HETATM 563 O  O     . HOH F 4 .  ? -5.350  1.342   -2.313  1.00 40.19 ? 214 HOH B O     1 
HETATM 564 O  O     . HOH F 4 .  ? -7.465  1.972   -3.551  1.00 52.51 ? 215 HOH B O     1 
HETATM 565 O  O     . HOH F 4 .  ? 6.872   5.708   -1.035  1.00 40.74 ? 216 HOH B O     1 
HETATM 566 O  O     . HOH F 4 .  ? 5.241   2.505   -7.723  1.00 48.01 ? 217 HOH B O     1 
HETATM 567 O  O     . HOH F 4 .  ? 0.700   4.460   -7.173  1.00 38.16 ? 222 HOH B O     1 
HETATM 568 O  O     . HOH F 4 .  ? -1.245  -0.306  -7.686  1.00 41.57 ? 223 HOH B O     1 
HETATM 569 O  O     . HOH F 4 .  ? 12.238  -3.613  -2.421  1.00 59.33 ? 231 HOH B O     1 
HETATM 570 O  O     . HOH F 4 .  ? -1.490  7.396   1.108   1.00 29.71 ? 232 HOH B O     1 
HETATM 571 O  O     . HOH F 4 .  ? 7.898   -1.707  -8.386  1.00 45.96 ? 236 HOH B O     1 
HETATM 572 O  O     . HOH F 4 .  ? 7.685   -4.266  -9.312  1.00 31.26 ? 237 HOH B O     1 
HETATM 573 O  O     . HOH F 4 .  ? 4.934   -3.638  -10.957 1.00 35.74 ? 238 HOH B O     1 
HETATM 574 O  O     . HOH F 4 .  ? -9.456  0.792   5.738   1.00 91.98 ? 241 HOH B O     1 
HETATM 575 O  O     . HOH F 4 .  ? -2.431  0.729   7.970   1.00 35.66 ? 242 HOH B O     1 
HETATM 576 O  O     . HOH F 4 .  ? -4.205  4.605   -5.365  1.00 48.02 ? 249 HOH B O     1 
HETATM 577 O  O     . HOH F 4 .  ? -5.041  -0.785  4.000   1.00 44.70 ? 251 HOH B O     1 
HETATM 578 O  O     . HOH F 4 .  ? -14.054 4.781   3.239   1.00 61.28 ? 252 HOH B O     1 
HETATM 579 O  O     . HOH F 4 .  ? -11.055 9.429   3.794   1.00 36.70 ? 253 HOH B O     1 
HETATM 580 O  O     . HOH F 4 .  ? -4.484  9.473   3.153   1.00 39.50 ? 254 HOH B O     1 
HETATM 581 O  O     . HOH F 4 .  ? -5.288  0.256   7.603   1.00 45.50 ? 255 HOH B O     1 
HETATM 582 O  O     . HOH F 4 .  ? -7.594  0.289   9.540   1.00 47.62 ? 256 HOH B O     1 
HETATM 583 O  O     . HOH F 4 .  ? 0.839   4.391   16.810  1.00 58.25 ? 257 HOH B O     1 
HETATM 584 O  O     . HOH F 4 .  ? -13.044 -0.404  7.666   1.00 48.57 ? 259 HOH B O     1 
HETATM 585 O  O     . HOH F 4 .  ? -13.723 8.582   6.837   1.00 40.56 ? 260 HOH B O     1 
HETATM 586 O  O     . HOH F 4 .  ? -5.991  -4.289  17.884  1.00 39.44 ? 266 HOH B O     1 
HETATM 587 O  O     . HOH F 4 .  ? 6.838   -13.518 -2.500  1.00 46.28 ? 278 HOH B O     1 
HETATM 588 O  O     . HOH F 4 .  ? 12.618  -5.465  -4.351  1.00 59.89 ? 281 HOH B O     1 
HETATM 589 O  O     . HOH F 4 .  ? 3.969   8.480   -6.765  1.00 57.37 ? 285 HOH B O     1 
HETATM 590 O  O     . HOH F 4 .  ? -0.123  7.858   -9.485  1.00 54.33 ? 286 HOH B O     1 
HETATM 591 O  O     . HOH F 4 .  ? -8.577  4.080   -5.041  1.00 50.58 ? 288 HOH B O     1 
HETATM 592 O  O     . HOH F 4 .  ? 5.199   8.408   14.722  1.00 62.29 ? 291 HOH B O     1 
HETATM 593 O  O     . HOH F 4 .  ? 4.061   3.447   11.720  0.50 38.73 ? 292 HOH B O     1 
HETATM 594 O  O     . HOH F 4 .  ? 6.917   3.233   12.566  0.50 55.32 ? 293 HOH B O     1 
HETATM 595 O  O     . HOH F 4 .  ? 0.350   4.813   12.589  1.00 40.93 ? 294 HOH B O     1 
HETATM 596 O  O     . HOH F 4 .  ? -3.275  11.816  2.677   1.00 42.00 ? 298 HOH B O     1 
HETATM 597 O  O     . HOH F 4 .  ? -4.841  11.364  -1.300  0.50 33.29 ? 304 HOH B O     1 
HETATM 598 O  O     . HOH F 4 .  ? -4.164  12.952  -2.411  0.50 35.36 ? 305 HOH B O     1 
HETATM 599 O  O     . HOH F 4 .  ? 6.331   -19.008 -5.842  1.00 49.85 ? 306 HOH B O     1 
HETATM 600 O  O     . HOH F 4 .  ? 5.905   -21.542 -9.136  1.00 50.63 ? 307 HOH B O     1 
# 
loop_
_atom_site_anisotrop.id 
_atom_site_anisotrop.type_symbol 
_atom_site_anisotrop.pdbx_label_atom_id 
_atom_site_anisotrop.pdbx_label_alt_id 
_atom_site_anisotrop.pdbx_label_comp_id 
_atom_site_anisotrop.pdbx_label_asym_id 
_atom_site_anisotrop.pdbx_label_seq_id 
_atom_site_anisotrop.pdbx_PDB_ins_code 
_atom_site_anisotrop.U[1][1] 
_atom_site_anisotrop.U[2][2] 
_atom_site_anisotrop.U[3][3] 
_atom_site_anisotrop.U[1][2] 
_atom_site_anisotrop.U[1][3] 
_atom_site_anisotrop.U[2][3] 
_atom_site_anisotrop.pdbx_auth_seq_id 
_atom_site_anisotrop.pdbx_auth_comp_id 
_atom_site_anisotrop.pdbx_auth_asym_id 
_atom_site_anisotrop.pdbx_auth_atom_id 
1   O  "O5'" . DC  A 1  ? 0.5342 0.5199 0.5374 -0.0099 -0.0093 0.0143  1   DC  A "O5'" 
2   C  "C5'" . DC  A 1  ? 0.4830 0.4894 0.4992 0.0015  -0.0043 0.0138  1   DC  A "C5'" 
3   C  "C4'" . DC  A 1  ? 0.4708 0.4708 0.4711 0.0036  -0.0027 0.0169  1   DC  A "C4'" 
4   O  "O4'" . DC  A 1  ? 0.4448 0.4468 0.4688 0.0088  -0.0051 0.0275  1   DC  A "O4'" 
5   C  "C3'" . DC  A 1  ? 0.4460 0.4434 0.4411 0.0139  -0.0080 0.0204  1   DC  A "C3'" 
6   O  "O3'" . DC  A 1  ? 0.4390 0.4281 0.3968 0.0285  -0.0138 0.0490  1   DC  A "O3'" 
7   C  "C2'" . DC  A 1  ? 0.4400 0.4341 0.4323 0.0000  -0.0022 0.0066  1   DC  A "C2'" 
8   C  "C1'" . DC  A 1  ? 0.4222 0.4207 0.4291 -0.0041 0.0020  0.0121  1   DC  A "C1'" 
9   N  N1    . DC  A 1  ? 0.3977 0.4059 0.4001 -0.0109 0.0120  0.0091  1   DC  A N1    
10  C  C2    . DC  A 1  ? 0.3753 0.3974 0.3866 -0.0192 0.0183  0.0184  1   DC  A C2    
11  O  O2    . DC  A 1  ? 0.3646 0.3789 0.3468 -0.0235 0.0357  0.0232  1   DC  A O2    
12  N  N3    . DC  A 1  ? 0.3767 0.3920 0.3757 -0.0162 0.0199  0.0147  1   DC  A N3    
13  C  C4    . DC  A 1  ? 0.3959 0.4031 0.3954 -0.0128 0.0128  0.0164  1   DC  A C4    
14  N  N4    . DC  A 1  ? 0.3975 0.3965 0.3946 -0.0172 0.0139  0.0111  1   DC  A N4    
15  C  C5    . DC  A 1  ? 0.3951 0.3986 0.3891 -0.0087 0.0055  0.0055  1   DC  A C5    
16  C  C6    . DC  A 1  ? 0.4079 0.4087 0.4072 -0.0107 0.0028  0.0058  1   DC  A C6    
17  P  P     . DG  A 2  ? 0.4134 0.4107 0.4005 0.0468  -0.0298 0.0483  2   DG  A P     
18  O  OP1   . DG  A 2  ? 0.4489 0.4120 0.4166 0.0225  -0.0352 0.0601  2   DG  A OP1   
19  O  OP2   . DG  A 2  ? 0.4318 0.4275 0.3964 0.0463  -0.0073 0.0521  2   DG  A OP2   
20  O  "O5'" . DG  A 2  ? 0.3797 0.3925 0.3726 0.0310  -0.0165 0.0333  2   DG  A "O5'" 
21  C  "C5'" . DG  A 2  ? 0.3673 0.3766 0.3585 0.0209  -0.0116 0.0152  2   DG  A "C5'" 
22  C  "C4'" . DG  A 2  ? 0.3523 0.3781 0.3678 0.0127  -0.0033 0.0103  2   DG  A "C4'" 
23  O  "O4'" . DG  A 2  ? 0.3038 0.3708 0.3347 0.0164  -0.0136 0.0177  2   DG  A "O4'" 
24  C  "C3'" . DG  A 2  ? 0.3552 0.3757 0.3558 0.0078  -0.0022 0.0062  2   DG  A "C3'" 
25  O  "O3'" . DG  A 2  ? 0.3866 0.4381 0.3885 -0.0005 -0.0053 0.0145  2   DG  A "O3'" 
26  C  "C2'" . DG  A 2  ? 0.3187 0.3382 0.3346 0.0157  -0.0119 0.0118  2   DG  A "C2'" 
27  C  "C1'" . DG  A 2  ? 0.3015 0.3181 0.2962 0.0153  -0.0077 0.0039  2   DG  A "C1'" 
28  N  N9    . DG  A 2  ? 0.2940 0.3063 0.2687 0.0248  -0.0091 0.0230  2   DG  A N9    
29  C  C8    . DG  A 2  ? 0.2903 0.3007 0.2939 0.0185  -0.0199 0.0141  2   DG  A C8    
30  N  N7    . DG  A 2  ? 0.2969 0.3040 0.2941 0.0375  -0.0329 0.0132  2   DG  A N7    
31  C  C5    . DG  A 2  ? 0.2824 0.2905 0.2690 0.0174  -0.0171 0.0189  2   DG  A C5    
32  C  C6    . DG  A 2  ? 0.2823 0.2927 0.2762 0.0166  -0.0194 -0.0009 2   DG  A C6    
33  O  O6    . DG  A 2  ? 0.2955 0.3040 0.2945 0.0197  -0.0190 0.0114  2   DG  A O6    
34  N  N1    . DG  A 2  ? 0.2842 0.2884 0.2657 0.0155  -0.0154 0.0101  2   DG  A N1    
35  C  C2    . DG  A 2  ? 0.2886 0.2976 0.2857 0.0212  -0.0237 0.0064  2   DG  A C2    
36  N  N2    . DG  A 2  ? 0.2859 0.2980 0.2731 0.0202  -0.0166 0.0210  2   DG  A N2    
37  N  N3    . DG  A 2  ? 0.2813 0.2937 0.2735 0.0399  -0.0198 0.0319  2   DG  A N3    
38  C  C4    . DG  A 2  ? 0.2810 0.3048 0.3016 0.0388  -0.0154 0.0148  2   DG  A C4    
39  P  P     . DC  A 3  ? 0.3927 0.4758 0.4419 0.0038  -0.0123 0.0257  3   DC  A P     
40  O  OP1   . DC  A 3  ? 0.3370 0.4712 0.3782 -0.0329 -0.0754 0.0024  3   DC  A OP1   
41  O  OP2   . DC  A 3  ? 0.3847 0.4777 0.4408 -0.0085 -0.0267 0.0126  3   DC  A OP2   
42  O  "O5'" . DC  A 3  ? 0.3515 0.4426 0.3828 -0.0025 -0.0323 0.0047  3   DC  A "O5'" 
43  C  "C5'" . DC  A 3  ? 0.3471 0.3978 0.3722 -0.0036 -0.0085 0.0110  3   DC  A "C5'" 
44  C  "C4'" . DC  A 3  ? 0.3535 0.3851 0.3580 -0.0057 -0.0036 0.0081  3   DC  A "C4'" 
45  O  "O4'" . DC  A 3  ? 0.3038 0.3709 0.2953 0.0054  0.0041  0.0076  3   DC  A "O4'" 
46  C  "C3'" . DC  A 3  ? 0.3488 0.3796 0.3553 -0.0041 0.0016  0.0056  3   DC  A "C3'" 
47  O  "O3'" . DC  A 3  ? 0.3995 0.4235 0.4006 -0.0068 0.0116  0.0146  3   DC  A "O3'" 
48  C  "C2'" . DC  A 3  ? 0.3391 0.3667 0.3440 0.0043  0.0056  0.0042  3   DC  A "C2'" 
49  C  "C1'" . DC  A 3  ? 0.3068 0.3412 0.3179 0.0059  -0.0032 0.0020  3   DC  A "C1'" 
50  N  N1    . DC  A 3  ? 0.2991 0.3241 0.2948 0.0077  -0.0013 0.0134  3   DC  A N1    
51  C  C2    . DC  A 3  ? 0.2958 0.3266 0.3053 -0.0022 -0.0213 0.0103  3   DC  A C2    
52  O  O2    . DC  A 3  ? 0.2751 0.3082 0.2824 0.0038  -0.0030 0.0183  3   DC  A O2    
53  N  N3    . DC  A 3  ? 0.2646 0.3082 0.2708 -0.0134 -0.0093 0.0273  3   DC  A N3    
54  C  C4    . DC  A 3  ? 0.2884 0.3289 0.2903 -0.0047 -0.0149 0.0043  3   DC  A C4    
55  N  N4    . DC  A 3  ? 0.2913 0.3196 0.2837 -0.0017 0.0092  0.0092  3   DC  A N4    
56  C  C5    . DC  A 3  ? 0.2932 0.3177 0.2956 0.0050  -0.0077 0.0138  3   DC  A C5    
57  C  C6    . DC  A 3  ? 0.2970 0.3271 0.3058 0.0051  -0.0119 0.0065  3   DC  A C6    
58  P  P     . DG  A 4  ? 0.4193 0.4616 0.4434 -0.0236 0.0157  0.0267  4   DG  A P     
59  O  OP1   . DG  A 4  ? 0.4327 0.4793 0.4534 -0.0166 0.0301  0.0416  4   DG  A OP1   
60  O  OP2   . DG  A 4  ? 0.4270 0.4637 0.4607 0.0049  0.0296  0.0205  4   DG  A OP2   
61  O  "O5'" . DG  A 4  ? 0.3918 0.4342 0.4043 -0.0147 0.0114  0.0143  4   DG  A "O5'" 
62  C  "C5'" . DG  A 4  ? 0.3689 0.3907 0.3772 -0.0082 0.0087  0.0053  4   DG  A "C5'" 
63  C  "C4'" . DG  A 4  ? 0.3473 0.3652 0.3586 -0.0032 0.0088  -0.0041 4   DG  A "C4'" 
64  O  "O4'" . DG  A 4  ? 0.3159 0.3376 0.3189 -0.0052 0.0228  -0.0100 4   DG  A "O4'" 
65  C  "C3'" . DG  A 4  ? 0.3402 0.3605 0.3578 -0.0070 0.0084  0.0044  4   DG  A "C3'" 
66  O  "O3'" . DG  A 4  ? 0.3461 0.4014 0.3846 -0.0115 0.0132  0.0011  4   DG  A "O3'" 
67  C  "C2'" . DG  A 4  ? 0.3350 0.3501 0.3490 -0.0017 0.0094  -0.0010 4   DG  A "C2'" 
68  C  "C1'" . DG  A 4  ? 0.2943 0.3175 0.3147 0.0041  0.0146  -0.0053 4   DG  A "C1'" 
69  N  N9    . DG  A 4  ? 0.2857 0.3020 0.3137 0.0147  0.0060  -0.0020 4   DG  A N9    
70  C  C8    . DG  A 4  ? 0.2804 0.3065 0.3018 0.0073  0.0022  -0.0051 4   DG  A C8    
71  N  N7    . DG  A 4  ? 0.2815 0.3084 0.2915 0.0066  0.0136  -0.0057 4   DG  A N7    
72  C  C5    . DG  A 4  ? 0.2710 0.3028 0.2933 0.0149  0.0065  -0.0128 4   DG  A C5    
73  C  C6    . DG  A 4  ? 0.2760 0.2993 0.2967 0.0070  0.0182  -0.0103 4   DG  A C6    
74  O  O6    . DG  A 4  ? 0.2850 0.2977 0.2899 0.0171  0.0137  -0.0070 4   DG  A O6    
75  N  N1    . DG  A 4  ? 0.2712 0.2854 0.2716 0.0136  0.0154  -0.0094 4   DG  A N1    
76  C  C2    . DG  A 4  ? 0.2798 0.3060 0.2896 0.0088  0.0113  -0.0120 4   DG  A C2    
77  N  N2    . DG  A 4  ? 0.2718 0.2841 0.2850 0.0227  0.0008  -0.0162 4   DG  A N2    
78  N  N3    . DG  A 4  ? 0.2629 0.3034 0.2874 0.0206  0.0154  -0.0080 4   DG  A N3    
79  C  C4    . DG  A 4  ? 0.2636 0.3050 0.2883 0.0027  0.0078  -0.0015 4   DG  A C4    
80  O  O1P   . TCY A 5  ? 0.4476 0.4345 0.4016 -0.0093 -0.0064 0.0153  5   TCY A O1P   
81  P  P     . TCY A 5  ? 0.4277 0.4386 0.4081 -0.0123 -0.0057 0.0127  5   TCY A P     
82  O  O2P   . TCY A 5  ? 0.3917 0.4358 0.3921 -0.0179 0.0203  0.0092  5   TCY A O2P   
83  C  "C8'" . TCY A 5  ? 0.4229 0.4151 0.4117 -0.0048 0.0075  0.0127  5   TCY A "C8'" 
84  O  "O5'" . TCY A 5  ? 0.4329 0.4184 0.3825 -0.0065 0.0147  0.0115  5   TCY A "O5'" 
85  C  "C5'" . TCY A 5  ? 0.4121 0.4092 0.4026 -0.0022 0.0027  0.0060  5   TCY A "C5'" 
86  C  "C6'" . TCY A 5  ? 0.4210 0.4124 0.4072 -0.0014 0.0004  0.0076  5   TCY A "C6'" 
87  C  "C4'" . TCY A 5  ? 0.4156 0.4010 0.3933 -0.0067 0.0009  0.0087  5   TCY A "C4'" 
88  C  "C3'" . TCY A 5  ? 0.4093 0.4016 0.3960 -0.0045 -0.0030 0.0058  5   TCY A "C3'" 
89  C  "C7'" . TCY A 5  ? 0.4101 0.3977 0.3948 -0.0055 -0.0005 0.0069  5   TCY A "C7'" 
90  O  "O3'" . TCY A 5  ? 0.4638 0.4171 0.3993 -0.0092 -0.0170 0.0273  5   TCY A "O3'" 
91  C  "C2'" . TCY A 5  ? 0.3877 0.3734 0.3732 -0.0051 -0.0009 0.0107  5   TCY A "C2'" 
92  C  "C1'" . TCY A 5  ? 0.3458 0.3442 0.3414 -0.0040 0.0050  -0.0041 5   TCY A "C1'" 
93  O  "O4'" . TCY A 5  ? 0.3919 0.3897 0.3896 0.0002  0.0071  -0.0110 5   TCY A "O4'" 
94  N  N9    . TCY A 5  ? 0.3296 0.3343 0.3166 0.0008  0.0050  0.0029  5   TCY A N9    
95  C  C4    . TCY A 5  ? 0.3260 0.3193 0.3092 -0.0002 0.0015  -0.0146 5   TCY A C4    
96  N  N3    . TCY A 5  ? 0.3385 0.3186 0.3083 -0.0031 0.0037  -0.0037 5   TCY A N3    
97  C  C2    . TCY A 5  ? 0.3275 0.3313 0.3228 -0.0061 0.0082  -0.0066 5   TCY A C2    
98  N  N1    . TCY A 5  ? 0.3173 0.3309 0.3024 -0.0024 0.0114  -0.0017 5   TCY A N1    
99  C  C6    . TCY A 5  ? 0.3218 0.3187 0.3025 0.0004  0.0017  -0.0099 5   TCY A C6    
100 N  N6    . TCY A 5  ? 0.3317 0.3179 0.3122 -0.0004 0.0061  -0.0133 5   TCY A N6    
101 C  C5    . TCY A 5  ? 0.3207 0.3267 0.3019 0.0009  0.0002  -0.0143 5   TCY A C5    
102 N  N7    . TCY A 5  ? 0.3280 0.3262 0.3154 -0.0037 0.0102  0.0018  5   TCY A N7    
103 C  C8    . TCY A 5  ? 0.3281 0.3285 0.3226 -0.0013 0.0082  -0.0070 5   TCY A C8    
104 P  P     . DA  A 6  ? 0.5044 0.4649 0.4524 -0.0075 -0.0174 0.0132  6   DA  A P     
105 O  OP1   . DA  A 6  ? 0.5095 0.4349 0.4445 -0.0092 -0.0264 0.0379  6   DA  A OP1   
106 O  OP2   . DA  A 6  ? 0.4908 0.4666 0.4944 0.0023  -0.0014 0.0258  6   DA  A OP2   
107 O  "O5'" . DA  A 6  ? 0.4542 0.4271 0.4358 0.0023  -0.0129 0.0213  6   DA  A "O5'" 
108 C  "C5'" . DA  A 6  ? 0.4171 0.4039 0.4009 0.0031  -0.0107 0.0005  6   DA  A "C5'" 
109 C  "C4'" . DA  A 6  ? 0.3988 0.3846 0.3811 0.0035  -0.0026 0.0034  6   DA  A "C4'" 
110 O  "O4'" . DA  A 6  ? 0.3691 0.3485 0.3617 0.0261  -0.0149 -0.0177 6   DA  A "O4'" 
111 C  "C3'" . DA  A 6  ? 0.3895 0.3710 0.3766 0.0079  -0.0040 -0.0070 6   DA  A "C3'" 
112 O  "O3'" . DA  A 6  ? 0.4079 0.3704 0.3930 0.0165  -0.0121 -0.0037 6   DA  A "O3'" 
113 C  "C2'" . DA  A 6  ? 0.3732 0.3631 0.3496 0.0051  -0.0057 -0.0090 6   DA  A "C2'" 
114 C  "C1'" . DA  A 6  ? 0.3452 0.3396 0.3400 0.0040  -0.0029 -0.0176 6   DA  A "C1'" 
115 N  N9    . DA  A 6  ? 0.3254 0.3056 0.3238 0.0073  -0.0001 -0.0214 6   DA  A N9    
116 C  C8    . DA  A 6  ? 0.3332 0.3227 0.3343 0.0022  0.0026  -0.0225 6   DA  A C8    
117 N  N7    . DA  A 6  ? 0.3293 0.3127 0.3323 0.0120  0.0100  -0.0061 6   DA  A N7    
118 C  C5    . DA  A 6  ? 0.3142 0.3017 0.3295 -0.0059 -0.0002 -0.0376 6   DA  A C5    
119 C  C6    . DA  A 6  ? 0.3244 0.3109 0.3085 0.0007  -0.0062 -0.0305 6   DA  A C6    
120 N  N6    . DA  A 6  ? 0.3237 0.3202 0.3328 0.0035  0.0061  -0.0359 6   DA  A N6    
121 N  N1    . DA  A 6  ? 0.3166 0.3034 0.3130 0.0117  -0.0048 -0.0240 6   DA  A N1    
122 C  C2    . DA  A 6  ? 0.3285 0.3158 0.3260 -0.0040 -0.0011 -0.0225 6   DA  A C2    
123 N  N3    . DA  A 6  ? 0.3089 0.3086 0.3327 -0.0043 -0.0018 -0.0136 6   DA  A N3    
124 C  C4    . DA  A 6  ? 0.3292 0.3211 0.3308 0.0010  -0.0006 -0.0307 6   DA  A C4    
125 P  P     . DT  A 7  ? 0.4493 0.4268 0.4447 0.0239  -0.0053 0.0038  7   DT  A P     
126 O  OP1   . DT  A 7  ? 0.4290 0.4059 0.4148 0.0327  -0.0119 -0.0045 7   DT  A OP1   
127 O  OP2   . DT  A 7  ? 0.4434 0.4260 0.4271 0.0311  0.0067  -0.0066 7   DT  A OP2   
128 O  "O5'" . DT  A 7  ? 0.4098 0.3763 0.4032 0.0168  -0.0191 -0.0161 7   DT  A "O5'" 
129 C  "C5'" . DT  A 7  ? 0.4013 0.3869 0.3971 0.0090  -0.0079 -0.0110 7   DT  A "C5'" 
130 C  "C4'" . DT  A 7  ? 0.3987 0.3860 0.3976 0.0031  -0.0077 -0.0133 7   DT  A "C4'" 
131 O  "O4'" . DT  A 7  ? 0.3703 0.3481 0.3787 0.0121  -0.0103 -0.0331 7   DT  A "O4'" 
132 C  "C3'" . DT  A 7  ? 0.3953 0.3886 0.4079 0.0032  -0.0048 -0.0103 7   DT  A "C3'" 
133 O  "O3'" . DT  A 7  ? 0.4130 0.4300 0.4544 0.0049  -0.0063 -0.0118 7   DT  A "O3'" 
134 C  "C2'" . DT  A 7  ? 0.3918 0.3890 0.3883 0.0066  -0.0069 -0.0048 7   DT  A "C2'" 
135 C  "C1'" . DT  A 7  ? 0.3785 0.3554 0.3624 0.0014  -0.0006 -0.0272 7   DT  A "C1'" 
136 N  N1    . DT  A 7  ? 0.3599 0.3209 0.3257 0.0018  -0.0041 -0.0385 7   DT  A N1    
137 C  C2    . DT  A 7  ? 0.3599 0.3233 0.3145 0.0037  0.0058  -0.0303 7   DT  A C2    
138 O  O2    . DT  A 7  ? 0.3595 0.3414 0.3392 0.0107  0.0070  -0.0414 7   DT  A O2    
139 N  N3    . DT  A 7  ? 0.3547 0.3252 0.3259 0.0060  0.0021  -0.0146 7   DT  A N3    
140 C  C4    . DT  A 7  ? 0.3568 0.3377 0.3327 0.0116  0.0075  -0.0245 7   DT  A C4    
141 O  O4    . DT  A 7  ? 0.3629 0.3391 0.3267 0.0039  0.0033  -0.0273 7   DT  A O4    
142 C  C5    . DT  A 7  ? 0.3525 0.3333 0.3233 0.0063  0.0033  -0.0221 7   DT  A C5    
143 C  C7    . DT  A 7  ? 0.3443 0.3610 0.3423 0.0060  -0.0021 -0.0086 7   DT  A C7    
144 C  C6    . DT  A 7  ? 0.3624 0.3410 0.3176 0.0029  -0.0002 -0.0318 7   DT  A C6    
145 P  P     . DT  A 8  ? 0.3968 0.4707 0.4979 -0.0265 -0.0276 -0.0057 8   DT  A P     
146 O  OP1   . DT  A 8  ? 0.4241 0.4707 0.5078 -0.0022 -0.0023 0.0023  8   DT  A OP1   
147 O  OP2   . DT  A 8  ? 0.3985 0.4647 0.4524 -0.0292 -0.0129 -0.0133 8   DT  A OP2   
148 O  "O5'" . DT  A 8  ? 0.3801 0.4155 0.4440 -0.0146 -0.0171 -0.0157 8   DT  A "O5'" 
149 C  "C5'" . DT  A 8  ? 0.3886 0.4076 0.4234 -0.0097 -0.0057 -0.0117 8   DT  A "C5'" 
150 C  "C4'" . DT  A 8  ? 0.3879 0.3896 0.4084 0.0010  -0.0052 -0.0149 8   DT  A "C4'" 
151 O  "O4'" . DT  A 8  ? 0.3819 0.3642 0.4018 0.0059  0.0021  -0.0275 8   DT  A "O4'" 
152 C  "C3'" . DT  A 8  ? 0.3850 0.3892 0.4092 -0.0020 -0.0053 -0.0104 8   DT  A "C3'" 
153 O  "O3'" . DT  A 8  ? 0.3784 0.4098 0.4400 -0.0135 -0.0086 -0.0122 8   DT  A "O3'" 
154 C  "C2'" . DT  A 8  ? 0.3896 0.3856 0.3970 -0.0043 -0.0028 -0.0101 8   DT  A "C2'" 
155 C  "C1'" . DT  A 8  ? 0.3648 0.3685 0.3726 0.0035  0.0024  -0.0148 8   DT  A "C1'" 
156 N  N1    . DT  A 8  ? 0.3486 0.3438 0.3501 0.0067  -0.0043 -0.0227 8   DT  A N1    
157 C  C2    . DT  A 8  ? 0.3316 0.3390 0.3193 0.0060  -0.0045 -0.0265 8   DT  A C2    
158 O  O2    . DT  A 8  ? 0.3258 0.3509 0.3216 0.0021  0.0077  -0.0186 8   DT  A O2    
159 N  N3    . DT  A 8  ? 0.3400 0.3305 0.3060 0.0058  -0.0054 -0.0227 8   DT  A N3    
160 C  C4    . DT  A 8  ? 0.3443 0.3489 0.3411 0.0100  0.0044  -0.0150 8   DT  A C4    
161 O  O4    . DT  A 8  ? 0.3463 0.3602 0.3502 0.0015  -0.0030 -0.0140 8   DT  A O4    
162 C  C5    . DT  A 8  ? 0.3279 0.3399 0.3345 0.0084  -0.0025 -0.0087 8   DT  A C5    
163 C  C7    . DT  A 8  ? 0.3381 0.3493 0.3298 0.0115  0.0026  -0.0201 8   DT  A C7    
164 C  C6    . DT  A 8  ? 0.3320 0.3410 0.3483 0.0059  -0.0082 -0.0122 8   DT  A C6    
165 P  P     . DC  A 9  ? 0.3869 0.4106 0.4566 -0.0117 -0.0046 -0.0008 9   DC  A P     
166 O  OP1   . DC  A 9  ? 0.3487 0.4117 0.4563 -0.0320 -0.0088 -0.0027 9   DC  A OP1   
167 O  OP2   . DC  A 9  ? 0.3870 0.4252 0.4596 -0.0151 -0.0075 -0.0077 9   DC  A OP2   
168 O  "O5'" . DC  A 9  ? 0.3733 0.3970 0.4302 -0.0107 -0.0045 -0.0109 9   DC  A "O5'" 
169 C  "C5'" . DC  A 9  ? 0.3558 0.3729 0.3692 -0.0031 0.0054  -0.0056 9   DC  A "C5'" 
170 C  "C4'" . DC  A 9  ? 0.3539 0.3596 0.3526 -0.0031 0.0054  -0.0059 9   DC  A "C4'" 
171 O  "O4'" . DC  A 9  ? 0.3287 0.3304 0.3169 0.0002  0.0175  -0.0238 9   DC  A "O4'" 
172 C  "C3'" . DC  A 9  ? 0.3417 0.3520 0.3472 0.0045  0.0065  -0.0017 9   DC  A "C3'" 
173 O  "O3'" . DC  A 9  ? 0.3629 0.3844 0.3451 -0.0132 0.0252  0.0118  9   DC  A "O3'" 
174 C  "C2'" . DC  A 9  ? 0.3323 0.3326 0.3195 -0.0011 0.0118  -0.0087 9   DC  A "C2'" 
175 C  "C1'" . DC  A 9  ? 0.3188 0.3195 0.3086 0.0025  0.0151  -0.0101 9   DC  A "C1'" 
176 N  N1    . DC  A 9  ? 0.3161 0.3016 0.3019 0.0056  0.0129  -0.0267 9   DC  A N1    
177 C  C2    . DC  A 9  ? 0.3057 0.2996 0.2848 0.0016  0.0070  -0.0297 9   DC  A C2    
178 O  O2    . DC  A 9  ? 0.3147 0.2966 0.2844 0.0035  0.0217  -0.0237 9   DC  A O2    
179 N  N3    . DC  A 9  ? 0.3204 0.2982 0.2982 0.0044  -0.0039 -0.0217 9   DC  A N3    
180 C  C4    . DC  A 9  ? 0.3121 0.3075 0.3045 0.0127  0.0070  -0.0141 9   DC  A C4    
181 N  N4    . DC  A 9  ? 0.2878 0.2888 0.2998 -0.0052 0.0200  -0.0158 9   DC  A N4    
182 C  C5    . DC  A 9  ? 0.3097 0.2935 0.3129 0.0026  0.0142  -0.0099 9   DC  A C5    
183 C  C6    . DC  A 9  ? 0.3118 0.2967 0.3035 0.0057  0.0112  -0.0162 9   DC  A C6    
184 P  P     . DG  A 10 ? 0.3842 0.3948 0.3893 -0.0061 0.0203  0.0247  10  DG  A P     
185 O  OP1   . DG  A 10 ? 0.3824 0.4159 0.3786 -0.0114 0.0198  0.0239  10  DG  A OP1   
186 O  OP2   . DG  A 10 ? 0.3207 0.3719 0.3742 -0.0246 0.0163  -0.0013 10  DG  A OP2   
187 O  "O5'" . DG  A 10 ? 0.3286 0.3609 0.3379 -0.0132 0.0249  0.0097  10  DG  A "O5'" 
188 C  "C5'" . DG  A 10 ? 0.3307 0.3347 0.3227 -0.0044 0.0114  0.0061  10  DG  A "C5'" 
189 C  "C4'" . DG  A 10 ? 0.3050 0.3151 0.3129 -0.0021 0.0081  0.0009  10  DG  A "C4'" 
190 O  "O4'" . DG  A 10 ? 0.2876 0.2946 0.2956 -0.0179 0.0099  0.0092  10  DG  A "O4'" 
191 C  "C3'" . DG  A 10 ? 0.3029 0.3125 0.3209 -0.0117 0.0109  0.0039  10  DG  A "C3'" 
192 O  "O3'" . DG  A 10 ? 0.3029 0.3325 0.3498 -0.0036 0.0168  0.0002  10  DG  A "O3'" 
193 C  "C2'" . DG  A 10 ? 0.2972 0.3052 0.3061 -0.0083 0.0034  -0.0021 10  DG  A "C2'" 
194 C  "C1'" . DG  A 10 ? 0.2772 0.2759 0.2790 -0.0043 0.0050  0.0017  10  DG  A "C1'" 
195 N  N9    . DG  A 10 ? 0.2634 0.2848 0.2675 0.0003  0.0137  0.0005  10  DG  A N9    
196 C  C8    . DG  A 10 ? 0.2847 0.2864 0.2779 -0.0019 0.0067  0.0096  10  DG  A C8    
197 N  N7    . DG  A 10 ? 0.2703 0.2851 0.2735 0.0008  0.0041  0.0140  10  DG  A N7    
198 C  C5    . DG  A 10 ? 0.2747 0.2903 0.2644 -0.0059 0.0130  0.0031  10  DG  A C5    
199 C  C6    . DG  A 10 ? 0.2808 0.2648 0.2752 -0.0111 -0.0002 0.0042  10  DG  A C6    
200 O  O6    . DG  A 10 ? 0.2860 0.2969 0.2855 -0.0007 0.0029  0.0166  10  DG  A O6    
201 N  N1    . DG  A 10 ? 0.2649 0.2625 0.2723 -0.0053 0.0135  0.0085  10  DG  A N1    
202 C  C2    . DG  A 10 ? 0.2715 0.2726 0.2804 -0.0093 0.0039  0.0059  10  DG  A C2    
203 N  N2    . DG  A 10 ? 0.2714 0.2776 0.2845 -0.0079 0.0052  0.0075  10  DG  A N2    
204 N  N3    . DG  A 10 ? 0.2594 0.2800 0.2859 -0.0037 0.0200  0.0092  10  DG  A N3    
205 C  C4    . DG  A 10 ? 0.2663 0.2684 0.2601 0.0029  0.0108  0.0045  10  DG  A C4    
206 P  P     . DC  A 11 ? 0.3269 0.3336 0.3164 -0.0174 0.0097  0.0068  11  DC  A P     
207 O  OP1   . DC  A 11 ? 0.3502 0.3705 0.3566 -0.0236 0.0127  -0.0020 11  DC  A OP1   
208 O  OP2   . DC  A 11 ? 0.3110 0.3359 0.3450 -0.0240 0.0208  0.0051  11  DC  A OP2   
209 O  "O5'" . DC  A 11 ? 0.2960 0.3094 0.3259 -0.0143 -0.0125 0.0128  11  DC  A "O5'" 
210 C  "C5'" . DC  A 11 ? 0.2971 0.2982 0.2990 -0.0096 -0.0081 0.0059  11  DC  A "C5'" 
211 C  "C4'" . DC  A 11 ? 0.2827 0.2787 0.2814 -0.0019 -0.0112 0.0058  11  DC  A "C4'" 
212 O  "O4'" . DC  A 11 ? 0.2566 0.2669 0.2474 -0.0081 -0.0334 0.0203  11  DC  A "O4'" 
213 C  "C3'" . DC  A 11 ? 0.2658 0.2606 0.2631 0.0055  -0.0053 0.0087  11  DC  A "C3'" 
214 O  "O3'" . DC  A 11 ? 0.2665 0.2666 0.2865 0.0158  -0.0257 0.0077  11  DC  A "O3'" 
215 C  "C2'" . DC  A 11 ? 0.2489 0.2535 0.2511 0.0093  0.0059  0.0100  11  DC  A "C2'" 
216 C  "C1'" . DC  A 11 ? 0.2521 0.2487 0.2655 -0.0033 -0.0003 0.0065  11  DC  A "C1'" 
217 N  N1    . DC  A 11 ? 0.2431 0.2348 0.2394 -0.0099 -0.0066 0.0213  11  DC  A N1    
218 C  C2    . DC  A 11 ? 0.2553 0.2196 0.2593 0.0078  0.0100  0.0101  11  DC  A C2    
219 O  O2    . DC  A 11 ? 0.2719 0.2548 0.2939 0.0001  0.0032  0.0315  11  DC  A O2    
220 N  N3    . DC  A 11 ? 0.2650 0.2437 0.2504 0.0068  -0.0016 0.0062  11  DC  A N3    
221 C  C4    . DC  A 11 ? 0.2581 0.2269 0.2449 -0.0077 -0.0053 0.0067  11  DC  A C4    
222 N  N4    . DC  A 11 ? 0.2611 0.2746 0.2595 0.0028  0.0006  0.0115  11  DC  A N4    
223 C  C5    . DC  A 11 ? 0.2454 0.2457 0.2668 -0.0061 -0.0002 0.0129  11  DC  A C5    
224 C  C6    . DC  A 11 ? 0.2644 0.2545 0.2651 -0.0076 -0.0043 0.0194  11  DC  A C6    
225 P  P     . DG  A 12 ? 0.2732 0.2913 0.3089 0.0153  -0.0280 -0.0021 12  DG  A P     
226 O  OP1   . DG  A 12 ? 0.3066 0.2833 0.3350 -0.0245 -0.0219 -0.0182 12  DG  A OP1   
227 O  OP2   . DG  A 12 ? 0.2587 0.2610 0.2798 0.0036  -0.0602 0.0191  12  DG  A OP2   
228 O  "O5'" . DG  A 12 ? 0.2905 0.3039 0.3027 -0.0074 -0.0249 0.0131  12  DG  A "O5'" 
229 C  "C5'" . DG  A 12 ? 0.2597 0.2825 0.2760 0.0020  -0.0044 0.0119  12  DG  A "C5'" 
230 C  "C4'" . DG  A 12 ? 0.2832 0.2879 0.2764 -0.0017 -0.0010 0.0096  12  DG  A "C4'" 
231 O  "O4'" . DG  A 12 ? 0.2824 0.2744 0.2745 0.0039  0.0061  0.0259  12  DG  A "O4'" 
232 C  "C3'" . DG  A 12 ? 0.2875 0.3143 0.2979 0.0035  -0.0051 0.0034  12  DG  A "C3'" 
233 O  "O3'" . DG  A 12 ? 0.2756 0.3106 0.2983 0.0084  -0.0126 0.0073  12  DG  A "O3'" 
234 C  "C2'" . DG  A 12 ? 0.2969 0.3042 0.3038 -0.0037 0.0004  -0.0023 12  DG  A "C2'" 
235 C  "C1'" . DG  A 12 ? 0.3124 0.2997 0.2946 -0.0065 0.0043  -0.0016 12  DG  A "C1'" 
236 N  N9    . DG  A 12 ? 0.3115 0.2826 0.2829 -0.0061 0.0050  0.0009  12  DG  A N9    
237 C  C8    . DG  A 12 ? 0.3182 0.2940 0.2986 -0.0091 0.0117  -0.0088 12  DG  A C8    
238 N  N7    . DG  A 12 ? 0.3087 0.2854 0.2935 -0.0181 0.0114  0.0030  12  DG  A N7    
239 C  C5    . DG  A 12 ? 0.3141 0.2892 0.3043 -0.0031 0.0114  -0.0042 12  DG  A C5    
240 C  C6    . DG  A 12 ? 0.3221 0.3056 0.2923 -0.0158 0.0136  0.0051  12  DG  A C6    
241 O  O6    . DG  A 12 ? 0.3464 0.3028 0.2952 -0.0064 0.0089  -0.0078 12  DG  A O6    
242 N  N1    . DG  A 12 ? 0.3206 0.2898 0.2867 -0.0129 0.0141  -0.0012 12  DG  A N1    
243 C  C2    . DG  A 12 ? 0.3174 0.2781 0.2981 -0.0241 0.0030  -0.0081 12  DG  A C2    
244 N  N2    . DG  A 12 ? 0.3006 0.2785 0.2857 -0.0074 0.0085  -0.0128 12  DG  A N2    
245 N  N3    . DG  A 12 ? 0.3139 0.2599 0.2818 -0.0170 0.0112  -0.0083 12  DG  A N3    
246 C  C4    . DG  A 12 ? 0.3020 0.2864 0.2826 -0.0159 0.0127  0.0053  12  DG  A C4    
247 O  "O5'" . DC  B 1  ? 0.5237 0.5418 0.5531 0.0013  -0.0066 0.0076  1   DC  B "O5'" 
248 C  "C5'" . DC  B 1  ? 0.5024 0.5001 0.5117 -0.0045 -0.0069 0.0054  1   DC  B "C5'" 
249 C  "C4'" . DC  B 1  ? 0.4877 0.4798 0.4773 -0.0045 -0.0074 0.0127  1   DC  B "C4'" 
250 O  "O4'" . DC  B 1  ? 0.4644 0.4498 0.4840 -0.0065 -0.0179 0.0143  1   DC  B "O4'" 
251 C  "C3'" . DC  B 1  ? 0.4777 0.4520 0.4569 -0.0044 -0.0037 0.0140  1   DC  B "C3'" 
252 O  "O3'" . DC  B 1  ? 0.4998 0.4315 0.4289 -0.0068 -0.0021 0.0333  1   DC  B "O3'" 
253 C  "C2'" . DC  B 1  ? 0.4552 0.4516 0.4450 0.0017  -0.0020 0.0061  1   DC  B "C2'" 
254 C  "C1'" . DC  B 1  ? 0.4238 0.4304 0.4273 -0.0012 -0.0098 0.0105  1   DC  B "C1'" 
255 N  N1    . DC  B 1  ? 0.3871 0.4053 0.3906 -0.0004 -0.0119 0.0096  1   DC  B N1    
256 C  C2    . DC  B 1  ? 0.3575 0.4008 0.3625 -0.0013 -0.0235 0.0182  1   DC  B C2    
257 O  O2    . DC  B 1  ? 0.3405 0.3810 0.3217 0.0095  -0.0401 0.0209  1   DC  B O2    
258 N  N3    . DC  B 1  ? 0.3524 0.3809 0.3503 -0.0021 -0.0164 0.0228  1   DC  B N3    
259 C  C4    . DC  B 1  ? 0.3778 0.4076 0.3759 -0.0008 -0.0202 0.0179  1   DC  B C4    
260 N  N4    . DC  B 1  ? 0.3747 0.3946 0.3739 0.0014  -0.0174 0.0151  1   DC  B N4    
261 C  C5    . DC  B 1  ? 0.3811 0.3992 0.3689 0.0004  -0.0060 0.0136  1   DC  B C5    
262 C  C6    . DC  B 1  ? 0.3920 0.4016 0.3909 -0.0016 -0.0055 0.0074  1   DC  B C6    
263 P  P     . DG  B 2  ? 0.4947 0.3740 0.4145 -0.0223 0.0232  0.0564  2   DG  B P     
264 O  OP1   . DG  B 2  ? 0.4987 0.4124 0.4410 0.0155  0.0131  0.0568  2   DG  B OP1   
265 O  OP2   . DG  B 2  ? 0.5088 0.3890 0.4006 -0.0095 -0.0047 0.0484  2   DG  B OP2   
266 O  "O5'" . DG  B 2  ? 0.4341 0.3790 0.3900 -0.0158 0.0044  0.0368  2   DG  B "O5'" 
267 C  "C5'" . DG  B 2  ? 0.4051 0.3710 0.3683 -0.0113 0.0032  0.0176  2   DG  B "C5'" 
268 C  "C4'" . DG  B 2  ? 0.3785 0.3628 0.3714 -0.0142 -0.0027 0.0082  2   DG  B "C4'" 
269 O  "O4'" . DG  B 2  ? 0.3509 0.3363 0.3438 -0.0268 0.0000  0.0217  2   DG  B "O4'" 
270 C  "C3'" . DG  B 2  ? 0.3716 0.3681 0.3624 -0.0110 0.0011  0.0049  2   DG  B "C3'" 
271 O  "O3'" . DG  B 2  ? 0.4106 0.4138 0.4073 -0.0207 -0.0098 0.0092  2   DG  B "O3'" 
272 C  "C2'" . DG  B 2  ? 0.3478 0.3310 0.3373 -0.0123 -0.0005 0.0129  2   DG  B "C2'" 
273 C  "C1'" . DG  B 2  ? 0.3060 0.2965 0.2971 -0.0094 0.0061  0.0153  2   DG  B "C1'" 
274 N  N9    . DG  B 2  ? 0.3122 0.2813 0.2840 -0.0123 -0.0007 0.0271  2   DG  B N9    
275 C  C8    . DG  B 2  ? 0.2936 0.2782 0.2941 -0.0067 0.0048  0.0362  2   DG  B C8    
276 N  N7    . DG  B 2  ? 0.3144 0.2817 0.3032 -0.0190 0.0101  0.0373  2   DG  B N7    
277 C  C5    . DG  B 2  ? 0.2823 0.2584 0.2762 -0.0065 -0.0009 0.0349  2   DG  B C5    
278 C  C6    . DG  B 2  ? 0.2784 0.2745 0.2802 -0.0115 0.0153  0.0315  2   DG  B C6    
279 O  O6    . DG  B 2  ? 0.2980 0.2844 0.2909 0.0005  -0.0007 0.0337  2   DG  B O6    
280 N  N1    . DG  B 2  ? 0.2728 0.2573 0.2688 -0.0026 0.0100  0.0244  2   DG  B N1    
281 C  C2    . DG  B 2  ? 0.2900 0.2651 0.2807 -0.0098 0.0137  0.0282  2   DG  B C2    
282 N  N2    . DG  B 2  ? 0.2925 0.2703 0.2811 -0.0016 0.0047  0.0298  2   DG  B N2    
283 N  N3    . DG  B 2  ? 0.2949 0.2556 0.2803 -0.0101 0.0081  0.0389  2   DG  B N3    
284 C  C4    . DG  B 2  ? 0.2984 0.2561 0.2957 -0.0198 0.0095  0.0344  2   DG  B C4    
285 P  P     . DC  B 3  ? 0.4257 0.4401 0.4493 -0.0387 -0.0155 0.0122  3   DC  B P     
286 O  OP1   . DC  B 3  ? 0.3907 0.4671 0.4098 -0.0286 0.0269  0.0371  3   DC  B OP1   
287 O  OP2   . DC  B 3  ? 0.4120 0.4245 0.4598 -0.0359 -0.0038 0.0263  3   DC  B OP2   
288 O  "O5'" . DC  B 3  ? 0.3902 0.3997 0.3802 -0.0324 0.0133  0.0178  3   DC  B "O5'" 
289 C  "C5'" . DC  B 3  ? 0.3788 0.3843 0.3704 -0.0190 -0.0033 0.0072  3   DC  B "C5'" 
290 C  "C4'" . DC  B 3  ? 0.3705 0.3734 0.3580 -0.0135 -0.0013 0.0088  3   DC  B "C4'" 
291 O  "O4'" . DC  B 3  ? 0.3637 0.3331 0.3042 -0.0311 0.0009  0.0091  3   DC  B "O4'" 
292 C  "C3'" . DC  B 3  ? 0.3695 0.3759 0.3618 -0.0171 -0.0024 0.0054  3   DC  B "C3'" 
293 O  "O3'" . DC  B 3  ? 0.4104 0.4233 0.3931 -0.0117 -0.0182 -0.0006 3   DC  B "O3'" 
294 C  "C2'" . DC  B 3  ? 0.3756 0.3622 0.3544 -0.0112 -0.0067 -0.0023 3   DC  B "C2'" 
295 C  "C1'" . DC  B 3  ? 0.3457 0.3271 0.3271 -0.0188 0.0092  0.0040  3   DC  B "C1'" 
296 N  N1    . DC  B 3  ? 0.3381 0.3150 0.2977 -0.0125 -0.0003 0.0102  3   DC  B N1    
297 C  C2    . DC  B 3  ? 0.3325 0.3181 0.3118 -0.0113 0.0154  0.0139  3   DC  B C2    
298 O  O2    . DC  B 3  ? 0.3157 0.2945 0.3002 -0.0066 0.0215  0.0265  3   DC  B O2    
299 N  N3    . DC  B 3  ? 0.3028 0.3093 0.2885 -0.0045 0.0211  0.0243  3   DC  B N3    
300 C  C4    . DC  B 3  ? 0.3249 0.3179 0.3040 -0.0082 0.0225  0.0119  3   DC  B C4    
301 N  N4    . DC  B 3  ? 0.3237 0.2903 0.3069 -0.0128 0.0107  0.0107  3   DC  B N4    
302 C  C5    . DC  B 3  ? 0.3302 0.3134 0.3195 -0.0067 0.0091  0.0108  3   DC  B C5    
303 C  C6    . DC  B 3  ? 0.3337 0.3233 0.3213 -0.0108 0.0074  0.0114  3   DC  B C6    
304 P  P     . DG  B 4  ? 0.4147 0.4722 0.4287 -0.0304 -0.0221 0.0052  4   DG  B P     
305 O  OP1   . DG  B 4  ? 0.4219 0.4761 0.4401 -0.0191 -0.0280 0.0060  4   DG  B OP1   
306 O  OP2   . DG  B 4  ? 0.4183 0.4295 0.4254 -0.0271 -0.0198 -0.0100 4   DG  B OP2   
307 O  "O5'" . DG  B 4  ? 0.4055 0.4178 0.3884 -0.0283 -0.0204 -0.0045 4   DG  B "O5'" 
308 C  "C5'" . DG  B 4  ? 0.3745 0.3858 0.3780 -0.0134 -0.0146 -0.0009 4   DG  B "C5'" 
309 C  "C4'" . DG  B 4  ? 0.3566 0.3528 0.3562 -0.0090 -0.0035 -0.0022 4   DG  B "C4'" 
310 O  "O4'" . DG  B 4  ? 0.3316 0.3075 0.3249 -0.0319 -0.0035 -0.0115 4   DG  B "O4'" 
311 C  "C3'" . DG  B 4  ? 0.3458 0.3437 0.3600 -0.0098 -0.0054 -0.0037 4   DG  B "C3'" 
312 O  "O3'" . DG  B 4  ? 0.3612 0.3686 0.3721 -0.0160 -0.0109 -0.0149 4   DG  B "O3'" 
313 C  "C2'" . DG  B 4  ? 0.3364 0.3339 0.3458 -0.0141 -0.0019 -0.0031 4   DG  B "C2'" 
314 C  "C1'" . DG  B 4  ? 0.3199 0.3040 0.3132 -0.0199 -0.0058 -0.0152 4   DG  B "C1'" 
315 N  N9    . DG  B 4  ? 0.3271 0.2893 0.3051 -0.0198 -0.0037 -0.0193 4   DG  B N9    
316 C  C8    . DG  B 4  ? 0.3116 0.2905 0.2999 -0.0229 -0.0080 -0.0196 4   DG  B C8    
317 N  N7    . DG  B 4  ? 0.3217 0.2908 0.3056 -0.0121 -0.0018 -0.0233 4   DG  B N7    
318 C  C5    . DG  B 4  ? 0.3159 0.2863 0.3008 -0.0246 0.0009  -0.0264 4   DG  B C5    
319 C  C6    . DG  B 4  ? 0.3091 0.2962 0.2986 -0.0159 -0.0024 -0.0225 4   DG  B C6    
320 O  O6    . DG  B 4  ? 0.3215 0.2926 0.2959 -0.0167 -0.0024 -0.0280 4   DG  B O6    
321 N  N1    . DG  B 4  ? 0.3046 0.2805 0.2846 -0.0179 -0.0129 -0.0262 4   DG  B N1    
322 C  C2    . DG  B 4  ? 0.3160 0.2932 0.2960 -0.0193 -0.0041 -0.0246 4   DG  B C2    
323 N  N2    . DG  B 4  ? 0.3162 0.2703 0.2884 -0.0186 0.0047  -0.0240 4   DG  B N2    
324 N  N3    . DG  B 4  ? 0.3285 0.2783 0.2953 -0.0224 -0.0078 -0.0254 4   DG  B N3    
325 C  C4    . DG  B 4  ? 0.3085 0.2928 0.2846 -0.0289 -0.0087 -0.0153 4   DG  B C4    
326 O  O1P   . TCY B 5  ? 0.4075 0.4299 0.4207 -0.0022 -0.0137 0.0037  5   TCY B O1P   
327 P  P     . TCY B 5  ? 0.4012 0.4257 0.4167 0.0001  -0.0078 0.0159  5   TCY B P     
328 O  O2P   . TCY B 5  ? 0.3659 0.4085 0.3999 -0.0122 -0.0276 -0.0054 5   TCY B O2P   
329 C  "C8'" . TCY B 5  ? 0.4196 0.4237 0.4178 0.0044  -0.0044 0.0036  5   TCY B "C8'" 
330 O  "O5'" . TCY B 5  ? 0.4185 0.4250 0.4034 -0.0012 -0.0119 0.0013  5   TCY B "O5'" 
331 C  "C5'" . TCY B 5  ? 0.4135 0.4164 0.4076 -0.0002 -0.0066 0.0031  5   TCY B "C5'" 
332 C  "C6'" . TCY B 5  ? 0.4195 0.4203 0.4103 0.0028  -0.0036 0.0064  5   TCY B "C6'" 
333 C  "C4'" . TCY B 5  ? 0.3994 0.4169 0.3964 0.0049  -0.0051 0.0112  5   TCY B "C4'" 
334 C  "C3'" . TCY B 5  ? 0.4004 0.4134 0.3950 0.0055  -0.0031 0.0088  5   TCY B "C3'" 
335 C  "C7'" . TCY B 5  ? 0.4108 0.4171 0.4046 0.0073  -0.0062 0.0086  5   TCY B "C7'" 
336 O  "O3'" . TCY B 5  ? 0.4427 0.4722 0.4216 0.0123  -0.0008 0.0383  5   TCY B "O3'" 
337 C  "C2'" . TCY B 5  ? 0.3745 0.3901 0.3734 0.0073  -0.0020 0.0079  5   TCY B "C2'" 
338 C  "C1'" . TCY B 5  ? 0.3347 0.3475 0.3420 0.0009  -0.0038 -0.0068 5   TCY B "C1'" 
339 O  "O4'" . TCY B 5  ? 0.3670 0.4062 0.3941 0.0019  0.0074  -0.0133 5   TCY B "O4'" 
340 N  N9    . TCY B 5  ? 0.3235 0.3194 0.3115 -0.0023 -0.0044 -0.0023 5   TCY B N9    
341 C  C4    . TCY B 5  ? 0.3069 0.3054 0.3122 0.0010  0.0120  -0.0119 5   TCY B C4    
342 N  N3    . TCY B 5  ? 0.3159 0.3127 0.3224 0.0035  0.0004  -0.0139 5   TCY B N3    
343 C  C2    . TCY B 5  ? 0.3038 0.3213 0.3188 -0.0021 -0.0034 -0.0135 5   TCY B C2    
344 N  N1    . TCY B 5  ? 0.3087 0.3195 0.2932 -0.0068 0.0001  -0.0147 5   TCY B N1    
345 C  C6    . TCY B 5  ? 0.3046 0.3060 0.3102 -0.0002 0.0003  -0.0139 5   TCY B C6    
346 N  N6    . TCY B 5  ? 0.3127 0.3163 0.3166 0.0020  -0.0003 -0.0121 5   TCY B N6    
347 C  C5    . TCY B 5  ? 0.3088 0.2998 0.3104 -0.0057 0.0007  -0.0217 5   TCY B C5    
348 N  N7    . TCY B 5  ? 0.3118 0.3149 0.3160 0.0046  -0.0031 -0.0040 5   TCY B N7    
349 C  C8    . TCY B 5  ? 0.3067 0.3185 0.3233 0.0001  -0.0027 -0.0145 5   TCY B C8    
350 P  P     . DA  B 6  ? 0.4886 0.4992 0.4405 0.0298  0.0122  0.0358  6   DA  B P     
351 O  OP1   . DA  B 6  ? 0.4926 0.4962 0.4436 0.0302  0.0073  0.0504  6   DA  B OP1   
352 O  OP2   . DA  B 6  ? 0.4828 0.4839 0.4829 0.0158  -0.0146 0.0343  6   DA  B OP2   
353 O  "O5'" . DA  B 6  ? 0.4450 0.4491 0.4225 0.0051  0.0052  0.0329  6   DA  B "O5'" 
354 C  "C5'" . DA  B 6  ? 0.4244 0.4150 0.4018 0.0064  0.0093  0.0115  6   DA  B "C5'" 
355 C  "C4'" . DA  B 6  ? 0.4011 0.3909 0.3856 0.0035  0.0060  0.0028  6   DA  B "C4'" 
356 O  "O4'" . DA  B 6  ? 0.3810 0.3623 0.3684 0.0099  0.0219  -0.0082 6   DA  B "O4'" 
357 C  "C3'" . DA  B 6  ? 0.3979 0.3704 0.3832 0.0054  0.0105  -0.0047 6   DA  B "C3'" 
358 O  "O3'" . DA  B 6  ? 0.4233 0.3683 0.4107 0.0179  0.0181  -0.0076 6   DA  B "O3'" 
359 C  "C2'" . DA  B 6  ? 0.3803 0.3731 0.3619 0.0046  0.0087  -0.0034 6   DA  B "C2'" 
360 C  "C1'" . DA  B 6  ? 0.3502 0.3422 0.3428 0.0036  0.0131  -0.0107 6   DA  B "C1'" 
361 N  N9    . DA  B 6  ? 0.3421 0.3275 0.3238 0.0144  0.0181  -0.0141 6   DA  B N9    
362 C  C8    . DA  B 6  ? 0.3249 0.3319 0.3315 0.0107  0.0111  -0.0115 6   DA  B C8    
363 N  N7    . DA  B 6  ? 0.3390 0.3253 0.3418 0.0183  0.0031  -0.0136 6   DA  B N7    
364 C  C5    . DA  B 6  ? 0.3182 0.3252 0.3341 0.0160  0.0191  -0.0222 6   DA  B C5    
365 C  C6    . DA  B 6  ? 0.3284 0.3114 0.3100 0.0189  0.0178  -0.0154 6   DA  B C6    
366 N  N6    . DA  B 6  ? 0.3040 0.3197 0.3166 0.0162  0.0182  -0.0235 6   DA  B N6    
367 N  N1    . DA  B 6  ? 0.3274 0.3098 0.3121 0.0037  0.0162  -0.0137 6   DA  B N1    
368 C  C2    . DA  B 6  ? 0.3286 0.3289 0.3388 0.0126  0.0094  -0.0100 6   DA  B C2    
369 N  N3    . DA  B 6  ? 0.3137 0.3288 0.3279 -0.0023 0.0047  0.0006  6   DA  B N3    
370 C  C4    . DA  B 6  ? 0.3371 0.3350 0.3394 0.0161  0.0162  -0.0137 6   DA  B C4    
371 P  P     . DT  B 7  ? 0.4817 0.3987 0.4511 0.0070  0.0108  0.0111  7   DT  B P     
372 O  OP1   . DT  B 7  ? 0.4532 0.4115 0.4481 0.0050  0.0191  0.0042  7   DT  B OP1   
373 O  OP2   . DT  B 7  ? 0.4654 0.3926 0.4281 0.0096  0.0009  0.0011  7   DT  B OP2   
374 O  "O5'" . DT  B 7  ? 0.4271 0.3919 0.4262 0.0232  0.0204  -0.0085 7   DT  B "O5'" 
375 C  "C5'" . DT  B 7  ? 0.4182 0.3961 0.4110 0.0073  0.0148  -0.0025 7   DT  B "C5'" 
376 C  "C4'" . DT  B 7  ? 0.4006 0.3937 0.4082 0.0077  0.0177  -0.0062 7   DT  B "C4'" 
377 O  "O4'" . DT  B 7  ? 0.3766 0.3528 0.3991 0.0026  0.0257  -0.0181 7   DT  B "O4'" 
378 C  "C3'" . DT  B 7  ? 0.3946 0.3824 0.4093 0.0009  0.0162  -0.0057 7   DT  B "C3'" 
379 O  "O3'" . DT  B 7  ? 0.4081 0.4069 0.4445 -0.0009 0.0225  -0.0116 7   DT  B "O3'" 
380 C  "C2'" . DT  B 7  ? 0.3883 0.3874 0.3929 0.0027  0.0110  -0.0058 7   DT  B "C2'" 
381 C  "C1'" . DT  B 7  ? 0.3660 0.3543 0.3636 0.0040  0.0164  -0.0159 7   DT  B "C1'" 
382 N  N1    . DT  B 7  ? 0.3451 0.3339 0.3351 0.0079  0.0275  -0.0228 7   DT  B N1    
383 C  C2    . DT  B 7  ? 0.3479 0.3326 0.3249 0.0074  0.0138  -0.0264 7   DT  B C2    
384 O  O2    . DT  B 7  ? 0.3546 0.3231 0.3404 0.0023  0.0065  -0.0368 7   DT  B O2    
385 N  N3    . DT  B 7  ? 0.3513 0.3229 0.3377 -0.0007 0.0140  -0.0087 7   DT  B N3    
386 C  C4    . DT  B 7  ? 0.3492 0.3282 0.3384 0.0021  0.0043  -0.0139 7   DT  B C4    
387 O  O4    . DT  B 7  ? 0.3519 0.3256 0.3237 0.0060  0.0112  -0.0083 7   DT  B O4    
388 C  C5    . DT  B 7  ? 0.3472 0.3364 0.3322 0.0000  0.0093  -0.0133 7   DT  B C5    
389 C  C7    . DT  B 7  ? 0.3522 0.3502 0.3468 -0.0062 0.0086  -0.0029 7   DT  B C7    
390 C  C6    . DT  B 7  ? 0.3494 0.3435 0.3212 0.0048  0.0225  -0.0198 7   DT  B C6    
391 P  P     . DT  B 8  ? 0.4046 0.4597 0.5134 -0.0109 0.0205  0.0000  8   DT  B P     
392 O  OP1   . DT  B 8  ? 0.4442 0.4531 0.5262 -0.0087 0.0023  -0.0042 8   DT  B OP1   
393 O  OP2   . DT  B 8  ? 0.4034 0.4615 0.4503 -0.0071 0.0373  -0.0031 8   DT  B OP2   
394 O  "O5'" . DT  B 8  ? 0.3945 0.4128 0.4528 -0.0067 0.0178  -0.0079 8   DT  B "O5'" 
395 C  "C5'" . DT  B 8  ? 0.3905 0.4017 0.4246 -0.0051 0.0084  -0.0106 8   DT  B "C5'" 
396 C  "C4'" . DT  B 8  ? 0.3833 0.3848 0.4074 -0.0038 0.0093  -0.0125 8   DT  B "C4'" 
397 O  "O4'" . DT  B 8  ? 0.3772 0.3556 0.4094 -0.0074 0.0123  -0.0358 8   DT  B "O4'" 
398 C  "C3'" . DT  B 8  ? 0.3856 0.3803 0.4103 -0.0085 0.0016  -0.0105 8   DT  B "C3'" 
399 O  "O3'" . DT  B 8  ? 0.3868 0.3986 0.4506 -0.0196 0.0050  -0.0115 8   DT  B "O3'" 
400 C  "C2'" . DT  B 8  ? 0.3799 0.3850 0.3939 -0.0052 0.0024  -0.0098 8   DT  B "C2'" 
401 C  "C1'" . DT  B 8  ? 0.3681 0.3498 0.3747 -0.0012 0.0033  -0.0200 8   DT  B "C1'" 
402 N  N1    . DT  B 8  ? 0.3486 0.3189 0.3481 -0.0016 0.0083  -0.0269 8   DT  B N1    
403 C  C2    . DT  B 8  ? 0.3498 0.3171 0.3227 0.0017  0.0103  -0.0214 8   DT  B C2    
404 O  O2    . DT  B 8  ? 0.3436 0.3195 0.3163 -0.0038 -0.0146 -0.0265 8   DT  B O2    
405 N  N3    . DT  B 8  ? 0.3154 0.3068 0.2935 0.0074  0.0036  -0.0165 8   DT  B N3    
406 C  C4    . DT  B 8  ? 0.3471 0.3163 0.3418 -0.0039 0.0011  -0.0201 8   DT  B C4    
407 O  O4    . DT  B 8  ? 0.3561 0.3194 0.3413 -0.0010 -0.0103 -0.0160 8   DT  B O4    
408 C  C5    . DT  B 8  ? 0.3473 0.3221 0.3316 0.0031  0.0047  -0.0151 8   DT  B C5    
409 C  C7    . DT  B 8  ? 0.3597 0.3312 0.3279 -0.0045 0.0052  -0.0218 8   DT  B C7    
410 C  C6    . DT  B 8  ? 0.3352 0.3236 0.3372 -0.0058 0.0088  -0.0172 8   DT  B C6    
411 P  P     . DC  B 9  ? 0.3929 0.4113 0.4651 -0.0149 0.0001  -0.0093 9   DC  B P     
412 O  OP1   . DC  B 9  ? 0.3945 0.4110 0.4569 -0.0245 -0.0093 -0.0115 9   DC  B OP1   
413 O  OP2   . DC  B 9  ? 0.3949 0.4215 0.4650 -0.0146 -0.0022 -0.0059 9   DC  B OP2   
414 O  "O5'" . DC  B 9  ? 0.3900 0.3946 0.4333 -0.0089 0.0034  -0.0102 9   DC  B "O5'" 
415 C  "C5'" . DC  B 9  ? 0.3780 0.3759 0.3820 -0.0008 0.0021  -0.0078 9   DC  B "C5'" 
416 C  "C4'" . DC  B 9  ? 0.3614 0.3617 0.3622 0.0049  -0.0001 -0.0121 9   DC  B "C4'" 
417 O  "O4'" . DC  B 9  ? 0.3654 0.3342 0.3225 -0.0031 0.0058  -0.0352 9   DC  B "O4'" 
418 C  "C3'" . DC  B 9  ? 0.3651 0.3560 0.3568 -0.0015 -0.0016 -0.0094 9   DC  B "C3'" 
419 O  "O3'" . DC  B 9  ? 0.3714 0.3659 0.3532 0.0056  -0.0247 -0.0078 9   DC  B "O3'" 
420 C  "C2'" . DC  B 9  ? 0.3511 0.3521 0.3398 0.0019  -0.0013 -0.0076 9   DC  B "C2'" 
421 C  "C1'" . DC  B 9  ? 0.3373 0.3277 0.3219 -0.0028 0.0029  -0.0199 9   DC  B "C1'" 
422 N  N1    . DC  B 9  ? 0.3118 0.2952 0.3020 -0.0049 0.0109  -0.0306 9   DC  B N1    
423 C  C2    . DC  B 9  ? 0.3044 0.3051 0.2872 -0.0098 0.0217  -0.0270 9   DC  B C2    
424 O  O2    . DC  B 9  ? 0.3134 0.3131 0.3032 -0.0051 0.0044  -0.0275 9   DC  B O2    
425 N  N3    . DC  B 9  ? 0.2924 0.2985 0.3190 -0.0099 0.0261  -0.0119 9   DC  B N3    
426 C  C4    . DC  B 9  ? 0.3155 0.2944 0.3065 -0.0142 0.0152  -0.0167 9   DC  B C4    
427 N  N4    . DC  B 9  ? 0.2747 0.2848 0.3012 -0.0071 0.0052  -0.0219 9   DC  B N4    
428 C  C5    . DC  B 9  ? 0.2938 0.2956 0.3037 -0.0057 0.0057  -0.0092 9   DC  B C5    
429 C  C6    . DC  B 9  ? 0.3212 0.3072 0.3000 0.0014  0.0134  -0.0210 9   DC  B C6    
430 P  P     . DG  B 10 ? 0.3940 0.3747 0.3859 0.0146  -0.0344 0.0006  10  DG  B P     
431 O  OP1   . DG  B 10 ? 0.3972 0.3842 0.3909 0.0194  -0.0393 0.0060  10  DG  B OP1   
432 O  OP2   . DG  B 10 ? 0.3575 0.3743 0.3840 0.0036  -0.0331 -0.0111 10  DG  B OP2   
433 O  "O5'" . DG  B 10 ? 0.3734 0.3549 0.3643 0.0009  -0.0213 -0.0093 10  DG  B "O5'" 
434 C  "C5'" . DG  B 10 ? 0.3382 0.3430 0.3368 -0.0022 -0.0114 -0.0053 10  DG  B "C5'" 
435 C  "C4'" . DG  B 10 ? 0.3147 0.3178 0.3215 -0.0038 -0.0144 -0.0012 10  DG  B "C4'" 
436 O  "O4'" . DG  B 10 ? 0.2793 0.3189 0.3021 0.0002  -0.0249 -0.0036 10  DG  B "O4'" 
437 C  "C3'" . DG  B 10 ? 0.2937 0.3199 0.3177 -0.0018 -0.0165 -0.0005 10  DG  B "C3'" 
438 O  "O3'" . DG  B 10 ? 0.3145 0.3401 0.3377 -0.0101 -0.0300 -0.0062 10  DG  B "O3'" 
439 C  "C2'" . DG  B 10 ? 0.2916 0.3174 0.3060 0.0013  -0.0072 0.0013  10  DG  B "C2'" 
440 C  "C1'" . DG  B 10 ? 0.2635 0.2891 0.2801 -0.0001 -0.0077 0.0044  10  DG  B "C1'" 
441 N  N9    . DG  B 10 ? 0.2626 0.2794 0.2733 -0.0174 -0.0091 -0.0041 10  DG  B N9    
442 C  C8    . DG  B 10 ? 0.2726 0.2772 0.2760 -0.0116 -0.0157 0.0086  10  DG  B C8    
443 N  N7    . DG  B 10 ? 0.2619 0.2839 0.2906 -0.0221 -0.0214 0.0096  10  DG  B N7    
444 C  C5    . DG  B 10 ? 0.2530 0.2789 0.2671 -0.0118 -0.0065 0.0008  10  DG  B C5    
445 C  C6    . DG  B 10 ? 0.2621 0.2701 0.2805 0.0027  -0.0061 0.0035  10  DG  B C6    
446 O  O6    . DG  B 10 ? 0.2898 0.2887 0.2711 -0.0177 -0.0080 0.0200  10  DG  B O6    
447 N  N1    . DG  B 10 ? 0.2463 0.2695 0.2823 -0.0016 -0.0123 0.0091  10  DG  B N1    
448 C  C2    . DG  B 10 ? 0.2425 0.2792 0.2773 -0.0088 -0.0071 0.0091  10  DG  B C2    
449 N  N2    . DG  B 10 ? 0.2638 0.2880 0.2851 -0.0043 -0.0137 0.0082  10  DG  B N2    
450 N  N3    . DG  B 10 ? 0.2458 0.2781 0.2748 0.0002  -0.0165 -0.0018 10  DG  B N3    
451 C  C4    . DG  B 10 ? 0.2461 0.2560 0.2661 0.0001  -0.0094 0.0020  10  DG  B C4    
452 P  P     . DC  B 11 ? 0.3143 0.3470 0.3295 -0.0040 -0.0203 -0.0112 11  DC  B P     
453 O  OP1   . DC  B 11 ? 0.3396 0.3724 0.3529 0.0065  -0.0237 -0.0016 11  DC  B OP1   
454 O  OP2   . DC  B 11 ? 0.3179 0.3519 0.3527 0.0039  -0.0258 0.0111  11  DC  B OP2   
455 O  "O5'" . DC  B 11 ? 0.3063 0.3284 0.3337 -0.0021 -0.0117 0.0066  11  DC  B "O5'" 
456 C  "C5'" . DC  B 11 ? 0.2756 0.2952 0.2796 0.0000  -0.0023 0.0076  11  DC  B "C5'" 
457 C  "C4'" . DC  B 11 ? 0.2661 0.2678 0.2678 -0.0036 0.0033  0.0096  11  DC  B "C4'" 
458 O  "O4'" . DC  B 11 ? 0.2295 0.2763 0.2276 -0.0108 0.0126  0.0362  11  DC  B "O4'" 
459 C  "C3'" . DC  B 11 ? 0.2504 0.2513 0.2536 -0.0114 -0.0076 0.0075  11  DC  B "C3'" 
460 O  "O3'" . DC  B 11 ? 0.2700 0.2592 0.2882 -0.0207 0.0106  0.0216  11  DC  B "O3'" 
461 C  "C2'" . DC  B 11 ? 0.2379 0.2336 0.2337 -0.0152 -0.0137 0.0068  11  DC  B "C2'" 
462 C  "C1'" . DC  B 11 ? 0.2329 0.2359 0.2453 -0.0102 -0.0026 0.0081  11  DC  B "C1'" 
463 N  N1    . DC  B 11 ? 0.2220 0.2445 0.2353 -0.0095 0.0095  0.0272  11  DC  B N1    
464 C  C2    . DC  B 11 ? 0.2265 0.2209 0.2489 -0.0120 -0.0190 0.0148  11  DC  B C2    
465 O  O2    . DC  B 11 ? 0.2500 0.2475 0.3022 -0.0136 0.0028  0.0273  11  DC  B O2    
466 N  N3    . DC  B 11 ? 0.2279 0.2266 0.2450 -0.0211 -0.0023 0.0152  11  DC  B N3    
467 C  C4    . DC  B 11 ? 0.2263 0.2279 0.2608 -0.0061 0.0109  0.0178  11  DC  B C4    
468 N  N4    . DC  B 11 ? 0.2571 0.2446 0.2625 -0.0326 0.0130  0.0183  11  DC  B N4    
469 C  C5    . DC  B 11 ? 0.2267 0.2363 0.2710 -0.0192 0.0068  0.0158  11  DC  B C5    
470 C  C6    . DC  B 11 ? 0.2449 0.2493 0.2426 -0.0043 -0.0005 0.0295  11  DC  B C6    
471 P  P     . DG  B 12 ? 0.2847 0.2928 0.3151 -0.0124 0.0166  0.0046  12  DG  B P     
472 O  OP1   . DG  B 12 ? 0.2761 0.3037 0.3601 -0.0147 0.0140  0.0084  12  DG  B OP1   
473 O  OP2   . DG  B 12 ? 0.2761 0.2858 0.3312 -0.0124 0.0411  0.0327  12  DG  B OP2   
474 O  "O5'" . DG  B 12 ? 0.2639 0.2847 0.2944 -0.0245 0.0153  0.0206  12  DG  B "O5'" 
475 C  "C5'" . DG  B 12 ? 0.2778 0.2817 0.2832 -0.0202 0.0037  -0.0001 12  DG  B "C5'" 
476 C  "C4'" . DG  B 12 ? 0.2825 0.2971 0.2768 -0.0057 -0.0043 0.0013  12  DG  B "C4'" 
477 O  "O4'" . DG  B 12 ? 0.2886 0.2510 0.2684 -0.0130 -0.0050 0.0082  12  DG  B "O4'" 
478 C  "C3'" . DG  B 12 ? 0.2958 0.2905 0.2938 -0.0076 -0.0082 0.0095  12  DG  B "C3'" 
479 O  "O3'" . DG  B 12 ? 0.3024 0.2952 0.2926 -0.0106 -0.0144 0.0127  12  DG  B "O3'" 
480 C  "C2'" . DG  B 12 ? 0.2994 0.2939 0.2969 0.0047  -0.0070 0.0047  12  DG  B "C2'" 
481 C  "C1'" . DG  B 12 ? 0.3002 0.3004 0.2913 0.0115  -0.0034 0.0031  12  DG  B "C1'" 
482 N  N9    . DG  B 12 ? 0.3103 0.2982 0.2802 0.0170  0.0017  -0.0006 12  DG  B N9    
483 C  C8    . DG  B 12 ? 0.3058 0.3037 0.2900 0.0196  -0.0006 -0.0029 12  DG  B C8    
484 N  N7    . DG  B 12 ? 0.2816 0.2992 0.2770 0.0176  -0.0096 0.0022  12  DG  B N7    
485 C  C5    . DG  B 12 ? 0.3043 0.3063 0.2907 0.0166  -0.0047 0.0014  12  DG  B C5    
486 C  C6    . DG  B 12 ? 0.2997 0.3170 0.2933 0.0130  -0.0090 0.0023  12  DG  B C6    
487 O  O6    . DG  B 12 ? 0.3135 0.3190 0.2859 0.0274  0.0033  0.0025  12  DG  B O6    
488 N  N1    . DG  B 12 ? 0.3123 0.3050 0.2893 0.0194  0.0004  -0.0016 12  DG  B N1    
489 C  C2    . DG  B 12 ? 0.2828 0.2967 0.2910 0.0276  -0.0052 0.0026  12  DG  B C2    
490 N  N2    . DG  B 12 ? 0.2995 0.3000 0.2815 0.0222  -0.0022 -0.0051 12  DG  B N2    
491 N  N3    . DG  B 12 ? 0.2844 0.2802 0.2771 0.0394  0.0061  0.0020  12  DG  B N3    
492 C  C4    . DG  B 12 ? 0.2831 0.3073 0.2849 0.0136  -0.0051 0.0000  12  DG  B C4    
493 ZN ZN    . ZN  C .  ? 0.3984 0.2939 0.3275 -0.0565 -0.0087 0.0441  308 ZN  B ZN    
494 N  N1    . SPM D .  ? 0.5271 0.5236 0.5424 0.0078  0.0029  0.0008  309 SPM B N1    
495 C  C2    . SPM D .  ? 0.5270 0.5143 0.5253 0.0004  0.0032  0.0051  309 SPM B C2    
496 C  C3    . SPM D .  ? 0.5063 0.5082 0.5087 0.0001  -0.0012 0.0054  309 SPM B C3    
497 C  C4    . SPM D .  ? 0.4975 0.4940 0.4954 0.0006  0.0013  0.0063  309 SPM B C4    
498 N  N5    . SPM D .  ? 0.4873 0.4863 0.4881 0.0060  0.0010  0.0065  309 SPM B N5    
499 C  C6    . SPM D .  ? 0.4778 0.4751 0.4772 0.0026  0.0019  -0.0001 309 SPM B C6    
500 C  C7    . SPM D .  ? 0.4598 0.4553 0.4597 0.0008  -0.0070 0.0030  309 SPM B C7    
501 C  C8    . SPM D .  ? 0.4798 0.4713 0.4717 -0.0008 -0.0028 0.0036  309 SPM B C8    
502 C  C9    . SPM D .  ? 0.4833 0.4921 0.4955 0.0011  -0.0026 0.0038  309 SPM B C9    
503 N  N10   . SPM D .  ? 0.4999 0.5086 0.5195 0.0016  -0.0010 0.0008  309 SPM B N10   
504 C  C11   . SPM D .  ? 0.5103 0.5133 0.5276 0.0015  -0.0029 0.0025  309 SPM B C11   
505 C  C12   . SPM D .  ? 0.5287 0.5306 0.5426 0.0025  -0.0016 0.0004  309 SPM B C12   
506 C  C13   . SPM D .  ? 0.5427 0.5412 0.5483 0.0021  -0.0007 -0.0050 309 SPM B C13   
507 N  N14   . SPM D .  ? 0.5617 0.5650 0.5635 -0.0010 -0.0017 -0.0029 309 SPM B N14   
508 O  O     . HOH E .  ? 0.6625 0.5448 0.6501 -0.0988 0.0526  0.0284  209 HOH A O     
509 O  O     . HOH E .  ? 0.2551 0.3087 0.5121 -0.0164 -0.0125 -0.1095 210 HOH A O     
510 O  O     . HOH E .  ? 0.3684 0.6026 1.0356 -0.1889 -0.0410 0.0665  218 HOH A O     
511 O  O     . HOH E .  ? 0.8034 0.4141 0.5748 -0.0604 0.1105  -0.1130 219 HOH A O     
512 O  O     . HOH E .  ? 0.5369 0.4065 0.4110 -0.0713 -0.0023 -0.0365 220 HOH A O     
513 O  O     . HOH E .  ? 0.5388 0.5205 0.8128 -0.0052 0.2162  0.0430  221 HOH A O     
514 O  O     . HOH E .  ? 0.4046 0.4789 0.4364 0.0616  0.0577  0.0490  224 HOH A O     
515 O  O     . HOH E .  ? 0.6352 0.3471 0.3494 0.0015  -0.0114 0.0587  225 HOH A O     
516 O  O     . HOH E .  ? 0.4152 0.4050 0.4315 -0.0169 -0.0833 0.0523  226 HOH A O     
517 O  O     . HOH E .  ? 0.5438 0.9707 0.5224 0.1229  0.1746  0.1584  227 HOH A O     
518 O  O     . HOH E .  ? 0.5519 0.3932 0.4499 0.0358  -0.1207 -0.0426 228 HOH A O     
519 O  O     . HOH E .  ? 0.4205 0.6403 0.5066 0.0496  -0.0196 -0.1123 229 HOH A O     
520 O  O     . HOH E .  ? 0.3277 0.4253 0.4862 0.0051  -0.0565 -0.1254 233 HOH A O     
521 O  O     . HOH E .  ? 0.4195 0.4628 0.4987 0.0488  -0.0757 0.0009  234 HOH A O     
522 O  O     . HOH E .  ? 0.3856 0.3725 0.4565 -0.0396 -0.0743 -0.0416 235 HOH A O     
523 O  O     . HOH E .  ? 0.4885 0.6088 0.5283 0.0661  -0.0158 0.0697  239 HOH A O     
524 O  O     . HOH E .  ? 0.3615 0.4599 0.6412 -0.0740 0.0108  -0.0885 240 HOH A O     
525 O  O     . HOH E .  ? 1.1550 0.4443 0.6434 0.1629  0.1120  0.3117  243 HOH A O     
526 O  O     . HOH E .  ? 0.8837 0.5870 0.5417 0.1173  -0.1481 -0.0482 244 HOH A O     
527 O  O     . HOH E .  ? 0.4820 0.3360 0.4906 0.0381  -0.1018 -0.0788 245 HOH A O     
528 O  O     . HOH E .  ? 0.4365 0.4152 0.5411 -0.0186 -0.2003 0.0855  246 HOH A O     
529 O  O     . HOH E .  ? 0.4785 0.6870 0.8088 -0.2422 -0.1907 -0.0437 247 HOH A O     
530 O  O     . HOH E .  ? 0.6366 0.5712 0.3347 0.0207  0.0093  -0.0088 262 HOH A O     
531 O  O     . HOH E .  ? 0.7217 0.8110 0.8138 -0.0829 0.0642  -0.2996 263 HOH A O     
532 O  O     . HOH E .  ? 0.6069 0.6862 0.5471 -0.1666 0.1719  0.0691  264 HOH A O     
533 O  O     . HOH E .  ? 0.5643 0.4150 1.0224 -0.0275 -0.1488 -0.0914 265 HOH A O     
534 O  O     . HOH E .  ? 0.5527 0.5317 0.8542 0.1952  -0.0730 0.1502  268 HOH A O     
535 O  O     . HOH E .  ? 0.4746 0.6631 0.7694 0.1214  -0.1786 0.0635  269 HOH A O     
536 O  O     . HOH E .  ? 0.2468 1.7994 1.2285 0.0362  -0.3805 0.2991  270 HOH A O     
537 O  O     . HOH E .  ? 0.5807 0.4701 0.4104 -0.0350 0.1279  0.1041  271 HOH A O     
538 O  O     . HOH E .  ? 0.2477 0.3755 0.4524 -0.1581 -0.0586 -0.0213 272 HOH A O     
539 O  O     . HOH E .  ? 0.4209 0.2826 0.6508 0.0727  0.0578  0.0585  273 HOH A O     
540 O  O     . HOH E .  ? 0.4334 0.4467 0.4500 -0.0635 -0.0301 0.0511  274 HOH A O     
541 O  O     . HOH E .  ? 1.1475 0.7672 0.8639 -0.1165 -0.1053 0.1045  275 HOH A O     
542 O  O     . HOH E .  ? 0.4548 0.5369 0.6315 0.0510  -0.2081 -0.0822 276 HOH A O     
543 O  O     . HOH E .  ? 0.6554 0.6951 0.6588 0.2296  -0.1977 -0.3120 277 HOH A O     
544 O  O     . HOH E .  ? 0.8563 0.3749 1.0261 -0.1674 0.2512  -0.3345 279 HOH A O     
545 O  O     . HOH E .  ? 0.6291 0.4236 0.8008 0.0005  -0.3290 -0.0486 289 HOH A O     
546 O  O     . HOH E .  ? 0.2587 0.3528 0.4699 -0.0515 0.0047  -0.0880 290 HOH A O     
547 O  O     . HOH E .  ? 0.5146 0.3439 0.3823 0.0288  0.1317  0.0684  296 HOH A O     
548 O  O     . HOH E .  ? 0.5139 0.2964 0.4060 0.0838  0.1456  0.0191  297 HOH A O     
549 O  O     . HOH E .  ? 0.6883 0.7549 0.3890 0.0897  0.0730  0.2402  299 HOH A O     
550 O  O     . HOH E .  ? 1.1551 0.4129 0.5057 -0.1403 0.3029  0.1674  301 HOH A O     
551 O  O     . HOH E .  ? 0.6537 0.6757 0.6954 0.0706  0.1056  0.2503  302 HOH A O     
552 O  O     . HOH E .  ? 0.5135 1.0982 0.7936 -0.1978 0.0211  0.0584  303 HOH A O     
553 O  O     . HOH F .  ? 0.3162 0.3223 0.2553 -0.0458 -0.0406 -0.0326 201 HOH B O     
554 O  O     . HOH F .  ? 0.3200 0.2995 0.2454 -0.0235 -0.0074 0.0006  203 HOH B O     
555 O  O     . HOH F .  ? 0.2913 0.3493 0.4530 -0.0116 0.0429  -0.0719 204 HOH B O     
556 O  O     . HOH F .  ? 0.3590 0.3820 0.4298 0.0132  0.0422  0.0542  205 HOH B O     
557 O  O     . HOH F .  ? 0.3526 0.3999 0.4557 -0.0003 0.0565  0.0285  206 HOH B O     
558 O  O     . HOH F .  ? 0.2508 0.3547 0.5077 -0.0215 -0.0942 -0.1028 207 HOH B O     
559 O  O     . HOH F .  ? 0.4656 0.4077 0.4429 0.0987  -0.0844 -0.1018 208 HOH B O     
560 O  O     . HOH F .  ? 0.3949 0.2722 0.4938 0.0059  0.1417  -0.0303 211 HOH B O     
561 O  O     . HOH F .  ? 0.4941 0.2831 0.4400 -0.0202 0.0418  -0.0580 212 HOH B O     
562 O  O     . HOH F .  ? 0.4458 0.4099 0.4782 0.0758  0.0224  -0.0003 213 HOH B O     
563 O  O     . HOH F .  ? 0.3507 0.5435 0.6327 -0.0111 0.0412  -0.1024 214 HOH B O     
564 O  O     . HOH F .  ? 0.3878 0.9407 0.6666 0.0574  -0.0182 -0.0295 215 HOH B O     
565 O  O     . HOH F .  ? 0.4618 0.6078 0.4781 -0.1099 0.0436  -0.0441 216 HOH B O     
566 O  O     . HOH F .  ? 0.4851 0.5485 0.7905 -0.0631 -0.0439 -0.1738 217 HOH B O     
567 O  O     . HOH F .  ? 0.5936 0.3661 0.4900 0.1189  0.1146  -0.0061 222 HOH B O     
568 O  O     . HOH F .  ? 0.7015 0.4821 0.3956 0.1864  0.0334  -0.0586 223 HOH B O     
569 O  O     . HOH F .  ? 0.2610 0.5198 1.4733 0.2267  -0.2837 -0.2312 231 HOH B O     
570 O  O     . HOH F .  ? 0.4842 0.2648 0.3795 0.0000  0.0890  -0.0182 232 HOH B O     
571 O  O     . HOH F .  ? 0.3795 0.5741 0.7925 0.0857  0.0947  -0.0053 236 HOH B O     
572 O  O     . HOH F .  ? 0.3334 0.4103 0.4440 0.0257  0.0241  -0.0289 237 HOH B O     
573 O  O     . HOH F .  ? 0.4593 0.4068 0.4918 -0.0401 0.0565  -0.0075 238 HOH B O     
574 O  O     . HOH F .  ? 0.9396 0.8465 1.7086 -0.3702 0.1761  0.4955  241 HOH B O     
575 O  O     . HOH F .  ? 0.4950 0.3609 0.4988 -0.0634 -0.0480 0.0196  242 HOH B O     
576 O  O     . HOH F .  ? 0.6819 0.6049 0.5376 0.1129  -0.1395 -0.1836 249 HOH B O     
577 O  O     . HOH F .  ? 0.7008 0.3961 0.6014 -0.1800 0.1342  -0.0005 251 HOH B O     
578 O  O     . HOH F .  ? 0.6030 0.7451 0.9802 0.0797  -0.2266 0.1989  252 HOH B O     
579 O  O     . HOH F .  ? 0.4509 0.5924 0.3511 0.0537  -0.1116 0.0246  253 HOH B O     
580 O  O     . HOH F .  ? 0.5560 0.4642 0.4803 0.0593  0.1458  0.1635  254 HOH B O     
581 O  O     . HOH F .  ? 0.6629 0.3409 0.7248 0.0112  -0.0997 0.0963  255 HOH B O     
582 O  O     . HOH F .  ? 0.7178 0.4014 0.6900 -0.1330 0.0191  0.2239  256 HOH B O     
583 O  O     . HOH F .  ? 0.5939 0.8579 0.7614 0.0645  0.0821  0.0161  257 HOH B O     
584 O  O     . HOH F .  ? 0.5657 0.4385 0.8411 -0.1154 -0.1360 0.0547  259 HOH B O     
585 O  O     . HOH F .  ? 0.2877 0.6714 0.5819 0.0169  -0.0961 -0.0222 260 HOH B O     
586 O  O     . HOH F .  ? 0.4123 0.6734 0.4125 0.0012  -0.0361 0.0322  266 HOH B O     
587 O  O     . HOH F .  ? 0.7486 0.6283 0.3814 -0.0041 -0.0176 -0.0804 278 HOH B O     
588 O  O     . HOH F .  ? 0.6804 0.3756 1.2194 0.1350  0.3403  -0.0470 281 HOH B O     
589 O  O     . HOH F .  ? 1.0728 0.5388 0.5679 0.2645  0.1095  0.0666  285 HOH B O     
590 O  O     . HOH F .  ? 0.6763 0.4736 0.9143 0.0078  -0.0513 0.1450  286 HOH B O     
591 O  O     . HOH F .  ? 0.6425 0.8907 0.3885 0.1548  -0.1072 -0.0294 288 HOH B O     
592 O  O     . HOH F .  ? 1.1538 0.6400 0.5729 -0.0270 0.0525  -0.1207 291 HOH B O     
593 O  O     . HOH F .  ? 0.6264 0.3945 0.4503 0.0570  -0.1252 0.1689  292 HOH B O     
594 O  O     . HOH F .  ? 0.6224 0.5737 0.9057 -0.3270 0.4609  -0.1541 293 HOH B O     
595 O  O     . HOH F .  ? 0.4426 0.5530 0.5595 0.1680  -0.2083 -0.0407 294 HOH B O     
596 O  O     . HOH F .  ? 0.5292 0.6728 0.3938 -0.0912 -0.0863 -0.1175 298 HOH B O     
597 O  O     . HOH F .  ? 0.4772 0.4377 0.3497 -0.0229 -0.0354 0.1603  304 HOH B O     
598 O  O     . HOH F .  ? 0.3129 0.4127 0.6179 -0.0712 0.0644  0.0831  305 HOH B O     
599 O  O     . HOH F .  ? 0.8564 0.6175 0.4201 0.1993  -0.2295 0.1225  306 HOH B O     
600 O  O     . HOH F .  ? 0.6937 0.6808 0.5493 0.0261  -0.1595 -0.0676 307 HOH B O     
# 
loop_
_pdbx_poly_seq_scheme.asym_id 
_pdbx_poly_seq_scheme.entity_id 
_pdbx_poly_seq_scheme.seq_id 
_pdbx_poly_seq_scheme.mon_id 
_pdbx_poly_seq_scheme.ndb_seq_num 
_pdbx_poly_seq_scheme.pdb_seq_num 
_pdbx_poly_seq_scheme.auth_seq_num 
_pdbx_poly_seq_scheme.pdb_mon_id 
_pdbx_poly_seq_scheme.auth_mon_id 
_pdbx_poly_seq_scheme.pdb_strand_id 
_pdbx_poly_seq_scheme.pdb_ins_code 
_pdbx_poly_seq_scheme.hetero 
A 1 1  DC  1  1  1  DC  C   A . n 
A 1 2  DG  2  2  2  DG  G   A . n 
A 1 3  DC  3  3  3  DC  C   A . n 
A 1 4  DG  4  4  4  DG  G   A . n 
A 1 5  TCY 5  5  5  TCY TCY A . n 
A 1 6  DA  6  6  6  DA  A   A . n 
A 1 7  DT  7  7  7  DT  T   A . n 
A 1 8  DT  8  8  8  DT  T   A . n 
A 1 9  DC  9  9  9  DC  C   A . n 
A 1 10 DG  10 10 10 DG  G   A . n 
A 1 11 DC  11 11 11 DC  C   A . n 
A 1 12 DG  12 12 12 DG  G   A . n 
B 1 1  DC  1  1  1  DC  C   B . n 
B 1 2  DG  2  2  2  DG  G   B . n 
B 1 3  DC  3  3  3  DC  C   B . n 
B 1 4  DG  4  4  4  DG  G   B . n 
B 1 5  TCY 5  5  5  TCY TCY B . n 
B 1 6  DA  6  6  6  DA  A   B . n 
B 1 7  DT  7  7  7  DT  T   B . n 
B 1 8  DT  8  8  8  DT  T   B . n 
B 1 9  DC  9  9  9  DC  C   B . n 
B 1 10 DG  10 10 10 DG  G   B . n 
B 1 11 DC  11 11 11 DC  C   B . n 
B 1 12 DG  12 12 12 DG  G   B . n 
# 
loop_
_pdbx_nonpoly_scheme.asym_id 
_pdbx_nonpoly_scheme.entity_id 
_pdbx_nonpoly_scheme.mon_id 
_pdbx_nonpoly_scheme.ndb_seq_num 
_pdbx_nonpoly_scheme.pdb_seq_num 
_pdbx_nonpoly_scheme.auth_seq_num 
_pdbx_nonpoly_scheme.pdb_mon_id 
_pdbx_nonpoly_scheme.auth_mon_id 
_pdbx_nonpoly_scheme.pdb_strand_id 
_pdbx_nonpoly_scheme.pdb_ins_code 
C 2 ZN  1  308 308 ZN  ZN  B . 
D 3 SPM 1  309 309 SPM SPM B . 
E 4 HOH 1  209 209 HOH HOH A . 
E 4 HOH 2  210 210 HOH HOH A . 
E 4 HOH 3  218 218 HOH HOH A . 
E 4 HOH 4  219 219 HOH HOH A . 
E 4 HOH 5  220 220 HOH HOH A . 
E 4 HOH 6  221 221 HOH HOH A . 
E 4 HOH 7  224 224 HOH HOH A . 
E 4 HOH 8  225 225 HOH HOH A . 
E 4 HOH 9  226 226 HOH HOH A . 
E 4 HOH 10 227 227 HOH HOH A . 
E 4 HOH 11 228 228 HOH HOH A . 
E 4 HOH 12 229 229 HOH HOH A . 
E 4 HOH 13 233 233 HOH HOH A . 
E 4 HOH 14 234 234 HOH HOH A . 
E 4 HOH 15 235 235 HOH HOH A . 
E 4 HOH 16 239 239 HOH HOH A . 
E 4 HOH 17 240 240 HOH HOH A . 
E 4 HOH 18 243 243 HOH HOH A . 
E 4 HOH 19 244 244 HOH HOH A . 
E 4 HOH 20 245 245 HOH HOH A . 
E 4 HOH 21 246 246 HOH HOH A . 
E 4 HOH 22 247 247 HOH HOH A . 
E 4 HOH 23 262 262 HOH HOH A . 
E 4 HOH 24 263 263 HOH HOH A . 
E 4 HOH 25 264 264 HOH HOH A . 
E 4 HOH 26 265 265 HOH HOH A . 
E 4 HOH 27 268 268 HOH HOH A . 
E 4 HOH 28 269 269 HOH HOH A . 
E 4 HOH 29 270 270 HOH HOH A . 
E 4 HOH 30 271 271 HOH HOH A . 
E 4 HOH 31 272 272 HOH HOH A . 
E 4 HOH 32 273 273 HOH HOH A . 
E 4 HOH 33 274 274 HOH HOH A . 
E 4 HOH 34 275 275 HOH HOH A . 
E 4 HOH 35 276 276 HOH HOH A . 
E 4 HOH 36 277 277 HOH HOH A . 
E 4 HOH 37 279 279 HOH HOH A . 
E 4 HOH 38 289 289 HOH HOH A . 
E 4 HOH 39 290 290 HOH HOH A . 
E 4 HOH 40 296 296 HOH HOH A . 
E 4 HOH 41 297 297 HOH HOH A . 
E 4 HOH 42 299 299 HOH HOH A . 
E 4 HOH 43 301 301 HOH HOH A . 
E 4 HOH 44 302 302 HOH HOH A . 
E 4 HOH 45 303 303 HOH HOH A . 
F 4 HOH 1  201 201 HOH HOH B . 
F 4 HOH 2  203 203 HOH HOH B . 
F 4 HOH 3  204 204 HOH HOH B . 
F 4 HOH 4  205 205 HOH HOH B . 
F 4 HOH 5  206 206 HOH HOH B . 
F 4 HOH 6  207 207 HOH HOH B . 
F 4 HOH 7  208 208 HOH HOH B . 
F 4 HOH 8  211 211 HOH HOH B . 
F 4 HOH 9  212 212 HOH HOH B . 
F 4 HOH 10 213 213 HOH HOH B . 
F 4 HOH 11 214 214 HOH HOH B . 
F 4 HOH 12 215 215 HOH HOH B . 
F 4 HOH 13 216 216 HOH HOH B . 
F 4 HOH 14 217 217 HOH HOH B . 
F 4 HOH 15 222 222 HOH HOH B . 
F 4 HOH 16 223 223 HOH HOH B . 
F 4 HOH 17 231 231 HOH HOH B . 
F 4 HOH 18 232 232 HOH HOH B . 
F 4 HOH 19 236 236 HOH HOH B . 
F 4 HOH 20 237 237 HOH HOH B . 
F 4 HOH 21 238 238 HOH HOH B . 
F 4 HOH 22 241 241 HOH HOH B . 
F 4 HOH 23 242 242 HOH HOH B . 
F 4 HOH 24 249 249 HOH HOH B . 
F 4 HOH 25 251 251 HOH HOH B . 
F 4 HOH 26 252 252 HOH HOH B . 
F 4 HOH 27 253 253 HOH HOH B . 
F 4 HOH 28 254 254 HOH HOH B . 
F 4 HOH 29 255 255 HOH HOH B . 
F 4 HOH 30 256 256 HOH HOH B . 
F 4 HOH 31 257 257 HOH HOH B . 
F 4 HOH 32 259 259 HOH HOH B . 
F 4 HOH 33 260 260 HOH HOH B . 
F 4 HOH 34 266 266 HOH HOH B . 
F 4 HOH 35 278 278 HOH HOH B . 
F 4 HOH 36 281 281 HOH HOH B . 
F 4 HOH 37 285 285 HOH HOH B . 
F 4 HOH 38 286 286 HOH HOH B . 
F 4 HOH 39 288 288 HOH HOH B . 
F 4 HOH 40 291 291 HOH HOH B . 
F 4 HOH 41 292 292 HOH HOH B . 
F 4 HOH 42 293 293 HOH HOH B . 
F 4 HOH 43 294 294 HOH HOH B . 
F 4 HOH 44 298 298 HOH HOH B . 
F 4 HOH 45 304 304 HOH HOH B . 
F 4 HOH 46 305 305 HOH HOH B . 
F 4 HOH 47 306 306 HOH HOH B . 
F 4 HOH 48 307 307 HOH HOH B . 
# 
loop_
_pdbx_struct_mod_residue.id 
_pdbx_struct_mod_residue.label_asym_id 
_pdbx_struct_mod_residue.label_comp_id 
_pdbx_struct_mod_residue.label_seq_id 
_pdbx_struct_mod_residue.auth_asym_id 
_pdbx_struct_mod_residue.auth_comp_id 
_pdbx_struct_mod_residue.auth_seq_id 
_pdbx_struct_mod_residue.PDB_ins_code 
_pdbx_struct_mod_residue.parent_comp_id 
_pdbx_struct_mod_residue.details 
1 A TCY 5 A TCY 5 ? DA ? 
2 B TCY 5 B TCY 5 ? DA ? 
# 
_pdbx_struct_assembly.id                   1 
_pdbx_struct_assembly.details              author_and_software_defined_assembly 
_pdbx_struct_assembly.method_details       PISA 
_pdbx_struct_assembly.oligomeric_details   dimeric 
_pdbx_struct_assembly.oligomeric_count     2 
# 
_pdbx_struct_assembly_gen.assembly_id       1 
_pdbx_struct_assembly_gen.oper_expression   1 
_pdbx_struct_assembly_gen.asym_id_list      A,B,C,D,E,F 
# 
_pdbx_struct_assembly_prop.biol_id   1 
_pdbx_struct_assembly_prop.type      'ABSA (A^2)' 
_pdbx_struct_assembly_prop.value     1190 
_pdbx_struct_assembly_prop.details   ? 
# 
_pdbx_struct_oper_list.id                   1 
_pdbx_struct_oper_list.type                 'identity operation' 
_pdbx_struct_oper_list.name                 1_555 
_pdbx_struct_oper_list.symmetry_operation   x,y,z 
_pdbx_struct_oper_list.matrix[1][1]         1.0000000000 
_pdbx_struct_oper_list.matrix[1][2]         0.0000000000 
_pdbx_struct_oper_list.matrix[1][3]         0.0000000000 
_pdbx_struct_oper_list.vector[1]            0.0000000000 
_pdbx_struct_oper_list.matrix[2][1]         0.0000000000 
_pdbx_struct_oper_list.matrix[2][2]         1.0000000000 
_pdbx_struct_oper_list.matrix[2][3]         0.0000000000 
_pdbx_struct_oper_list.vector[2]            0.0000000000 
_pdbx_struct_oper_list.matrix[3][1]         0.0000000000 
_pdbx_struct_oper_list.matrix[3][2]         0.0000000000 
_pdbx_struct_oper_list.matrix[3][3]         1.0000000000 
_pdbx_struct_oper_list.vector[3]            0.0000000000 
# 
loop_
_pdbx_audit_revision_history.ordinal 
_pdbx_audit_revision_history.data_content_type 
_pdbx_audit_revision_history.major_revision 
_pdbx_audit_revision_history.minor_revision 
_pdbx_audit_revision_history.revision_date 
1 'Structure model' 1 0 2008-02-12 
2 'Structure model' 1 1 2011-07-13 
3 'Structure model' 1 2 2023-08-30 
# 
_pdbx_audit_revision_details.ordinal             1 
_pdbx_audit_revision_details.revision_ordinal    1 
_pdbx_audit_revision_details.data_content_type   'Structure model' 
_pdbx_audit_revision_details.provider            repository 
_pdbx_audit_revision_details.type                'Initial release' 
_pdbx_audit_revision_details.description         ? 
_pdbx_audit_revision_details.details             ? 
# 
loop_
_pdbx_audit_revision_group.ordinal 
_pdbx_audit_revision_group.revision_ordinal 
_pdbx_audit_revision_group.data_content_type 
_pdbx_audit_revision_group.group 
1 2 'Structure model' 'Version format compliance' 
2 3 'Structure model' 'Data collection'           
3 3 'Structure model' 'Database references'       
4 3 'Structure model' 'Derived calculations'      
5 3 'Structure model' 'Refinement description'    
# 
loop_
_pdbx_audit_revision_category.ordinal 
_pdbx_audit_revision_category.revision_ordinal 
_pdbx_audit_revision_category.data_content_type 
_pdbx_audit_revision_category.category 
1 3 'Structure model' chem_comp_atom                
2 3 'Structure model' chem_comp_bond                
3 3 'Structure model' database_2                    
4 3 'Structure model' pdbx_initial_refinement_model 
5 3 'Structure model' struct_conn                   
6 3 'Structure model' struct_conn_type              
7 3 'Structure model' struct_site                   
# 
loop_
_pdbx_audit_revision_item.ordinal 
_pdbx_audit_revision_item.revision_ordinal 
_pdbx_audit_revision_item.data_content_type 
_pdbx_audit_revision_item.item 
1  3 'Structure model' '_database_2.pdbx_DOI'                
2  3 'Structure model' '_database_2.pdbx_database_accession' 
3  3 'Structure model' '_struct_conn.conn_type_id'           
4  3 'Structure model' '_struct_conn.id'                     
5  3 'Structure model' '_struct_conn.pdbx_dist_value'        
6  3 'Structure model' '_struct_conn.pdbx_leaving_atom_flag' 
7  3 'Structure model' '_struct_conn.ptnr1_auth_asym_id'     
8  3 'Structure model' '_struct_conn.ptnr1_auth_comp_id'     
9  3 'Structure model' '_struct_conn.ptnr1_auth_seq_id'      
10 3 'Structure model' '_struct_conn.ptnr1_label_asym_id'    
11 3 'Structure model' '_struct_conn.ptnr1_label_atom_id'    
12 3 'Structure model' '_struct_conn.ptnr1_label_comp_id'    
13 3 'Structure model' '_struct_conn.ptnr1_label_seq_id'     
14 3 'Structure model' '_struct_conn.ptnr2_auth_asym_id'     
15 3 'Structure model' '_struct_conn.ptnr2_auth_comp_id'     
16 3 'Structure model' '_struct_conn.ptnr2_auth_seq_id'      
17 3 'Structure model' '_struct_conn.ptnr2_label_asym_id'    
18 3 'Structure model' '_struct_conn.ptnr2_label_atom_id'    
19 3 'Structure model' '_struct_conn.ptnr2_label_comp_id'    
20 3 'Structure model' '_struct_conn.ptnr2_label_seq_id'     
21 3 'Structure model' '_struct_conn_type.id'                
22 3 'Structure model' '_struct_site.pdbx_auth_asym_id'      
23 3 'Structure model' '_struct_site.pdbx_auth_comp_id'      
24 3 'Structure model' '_struct_site.pdbx_auth_seq_id'       
# 
_pdbx_refine_tls.id               1 
_pdbx_refine_tls.details          ? 
_pdbx_refine_tls.method           refined 
_pdbx_refine_tls.origin_x         -0.1931 
_pdbx_refine_tls.origin_y         -0.3726 
_pdbx_refine_tls.origin_z         -0.5068 
_pdbx_refine_tls.T[1][1]          -0.0047 
_pdbx_refine_tls.T[2][2]          0.0116 
_pdbx_refine_tls.T[3][3]          0.0149 
_pdbx_refine_tls.T[1][2]          -0.0092 
_pdbx_refine_tls.T[1][3]          -0.0022 
_pdbx_refine_tls.T[2][3]          0.0050 
_pdbx_refine_tls.L[1][1]          0.2545 
_pdbx_refine_tls.L[2][2]          2.4511 
_pdbx_refine_tls.L[3][3]          3.0015 
_pdbx_refine_tls.L[1][2]          -0.7898 
_pdbx_refine_tls.L[1][3]          -0.8740 
_pdbx_refine_tls.L[2][3]          2.7125 
_pdbx_refine_tls.S[1][1]          0.1410 
_pdbx_refine_tls.S[1][2]          0.0661 
_pdbx_refine_tls.S[1][3]          0.0723 
_pdbx_refine_tls.S[2][1]          0.0871 
_pdbx_refine_tls.S[2][2]          0.0136 
_pdbx_refine_tls.S[2][3]          -0.2096 
_pdbx_refine_tls.S[3][1]          0.0633 
_pdbx_refine_tls.S[3][2]          -0.1250 
_pdbx_refine_tls.S[3][3]          -0.1546 
_pdbx_refine_tls.pdbx_refine_id   'X-RAY DIFFRACTION' 
# 
loop_
_pdbx_refine_tls_group.id 
_pdbx_refine_tls_group.refine_tls_id 
_pdbx_refine_tls_group.beg_auth_asym_id 
_pdbx_refine_tls_group.beg_auth_seq_id 
_pdbx_refine_tls_group.beg_label_asym_id 
_pdbx_refine_tls_group.beg_label_seq_id 
_pdbx_refine_tls_group.end_auth_asym_id 
_pdbx_refine_tls_group.end_auth_seq_id 
_pdbx_refine_tls_group.end_label_asym_id 
_pdbx_refine_tls_group.end_label_seq_id 
_pdbx_refine_tls_group.selection 
_pdbx_refine_tls_group.pdbx_refine_id 
_pdbx_refine_tls_group.selection_details 
1 1 A 1 A 1 A 12 A 12 ? 'X-RAY DIFFRACTION' ? 
2 1 B 1 B 1 B 12 B 12 ? 'X-RAY DIFFRACTION' ? 
# 
loop_
_software.name 
_software.classification 
_software.version 
_software.citation_id 
_software.pdbx_ordinal 
REFMAC   refinement        5.2.0005 ? 1 
ADSC     'data collection' Quantum  ? 2 
HKL-2000 'data reduction'  .        ? 3 
HKL-2000 'data scaling'    .        ? 4 
MOLREP   phasing           .        ? 5 
CNS      refinement        1.1      ? 6 
# 
loop_
_pdbx_validate_rmsd_angle.id 
_pdbx_validate_rmsd_angle.PDB_model_num 
_pdbx_validate_rmsd_angle.auth_atom_id_1 
_pdbx_validate_rmsd_angle.auth_asym_id_1 
_pdbx_validate_rmsd_angle.auth_comp_id_1 
_pdbx_validate_rmsd_angle.auth_seq_id_1 
_pdbx_validate_rmsd_angle.PDB_ins_code_1 
_pdbx_validate_rmsd_angle.label_alt_id_1 
_pdbx_validate_rmsd_angle.auth_atom_id_2 
_pdbx_validate_rmsd_angle.auth_asym_id_2 
_pdbx_validate_rmsd_angle.auth_comp_id_2 
_pdbx_validate_rmsd_angle.auth_seq_id_2 
_pdbx_validate_rmsd_angle.PDB_ins_code_2 
_pdbx_validate_rmsd_angle.label_alt_id_2 
_pdbx_validate_rmsd_angle.auth_atom_id_3 
_pdbx_validate_rmsd_angle.auth_asym_id_3 
_pdbx_validate_rmsd_angle.auth_comp_id_3 
_pdbx_validate_rmsd_angle.auth_seq_id_3 
_pdbx_validate_rmsd_angle.PDB_ins_code_3 
_pdbx_validate_rmsd_angle.label_alt_id_3 
_pdbx_validate_rmsd_angle.angle_value 
_pdbx_validate_rmsd_angle.angle_target_value 
_pdbx_validate_rmsd_angle.angle_deviation 
_pdbx_validate_rmsd_angle.angle_standard_deviation 
_pdbx_validate_rmsd_angle.linker_flag 
1 1 "O4'" A DG  2 ? ? "C1'" A DG  2 ? ? N9 A DG 2 ? ? 101.45 108.00 -6.55 0.70 N 
2 1 "O4'" A DG  4 ? ? "C1'" A DG  4 ? ? N9 A DG 4 ? ? 110.18 108.30 1.88  0.30 N 
3 1 "C3'" A TCY 5 ? ? "O3'" A TCY 5 ? ? P  A DA 6 ? ? 127.97 119.70 8.27  1.20 Y 
4 1 "O4'" A DC  9 ? ? "C1'" A DC  9 ? ? N1 A DC 9 ? ? 101.93 108.00 -6.07 0.70 N 
5 1 "O4'" B DG  2 ? ? "C1'" B DG  2 ? ? N9 B DG 2 ? ? 101.50 108.00 -6.50 0.70 N 
6 1 "O4'" B DG  4 ? ? "C1'" B DG  4 ? ? N9 B DG 4 ? ? 110.27 108.30 1.97  0.30 N 
7 1 "C3'" B TCY 5 ? ? "O3'" B TCY 5 ? ? P  B DA 6 ? ? 130.38 119.70 10.68 1.20 Y 
8 1 "O4'" B DC  9 ? ? "C1'" B DC  9 ? ? N1 B DC 9 ? ? 101.10 108.00 -6.90 0.70 N 
# 
loop_
_chem_comp_atom.comp_id 
_chem_comp_atom.atom_id 
_chem_comp_atom.type_symbol 
_chem_comp_atom.pdbx_aromatic_flag 
_chem_comp_atom.pdbx_stereo_config 
_chem_comp_atom.pdbx_ordinal 
DA  OP3    O  N N 1   
DA  P      P  N N 2   
DA  OP1    O  N N 3   
DA  OP2    O  N N 4   
DA  "O5'"  O  N N 5   
DA  "C5'"  C  N N 6   
DA  "C4'"  C  N R 7   
DA  "O4'"  O  N N 8   
DA  "C3'"  C  N S 9   
DA  "O3'"  O  N N 10  
DA  "C2'"  C  N N 11  
DA  "C1'"  C  N R 12  
DA  N9     N  Y N 13  
DA  C8     C  Y N 14  
DA  N7     N  Y N 15  
DA  C5     C  Y N 16  
DA  C6     C  Y N 17  
DA  N6     N  N N 18  
DA  N1     N  Y N 19  
DA  C2     C  Y N 20  
DA  N3     N  Y N 21  
DA  C4     C  Y N 22  
DA  HOP3   H  N N 23  
DA  HOP2   H  N N 24  
DA  "H5'"  H  N N 25  
DA  "H5''" H  N N 26  
DA  "H4'"  H  N N 27  
DA  "H3'"  H  N N 28  
DA  "HO3'" H  N N 29  
DA  "H2'"  H  N N 30  
DA  "H2''" H  N N 31  
DA  "H1'"  H  N N 32  
DA  H8     H  N N 33  
DA  H61    H  N N 34  
DA  H62    H  N N 35  
DA  H2     H  N N 36  
DC  OP3    O  N N 37  
DC  P      P  N N 38  
DC  OP1    O  N N 39  
DC  OP2    O  N N 40  
DC  "O5'"  O  N N 41  
DC  "C5'"  C  N N 42  
DC  "C4'"  C  N R 43  
DC  "O4'"  O  N N 44  
DC  "C3'"  C  N S 45  
DC  "O3'"  O  N N 46  
DC  "C2'"  C  N N 47  
DC  "C1'"  C  N R 48  
DC  N1     N  N N 49  
DC  C2     C  N N 50  
DC  O2     O  N N 51  
DC  N3     N  N N 52  
DC  C4     C  N N 53  
DC  N4     N  N N 54  
DC  C5     C  N N 55  
DC  C6     C  N N 56  
DC  HOP3   H  N N 57  
DC  HOP2   H  N N 58  
DC  "H5'"  H  N N 59  
DC  "H5''" H  N N 60  
DC  "H4'"  H  N N 61  
DC  "H3'"  H  N N 62  
DC  "HO3'" H  N N 63  
DC  "H2'"  H  N N 64  
DC  "H2''" H  N N 65  
DC  "H1'"  H  N N 66  
DC  H41    H  N N 67  
DC  H42    H  N N 68  
DC  H5     H  N N 69  
DC  H6     H  N N 70  
DG  OP3    O  N N 71  
DG  P      P  N N 72  
DG  OP1    O  N N 73  
DG  OP2    O  N N 74  
DG  "O5'"  O  N N 75  
DG  "C5'"  C  N N 76  
DG  "C4'"  C  N R 77  
DG  "O4'"  O  N N 78  
DG  "C3'"  C  N S 79  
DG  "O3'"  O  N N 80  
DG  "C2'"  C  N N 81  
DG  "C1'"  C  N R 82  
DG  N9     N  Y N 83  
DG  C8     C  Y N 84  
DG  N7     N  Y N 85  
DG  C5     C  Y N 86  
DG  C6     C  N N 87  
DG  O6     O  N N 88  
DG  N1     N  N N 89  
DG  C2     C  N N 90  
DG  N2     N  N N 91  
DG  N3     N  N N 92  
DG  C4     C  Y N 93  
DG  HOP3   H  N N 94  
DG  HOP2   H  N N 95  
DG  "H5'"  H  N N 96  
DG  "H5''" H  N N 97  
DG  "H4'"  H  N N 98  
DG  "H3'"  H  N N 99  
DG  "HO3'" H  N N 100 
DG  "H2'"  H  N N 101 
DG  "H2''" H  N N 102 
DG  "H1'"  H  N N 103 
DG  H8     H  N N 104 
DG  H1     H  N N 105 
DG  H21    H  N N 106 
DG  H22    H  N N 107 
DT  OP3    O  N N 108 
DT  P      P  N N 109 
DT  OP1    O  N N 110 
DT  OP2    O  N N 111 
DT  "O5'"  O  N N 112 
DT  "C5'"  C  N N 113 
DT  "C4'"  C  N R 114 
DT  "O4'"  O  N N 115 
DT  "C3'"  C  N S 116 
DT  "O3'"  O  N N 117 
DT  "C2'"  C  N N 118 
DT  "C1'"  C  N R 119 
DT  N1     N  N N 120 
DT  C2     C  N N 121 
DT  O2     O  N N 122 
DT  N3     N  N N 123 
DT  C4     C  N N 124 
DT  O4     O  N N 125 
DT  C5     C  N N 126 
DT  C7     C  N N 127 
DT  C6     C  N N 128 
DT  HOP3   H  N N 129 
DT  HOP2   H  N N 130 
DT  "H5'"  H  N N 131 
DT  "H5''" H  N N 132 
DT  "H4'"  H  N N 133 
DT  "H3'"  H  N N 134 
DT  "HO3'" H  N N 135 
DT  "H2'"  H  N N 136 
DT  "H2''" H  N N 137 
DT  "H1'"  H  N N 138 
DT  H3     H  N N 139 
DT  H71    H  N N 140 
DT  H72    H  N N 141 
DT  H73    H  N N 142 
DT  H6     H  N N 143 
HOH O      O  N N 144 
HOH H1     H  N N 145 
HOH H2     H  N N 146 
SPM N1     N  N N 147 
SPM C2     C  N N 148 
SPM C3     C  N N 149 
SPM C4     C  N N 150 
SPM N5     N  N N 151 
SPM C6     C  N N 152 
SPM C7     C  N N 153 
SPM C8     C  N N 154 
SPM C9     C  N N 155 
SPM N10    N  N N 156 
SPM C11    C  N N 157 
SPM C12    C  N N 158 
SPM C13    C  N N 159 
SPM N14    N  N N 160 
SPM HN11   H  N N 161 
SPM HN12   H  N N 162 
SPM H21    H  N N 163 
SPM H22    H  N N 164 
SPM H31    H  N N 165 
SPM H32    H  N N 166 
SPM H41    H  N N 167 
SPM H42    H  N N 168 
SPM HN5    H  N N 169 
SPM H61    H  N N 170 
SPM H62    H  N N 171 
SPM H71    H  N N 172 
SPM H72    H  N N 173 
SPM H81    H  N N 174 
SPM H82    H  N N 175 
SPM H91    H  N N 176 
SPM H92    H  N N 177 
SPM HN0    H  N N 178 
SPM H111   H  N N 179 
SPM H112   H  N N 180 
SPM H121   H  N N 181 
SPM H122   H  N N 182 
SPM H131   H  N N 183 
SPM H132   H  N N 184 
SPM HN41   H  N N 185 
SPM HN42   H  N N 186 
TCY O3P    O  N N 187 
TCY O1P    O  N N 188 
TCY P      P  N N 189 
TCY O2P    O  N N 190 
TCY "C8'"  C  N N 191 
TCY "O5'"  O  N N 192 
TCY "C5'"  C  N R 193 
TCY "C6'"  C  N S 194 
TCY "C4'"  C  N S 195 
TCY "C3'"  C  N S 196 
TCY "C7'"  C  N N 197 
TCY "O3'"  O  N N 198 
TCY "C2'"  C  N N 199 
TCY "C1'"  C  N R 200 
TCY "O4'"  O  N N 201 
TCY N9     N  Y N 202 
TCY C4     C  Y N 203 
TCY N3     N  Y N 204 
TCY C2     C  Y N 205 
TCY N1     N  Y N 206 
TCY C6     C  Y N 207 
TCY N6     N  N N 208 
TCY C5     C  Y N 209 
TCY N7     N  Y N 210 
TCY C8     C  Y N 211 
TCY "H8'"  H  N N 212 
TCY "H8'A" H  N N 213 
TCY "H6'"  H  N N 214 
TCY "H4'"  H  N N 215 
TCY "H7'"  H  N N 216 
TCY "H7'A" H  N N 217 
TCY "HO3'" H  N N 218 
TCY "H2'"  H  N N 219 
TCY "H2'A" H  N N 220 
TCY "H1'"  H  N N 221 
TCY H2     H  N N 222 
TCY HN6    H  N N 223 
TCY HN6A   H  N N 224 
TCY H8     H  N N 225 
TCY HO3P   H  N N 226 
TCY HO2P   H  N N 227 
ZN  ZN     ZN N N 228 
# 
loop_
_chem_comp_bond.comp_id 
_chem_comp_bond.atom_id_1 
_chem_comp_bond.atom_id_2 
_chem_comp_bond.value_order 
_chem_comp_bond.pdbx_aromatic_flag 
_chem_comp_bond.pdbx_stereo_config 
_chem_comp_bond.pdbx_ordinal 
DA  OP3   P      sing N N 1   
DA  OP3   HOP3   sing N N 2   
DA  P     OP1    doub N N 3   
DA  P     OP2    sing N N 4   
DA  P     "O5'"  sing N N 5   
DA  OP2   HOP2   sing N N 6   
DA  "O5'" "C5'"  sing N N 7   
DA  "C5'" "C4'"  sing N N 8   
DA  "C5'" "H5'"  sing N N 9   
DA  "C5'" "H5''" sing N N 10  
DA  "C4'" "O4'"  sing N N 11  
DA  "C4'" "C3'"  sing N N 12  
DA  "C4'" "H4'"  sing N N 13  
DA  "O4'" "C1'"  sing N N 14  
DA  "C3'" "O3'"  sing N N 15  
DA  "C3'" "C2'"  sing N N 16  
DA  "C3'" "H3'"  sing N N 17  
DA  "O3'" "HO3'" sing N N 18  
DA  "C2'" "C1'"  sing N N 19  
DA  "C2'" "H2'"  sing N N 20  
DA  "C2'" "H2''" sing N N 21  
DA  "C1'" N9     sing N N 22  
DA  "C1'" "H1'"  sing N N 23  
DA  N9    C8     sing Y N 24  
DA  N9    C4     sing Y N 25  
DA  C8    N7     doub Y N 26  
DA  C8    H8     sing N N 27  
DA  N7    C5     sing Y N 28  
DA  C5    C6     sing Y N 29  
DA  C5    C4     doub Y N 30  
DA  C6    N6     sing N N 31  
DA  C6    N1     doub Y N 32  
DA  N6    H61    sing N N 33  
DA  N6    H62    sing N N 34  
DA  N1    C2     sing Y N 35  
DA  C2    N3     doub Y N 36  
DA  C2    H2     sing N N 37  
DA  N3    C4     sing Y N 38  
DC  OP3   P      sing N N 39  
DC  OP3   HOP3   sing N N 40  
DC  P     OP1    doub N N 41  
DC  P     OP2    sing N N 42  
DC  P     "O5'"  sing N N 43  
DC  OP2   HOP2   sing N N 44  
DC  "O5'" "C5'"  sing N N 45  
DC  "C5'" "C4'"  sing N N 46  
DC  "C5'" "H5'"  sing N N 47  
DC  "C5'" "H5''" sing N N 48  
DC  "C4'" "O4'"  sing N N 49  
DC  "C4'" "C3'"  sing N N 50  
DC  "C4'" "H4'"  sing N N 51  
DC  "O4'" "C1'"  sing N N 52  
DC  "C3'" "O3'"  sing N N 53  
DC  "C3'" "C2'"  sing N N 54  
DC  "C3'" "H3'"  sing N N 55  
DC  "O3'" "HO3'" sing N N 56  
DC  "C2'" "C1'"  sing N N 57  
DC  "C2'" "H2'"  sing N N 58  
DC  "C2'" "H2''" sing N N 59  
DC  "C1'" N1     sing N N 60  
DC  "C1'" "H1'"  sing N N 61  
DC  N1    C2     sing N N 62  
DC  N1    C6     sing N N 63  
DC  C2    O2     doub N N 64  
DC  C2    N3     sing N N 65  
DC  N3    C4     doub N N 66  
DC  C4    N4     sing N N 67  
DC  C4    C5     sing N N 68  
DC  N4    H41    sing N N 69  
DC  N4    H42    sing N N 70  
DC  C5    C6     doub N N 71  
DC  C5    H5     sing N N 72  
DC  C6    H6     sing N N 73  
DG  OP3   P      sing N N 74  
DG  OP3   HOP3   sing N N 75  
DG  P     OP1    doub N N 76  
DG  P     OP2    sing N N 77  
DG  P     "O5'"  sing N N 78  
DG  OP2   HOP2   sing N N 79  
DG  "O5'" "C5'"  sing N N 80  
DG  "C5'" "C4'"  sing N N 81  
DG  "C5'" "H5'"  sing N N 82  
DG  "C5'" "H5''" sing N N 83  
DG  "C4'" "O4'"  sing N N 84  
DG  "C4'" "C3'"  sing N N 85  
DG  "C4'" "H4'"  sing N N 86  
DG  "O4'" "C1'"  sing N N 87  
DG  "C3'" "O3'"  sing N N 88  
DG  "C3'" "C2'"  sing N N 89  
DG  "C3'" "H3'"  sing N N 90  
DG  "O3'" "HO3'" sing N N 91  
DG  "C2'" "C1'"  sing N N 92  
DG  "C2'" "H2'"  sing N N 93  
DG  "C2'" "H2''" sing N N 94  
DG  "C1'" N9     sing N N 95  
DG  "C1'" "H1'"  sing N N 96  
DG  N9    C8     sing Y N 97  
DG  N9    C4     sing Y N 98  
DG  C8    N7     doub Y N 99  
DG  C8    H8     sing N N 100 
DG  N7    C5     sing Y N 101 
DG  C5    C6     sing N N 102 
DG  C5    C4     doub Y N 103 
DG  C6    O6     doub N N 104 
DG  C6    N1     sing N N 105 
DG  N1    C2     sing N N 106 
DG  N1    H1     sing N N 107 
DG  C2    N2     sing N N 108 
DG  C2    N3     doub N N 109 
DG  N2    H21    sing N N 110 
DG  N2    H22    sing N N 111 
DG  N3    C4     sing N N 112 
DT  OP3   P      sing N N 113 
DT  OP3   HOP3   sing N N 114 
DT  P     OP1    doub N N 115 
DT  P     OP2    sing N N 116 
DT  P     "O5'"  sing N N 117 
DT  OP2   HOP2   sing N N 118 
DT  "O5'" "C5'"  sing N N 119 
DT  "C5'" "C4'"  sing N N 120 
DT  "C5'" "H5'"  sing N N 121 
DT  "C5'" "H5''" sing N N 122 
DT  "C4'" "O4'"  sing N N 123 
DT  "C4'" "C3'"  sing N N 124 
DT  "C4'" "H4'"  sing N N 125 
DT  "O4'" "C1'"  sing N N 126 
DT  "C3'" "O3'"  sing N N 127 
DT  "C3'" "C2'"  sing N N 128 
DT  "C3'" "H3'"  sing N N 129 
DT  "O3'" "HO3'" sing N N 130 
DT  "C2'" "C1'"  sing N N 131 
DT  "C2'" "H2'"  sing N N 132 
DT  "C2'" "H2''" sing N N 133 
DT  "C1'" N1     sing N N 134 
DT  "C1'" "H1'"  sing N N 135 
DT  N1    C2     sing N N 136 
DT  N1    C6     sing N N 137 
DT  C2    O2     doub N N 138 
DT  C2    N3     sing N N 139 
DT  N3    C4     sing N N 140 
DT  N3    H3     sing N N 141 
DT  C4    O4     doub N N 142 
DT  C4    C5     sing N N 143 
DT  C5    C7     sing N N 144 
DT  C5    C6     doub N N 145 
DT  C7    H71    sing N N 146 
DT  C7    H72    sing N N 147 
DT  C7    H73    sing N N 148 
DT  C6    H6     sing N N 149 
HOH O     H1     sing N N 150 
HOH O     H2     sing N N 151 
SPM N1    C2     sing N N 152 
SPM N1    HN11   sing N N 153 
SPM N1    HN12   sing N N 154 
SPM C2    C3     sing N N 155 
SPM C2    H21    sing N N 156 
SPM C2    H22    sing N N 157 
SPM C3    C4     sing N N 158 
SPM C3    H31    sing N N 159 
SPM C3    H32    sing N N 160 
SPM C4    N5     sing N N 161 
SPM C4    H41    sing N N 162 
SPM C4    H42    sing N N 163 
SPM N5    C6     sing N N 164 
SPM N5    HN5    sing N N 165 
SPM C6    C7     sing N N 166 
SPM C6    H61    sing N N 167 
SPM C6    H62    sing N N 168 
SPM C7    C8     sing N N 169 
SPM C7    H71    sing N N 170 
SPM C7    H72    sing N N 171 
SPM C8    C9     sing N N 172 
SPM C8    H81    sing N N 173 
SPM C8    H82    sing N N 174 
SPM C9    N10    sing N N 175 
SPM C9    H91    sing N N 176 
SPM C9    H92    sing N N 177 
SPM N10   C11    sing N N 178 
SPM N10   HN0    sing N N 179 
SPM C11   C12    sing N N 180 
SPM C11   H111   sing N N 181 
SPM C11   H112   sing N N 182 
SPM C12   C13    sing N N 183 
SPM C12   H121   sing N N 184 
SPM C12   H122   sing N N 185 
SPM C13   N14    sing N N 186 
SPM C13   H131   sing N N 187 
SPM C13   H132   sing N N 188 
SPM N14   HN41   sing N N 189 
SPM N14   HN42   sing N N 190 
TCY O3P   P      sing N N 191 
TCY O1P   P      doub N N 192 
TCY P     O2P    sing N N 193 
TCY P     "O5'"  sing N N 194 
TCY "C8'" "C5'"  sing N N 195 
TCY "C8'" "C6'"  sing N N 196 
TCY "O5'" "C5'"  sing N N 197 
TCY "C5'" "C6'"  sing N N 198 
TCY "C5'" "C4'"  sing N N 199 
TCY "C6'" "C7'"  sing N N 200 
TCY "C4'" "C3'"  sing N N 201 
TCY "C4'" "O4'"  sing N N 202 
TCY "C3'" "C7'"  sing N N 203 
TCY "C3'" "O3'"  sing N N 204 
TCY "C3'" "C2'"  sing N N 205 
TCY "C2'" "C1'"  sing N N 206 
TCY "C1'" "O4'"  sing N N 207 
TCY "C1'" N9     sing N N 208 
TCY N9    C4     sing Y N 209 
TCY N9    C8     sing Y N 210 
TCY C4    N3     doub Y N 211 
TCY C4    C5     sing Y N 212 
TCY N3    C2     sing Y N 213 
TCY C2    N1     doub Y N 214 
TCY N1    C6     sing Y N 215 
TCY C6    N6     sing N N 216 
TCY C6    C5     doub Y N 217 
TCY C5    N7     sing Y N 218 
TCY N7    C8     doub Y N 219 
TCY "C8'" "H8'"  sing N N 220 
TCY "C8'" "H8'A" sing N N 221 
TCY "C6'" "H6'"  sing N N 222 
TCY "C4'" "H4'"  sing N N 223 
TCY "C7'" "H7'"  sing N N 224 
TCY "C7'" "H7'A" sing N N 225 
TCY "O3'" "HO3'" sing N N 226 
TCY "C2'" "H2'"  sing N N 227 
TCY "C2'" "H2'A" sing N N 228 
TCY "C1'" "H1'"  sing N N 229 
TCY C2    H2     sing N N 230 
TCY N6    HN6    sing N N 231 
TCY N6    HN6A   sing N N 232 
TCY C8    H8     sing N N 233 
TCY O3P   HO3P   sing N N 234 
TCY O2P   HO2P   sing N N 235 
# 
loop_
_ndb_struct_conf_na.entry_id 
_ndb_struct_conf_na.feature 
2RF3 'double helix'         
2RF3 'b-form double helix'  
2RF3 'mismatched base pair' 
# 
loop_
_ndb_struct_na_base_pair.model_number 
_ndb_struct_na_base_pair.i_label_asym_id 
_ndb_struct_na_base_pair.i_label_comp_id 
_ndb_struct_na_base_pair.i_label_seq_id 
_ndb_struct_na_base_pair.i_symmetry 
_ndb_struct_na_base_pair.j_label_asym_id 
_ndb_struct_na_base_pair.j_label_comp_id 
_ndb_struct_na_base_pair.j_label_seq_id 
_ndb_struct_na_base_pair.j_symmetry 
_ndb_struct_na_base_pair.shear 
_ndb_struct_na_base_pair.stretch 
_ndb_struct_na_base_pair.stagger 
_ndb_struct_na_base_pair.buckle 
_ndb_struct_na_base_pair.propeller 
_ndb_struct_na_base_pair.opening 
_ndb_struct_na_base_pair.pair_number 
_ndb_struct_na_base_pair.pair_name 
_ndb_struct_na_base_pair.i_auth_asym_id 
_ndb_struct_na_base_pair.i_auth_seq_id 
_ndb_struct_na_base_pair.i_PDB_ins_code 
_ndb_struct_na_base_pair.j_auth_asym_id 
_ndb_struct_na_base_pair.j_auth_seq_id 
_ndb_struct_na_base_pair.j_PDB_ins_code 
_ndb_struct_na_base_pair.hbond_type_28 
_ndb_struct_na_base_pair.hbond_type_12 
1 A DG 2  1_555 B DC 11 1_555 -0.176 -0.171 -0.101 -9.099  0.490   -4.476 1 A_DG2:DC11_B A 2  ? B 11 ? 19 1 
1 A DC 3  1_555 B DG 10 1_555 0.189  -0.158 0.247  -2.004  -0.704  -0.267 2 A_DC3:DG10_B A 3  ? B 10 ? 19 1 
1 A DG 4  1_555 B DC 9  1_555 -0.169 -0.139 0.079  12.081  -12.432 -0.348 3 A_DG4:DC9_B  A 4  ? B 9  ? 19 1 
1 A DA 6  1_555 B DT 7  1_555 0.022  -0.131 0.038  1.804   -17.717 4.092  4 A_DA6:DT7_B  A 6  ? B 7  ? 20 1 
1 A DT 7  1_555 B DA 6  1_555 0.043  -0.096 0.029  -1.134  -18.342 5.008  5 A_DT7:DA6_B  A 7  ? B 6  ? 20 1 
1 A DC 9  1_555 B DG 4  1_555 0.135  -0.198 0.068  -12.564 -12.906 -1.720 6 A_DC9:DG4_B  A 9  ? B 4  ? 19 1 
1 A DG 10 1_555 B DC 3  1_555 -0.183 -0.158 0.332  3.282   -1.114  0.344  7 A_DG10:DC3_B A 10 ? B 3  ? 19 1 
1 A DC 11 1_555 B DG 2  1_555 0.245  -0.140 -0.026 8.350   0.285   -3.292 8 A_DC11:DG2_B A 11 ? B 2  ? 19 1 
# 
loop_
_ndb_struct_na_base_pair_step.model_number 
_ndb_struct_na_base_pair_step.i_label_asym_id_1 
_ndb_struct_na_base_pair_step.i_label_comp_id_1 
_ndb_struct_na_base_pair_step.i_label_seq_id_1 
_ndb_struct_na_base_pair_step.i_symmetry_1 
_ndb_struct_na_base_pair_step.j_label_asym_id_1 
_ndb_struct_na_base_pair_step.j_label_comp_id_1 
_ndb_struct_na_base_pair_step.j_label_seq_id_1 
_ndb_struct_na_base_pair_step.j_symmetry_1 
_ndb_struct_na_base_pair_step.i_label_asym_id_2 
_ndb_struct_na_base_pair_step.i_label_comp_id_2 
_ndb_struct_na_base_pair_step.i_label_seq_id_2 
_ndb_struct_na_base_pair_step.i_symmetry_2 
_ndb_struct_na_base_pair_step.j_label_asym_id_2 
_ndb_struct_na_base_pair_step.j_label_comp_id_2 
_ndb_struct_na_base_pair_step.j_label_seq_id_2 
_ndb_struct_na_base_pair_step.j_symmetry_2 
_ndb_struct_na_base_pair_step.shift 
_ndb_struct_na_base_pair_step.slide 
_ndb_struct_na_base_pair_step.rise 
_ndb_struct_na_base_pair_step.tilt 
_ndb_struct_na_base_pair_step.roll 
_ndb_struct_na_base_pair_step.twist 
_ndb_struct_na_base_pair_step.x_displacement 
_ndb_struct_na_base_pair_step.y_displacement 
_ndb_struct_na_base_pair_step.helical_rise 
_ndb_struct_na_base_pair_step.inclination 
_ndb_struct_na_base_pair_step.tip 
_ndb_struct_na_base_pair_step.helical_twist 
_ndb_struct_na_base_pair_step.step_number 
_ndb_struct_na_base_pair_step.step_name 
_ndb_struct_na_base_pair_step.i_auth_asym_id_1 
_ndb_struct_na_base_pair_step.i_auth_seq_id_1 
_ndb_struct_na_base_pair_step.i_PDB_ins_code_1 
_ndb_struct_na_base_pair_step.j_auth_asym_id_1 
_ndb_struct_na_base_pair_step.j_auth_seq_id_1 
_ndb_struct_na_base_pair_step.j_PDB_ins_code_1 
_ndb_struct_na_base_pair_step.i_auth_asym_id_2 
_ndb_struct_na_base_pair_step.i_auth_seq_id_2 
_ndb_struct_na_base_pair_step.i_PDB_ins_code_2 
_ndb_struct_na_base_pair_step.j_auth_asym_id_2 
_ndb_struct_na_base_pair_step.j_auth_seq_id_2 
_ndb_struct_na_base_pair_step.j_PDB_ins_code_2 
1 A DG 2  1_555 B DC 11 1_555 A DC 3  1_555 B DG 10 1_555 0.844  0.523  3.231 -1.772 -5.694 37.072 1.535  -1.536 3.078 -8.885 
2.765  37.531 1 AA_DG2DC3:DG10DC11_BB A 2  ? B 11 ? A 3  ? B 10 ? 
1 A DC 3  1_555 B DG 10 1_555 A DG 4  1_555 B DC 9  1_555 -0.192 0.573  2.996 2.654  4.883  26.770 0.086  1.019  3.018 10.404 
-5.654 27.331 2 AA_DC3DG4:DC9DG10_BB  A 3  ? B 10 ? A 4  ? B 9  ? 
1 A DG 4  1_555 B DC 9  1_555 A DA 6  1_555 B DT 7  1_555 0.158  -0.827 6.670 3.057  -0.283 76.400 -0.651 0.055  6.674 -0.229 
-2.471 76.452 3 AA_DG4DA6:DT7DC9_BB   A 4  ? B 9  ? A 6  ? B 7  ? 
1 A DA 6  1_555 B DT 7  1_555 A DT 7  1_555 B DA 6  1_555 0.014  -0.592 3.313 0.163  -3.330 34.393 -0.471 0.003  3.353 -5.615 
-0.276 34.550 4 AA_DA6DT7:DA6DT7_BB   A 6  ? B 7  ? A 7  ? B 6  ? 
1 A DT 7  1_555 B DA 6  1_555 A DC 9  1_555 B DG 4  1_555 -0.161 -0.860 6.715 -2.722 -0.238 75.813 -0.685 -0.036 6.719 -0.194 
2.215  75.855 5 AA_DT7DC9:DG4DA6_BB   A 7  ? B 6  ? A 9  ? B 4  ? 
1 A DC 9  1_555 B DG 4  1_555 A DG 10 1_555 B DC 3  1_555 0.259  0.546  2.941 -2.829 4.779  26.368 0.058  -1.214 2.949 10.330 
6.117  26.937 6 AA_DC9DG10:DC3DG4_BB  A 9  ? B 4  ? A 10 ? B 3  ? 
1 A DG 10 1_555 B DC 3  1_555 A DC 11 1_555 B DG 2  1_555 -0.795 0.526  3.304 1.754  -6.347 38.370 1.555  1.406  3.143 -9.571 
-2.645 38.910 7 AA_DG10DC11:DG2DC3_BB A 10 ? B 3  ? A 11 ? B 2  ? 
# 
loop_
_pdbx_entity_nonpoly.entity_id 
_pdbx_entity_nonpoly.name 
_pdbx_entity_nonpoly.comp_id 
2 'ZINC ION' ZN  
3 SPERMINE   SPM 
4 water      HOH 
# 
_pdbx_initial_refinement_model.id               1 
_pdbx_initial_refinement_model.entity_id_list   ? 
_pdbx_initial_refinement_model.type             'experimental model' 
_pdbx_initial_refinement_model.source_name      PDB 
_pdbx_initial_refinement_model.accession_code   1EHV 
_pdbx_initial_refinement_model.details          'PDB ENTRY 1EHV' 
# 
